data_8CAV
#
_entry.id   8CAV
#
_cell.length_a   84.370
_cell.length_b   116.130
_cell.length_c   97.410
_cell.angle_alpha   90.00
_cell.angle_beta   106.25
_cell.angle_gamma   90.00
#
_symmetry.space_group_name_H-M   'P 1 21 1'
#
loop_
_entity.id
_entity.type
_entity.pdbx_description
1 polymer 'Serine/threonine protein kinase'
2 polymer CuvA
3 non-polymer (4S)-2-METHYL-2,4-PENTANEDIOL
4 non-polymer 'PHOSPHOAMINOPHOSPHONIC ACID-ADENYLATE ESTER'
5 non-polymer 'MAGNESIUM ION'
6 water water
#
loop_
_entity_poly.entity_id
_entity_poly.type
_entity_poly.pdbx_seq_one_letter_code
_entity_poly.pdbx_strand_id
1 'polypeptide(L)'
;MSHAPATPTEQELRAELTGPVTGAGRQIHARGVWLAVDDPAFHLPRQGWKIHLSARPATLQETIRRMLPAVLAVPCHFKV
VRSGRHLQDLNSANNHPGSIGKAVTIYPSPEDVAPLARRLAEDLAGMAGPRICSDRRVRPDAPVYYRYGPFHPCYDINDD
GDLELVVTDPQGNTHPGAADDSFWQPHWSPDPLTGATPHPAPSDGPAAPVLLGGRYRVVRGLTRNGKGCVYRAIDTTDNR
PVIIKEARAHVNEDTLGRDSRLRLRNERYVLHLLRDLDDVPKVIDHFRHEDREYLAITDLGALALGQDVAENGLYVADPA
PPGRSLRALATALLELLDHVHRRGVLVRDLTPTNVVLDDATGRPRLVDFEISHAEDPQLYGWTPGYSPPEQERDEPATVE
ADYYSLGATLFYAATGLPPTWMTGDPGNHDPRRAAEVLAGRGGMSGTILGLLDPDPARRRAAADDIRAGRFTDAPPPPPP
SARQRARRLAAAIAHSLTELSRHAADLMSGKDFTGGLVGSPINLYRGAAGMGMELLRHDEPSRALARGLAYWTGGFRALR
NGRPGLYTGDTGIAVFIAEAGATLGDETLLKIAEPLARPVLSRITATDQHTGLAGIGTGQLLLWRLTKDAGRLELADACA
RRLLARDLTAELQENPPDYADCGAVSRTLGFAHGLAGIVHFLRDHHAATGETATEAALHKGCDTLLEHLPPLLEAARAVS
AKPMHASFCQGLAGIGAALARTGRDLGADDHLQAAREAAAACLELAPRMYALTQCCGLAGIGELFLDLCQITGDRTYAQW
ADRIADLILARAGGSPEAPVFPDTSLHGSSGGWSIGTSGVVSFLRRLGDPAAPRLWLDPPAGTAR
;
A,B
2 'polypeptide(L)' MSALLEPRDAGATNLDALAAIKWEAPAHQAGTCTVCHWGYTILCDDFSTRS D,G
#
# COMPACT_ATOMS: atom_id res chain seq x y z
N ALA A 6 14.66 40.00 -6.05
CA ALA A 6 14.96 39.78 -4.64
C ALA A 6 15.51 38.38 -4.43
N THR A 7 14.82 37.37 -4.96
CA THR A 7 15.17 35.97 -4.77
C THR A 7 15.31 35.67 -3.27
N PRO A 8 14.27 35.92 -2.48
CA PRO A 8 14.38 35.74 -1.03
C PRO A 8 14.52 34.28 -0.63
N THR A 9 14.96 34.08 0.62
CA THR A 9 15.12 32.76 1.20
C THR A 9 13.96 32.45 2.14
N GLU A 10 13.98 31.23 2.68
CA GLU A 10 12.96 30.78 3.61
C GLU A 10 12.72 31.78 4.74
N GLN A 11 13.74 32.56 5.11
CA GLN A 11 13.64 33.40 6.30
C GLN A 11 12.65 34.54 6.10
N GLU A 12 12.75 35.25 4.97
CA GLU A 12 11.86 36.39 4.74
C GLU A 12 10.41 35.94 4.63
N LEU A 13 10.17 34.90 3.83
CA LEU A 13 8.81 34.36 3.70
C LEU A 13 8.29 33.89 5.05
N ARG A 14 9.15 33.22 5.82
CA ARG A 14 8.75 32.76 7.15
C ARG A 14 8.34 33.92 8.03
N ALA A 15 9.07 35.05 7.98
CA ALA A 15 8.72 36.20 8.80
C ALA A 15 7.36 36.76 8.40
N GLU A 16 7.21 37.06 7.11
CA GLU A 16 5.95 37.63 6.61
C GLU A 16 4.79 36.72 6.93
N LEU A 17 5.01 35.40 6.93
CA LEU A 17 3.96 34.47 7.33
C LEU A 17 3.71 34.52 8.83
N THR A 18 4.77 34.36 9.63
CA THR A 18 4.65 34.25 11.07
C THR A 18 3.87 35.43 11.66
N GLY A 19 3.90 36.57 10.97
CA GLY A 19 3.03 37.67 11.36
C GLY A 19 1.58 37.24 11.54
N PRO A 20 0.72 37.53 10.55
CA PRO A 20 -0.72 37.22 10.68
C PRO A 20 -1.07 35.77 11.04
N VAL A 21 -0.17 34.84 10.70
CA VAL A 21 -0.48 33.41 10.85
C VAL A 21 -0.97 33.11 12.25
N THR A 22 -0.23 33.60 13.25
CA THR A 22 -0.67 33.48 14.63
C THR A 22 -1.82 34.42 14.94
N GLY A 23 -2.07 35.41 14.07
CA GLY A 23 -3.25 36.22 14.21
C GLY A 23 -4.51 35.39 14.17
N ALA A 24 -4.54 34.38 13.31
CA ALA A 24 -5.62 33.40 13.35
C ALA A 24 -5.20 32.06 13.93
N GLY A 25 -3.95 31.93 14.39
CA GLY A 25 -3.54 30.76 15.16
C GLY A 25 -3.34 29.48 14.39
N ARG A 26 -2.87 29.57 13.14
CA ARG A 26 -2.69 28.40 12.28
C ARG A 26 -1.20 28.07 12.18
N GLN A 27 -0.77 27.09 12.96
CA GLN A 27 0.66 26.80 13.09
C GLN A 27 1.24 26.31 11.77
N ILE A 28 2.52 26.64 11.55
CA ILE A 28 3.15 26.50 10.24
C ILE A 28 4.34 25.54 10.33
N HIS A 29 4.71 25.02 9.16
CA HIS A 29 5.87 24.14 9.06
C HIS A 29 6.19 23.91 7.59
N ALA A 30 7.41 23.49 7.30
CA ALA A 30 7.84 23.27 5.93
C ALA A 30 8.30 21.83 5.70
N ARG A 31 7.95 21.32 4.52
CA ARG A 31 8.38 20.00 4.06
C ARG A 31 8.75 20.08 2.59
N GLY A 32 9.77 19.33 2.19
CA GLY A 32 10.16 19.30 0.80
C GLY A 32 10.50 20.67 0.26
N VAL A 33 9.51 21.39 -0.27
CA VAL A 33 9.73 22.72 -0.82
C VAL A 33 8.66 23.71 -0.36
N TRP A 34 7.79 23.28 0.54
CA TRP A 34 6.62 24.06 0.91
C TRP A 34 6.68 24.48 2.38
N LEU A 35 6.01 25.60 2.65
CA LEU A 35 5.79 26.19 3.97
C LEU A 35 4.28 26.33 4.10
N ALA A 36 3.68 25.48 4.94
CA ALA A 36 2.22 25.33 4.97
C ALA A 36 1.66 25.71 6.33
N VAL A 37 0.45 26.27 6.28
CA VAL A 37 -0.32 26.67 7.45
C VAL A 37 -1.66 25.92 7.42
N ASP A 38 -2.08 25.47 8.60
CA ASP A 38 -3.22 24.57 8.76
C ASP A 38 -4.19 25.15 9.78
N ASP A 39 -5.41 25.40 9.34
CA ASP A 39 -6.48 25.82 10.25
C ASP A 39 -6.96 24.62 11.06
N PRO A 40 -7.11 24.75 12.39
CA PRO A 40 -7.63 23.61 13.16
C PRO A 40 -9.10 23.33 12.90
N ALA A 41 -9.87 24.36 12.57
CA ALA A 41 -11.30 24.19 12.30
C ALA A 41 -11.58 23.70 10.89
N PHE A 42 -10.55 23.63 10.04
CA PHE A 42 -10.70 23.18 8.66
C PHE A 42 -10.13 21.78 8.53
N HIS A 43 -10.99 20.83 8.15
CA HIS A 43 -10.56 19.45 7.88
CA HIS A 43 -10.56 19.45 7.88
C HIS A 43 -10.30 19.33 6.39
N LEU A 44 -9.04 19.12 6.03
CA LEU A 44 -8.62 19.12 4.63
C LEU A 44 -9.10 17.87 3.91
N PRO A 45 -9.98 17.99 2.91
CA PRO A 45 -10.46 16.79 2.22
C PRO A 45 -9.39 16.14 1.34
N ARG A 46 -9.74 15.04 0.67
CA ARG A 46 -8.77 14.28 -0.09
C ARG A 46 -8.61 14.75 -1.52
N GLN A 47 -9.59 15.46 -2.06
CA GLN A 47 -9.50 16.04 -3.40
C GLN A 47 -10.53 17.15 -3.49
N GLY A 48 -10.39 17.98 -4.53
CA GLY A 48 -11.36 19.04 -4.73
C GLY A 48 -10.82 20.10 -5.67
N TRP A 49 -11.43 21.27 -5.60
CA TRP A 49 -10.98 22.43 -6.36
C TRP A 49 -9.99 23.22 -5.51
N LYS A 50 -8.78 23.38 -6.03
CA LYS A 50 -7.70 24.12 -5.38
C LYS A 50 -7.42 25.40 -6.15
N ILE A 51 -6.77 26.34 -5.47
CA ILE A 51 -6.47 27.65 -6.02
C ILE A 51 -4.96 27.80 -6.09
N HIS A 52 -4.45 28.11 -7.27
CA HIS A 52 -3.04 28.39 -7.46
C HIS A 52 -2.83 29.88 -7.70
N LEU A 53 -1.96 30.47 -6.90
CA LEU A 53 -1.49 31.83 -7.13
C LEU A 53 -0.11 31.75 -7.76
N SER A 54 0.05 32.40 -8.90
CA SER A 54 1.33 32.53 -9.58
C SER A 54 2.01 33.82 -9.14
N ALA A 55 3.33 33.81 -9.21
CA ALA A 55 4.13 34.93 -8.73
C ALA A 55 5.59 34.64 -9.07
N ARG A 56 6.46 35.56 -8.69
CA ARG A 56 7.89 35.32 -8.79
C ARG A 56 8.59 36.04 -7.63
N PRO A 57 9.68 35.45 -7.12
CA PRO A 57 10.44 36.04 -6.00
C PRO A 57 10.01 37.37 -5.39
N ALA A 58 10.37 38.51 -5.98
CA ALA A 58 9.95 39.78 -5.39
C ALA A 58 8.42 39.86 -5.34
N THR A 59 7.78 39.53 -6.46
CA THR A 59 6.34 39.38 -6.44
C THR A 59 5.90 38.29 -5.48
N LEU A 60 6.79 37.38 -5.08
CA LEU A 60 6.41 36.36 -4.12
C LEU A 60 6.25 36.95 -2.73
N GLN A 61 7.24 37.72 -2.27
CA GLN A 61 7.07 38.41 -0.98
C GLN A 61 5.84 39.31 -1.00
N GLU A 62 5.73 40.14 -2.04
CA GLU A 62 4.57 41.02 -2.13
C GLU A 62 3.28 40.24 -2.25
N THR A 63 3.33 39.05 -2.86
CA THR A 63 2.16 38.20 -3.02
C THR A 63 1.70 37.64 -1.68
N ILE A 64 2.64 37.09 -0.91
CA ILE A 64 2.30 36.64 0.43
C ILE A 64 1.54 37.73 1.14
N ARG A 65 2.12 38.93 1.19
CA ARG A 65 1.45 40.03 1.90
C ARG A 65 0.06 40.28 1.33
N ARG A 66 -0.05 40.44 0.00
CA ARG A 66 -1.33 40.78 -0.61
C ARG A 66 -2.39 39.73 -0.33
N MET A 67 -2.01 38.45 -0.27
CA MET A 67 -3.00 37.39 -0.20
C MET A 67 -3.48 37.15 1.23
N LEU A 68 -2.62 37.34 2.23
CA LEU A 68 -3.02 37.04 3.61
C LEU A 68 -4.41 37.57 3.95
N PRO A 69 -4.73 38.86 3.66
CA PRO A 69 -6.08 39.37 3.98
C PRO A 69 -7.21 38.41 3.61
N ALA A 70 -7.23 37.96 2.35
CA ALA A 70 -8.33 37.12 1.90
C ALA A 70 -8.25 35.72 2.52
N VAL A 71 -7.07 35.10 2.51
CA VAL A 71 -6.99 33.69 2.91
C VAL A 71 -7.39 33.54 4.37
N LEU A 72 -6.94 34.44 5.24
CA LEU A 72 -7.27 34.26 6.65
C LEU A 72 -8.71 34.67 6.97
N ALA A 73 -9.46 35.16 5.98
CA ALA A 73 -10.86 35.51 6.17
C ALA A 73 -11.78 34.29 6.14
N VAL A 74 -11.24 33.10 5.92
CA VAL A 74 -12.07 31.90 5.74
C VAL A 74 -11.39 30.70 6.39
N PRO A 75 -12.08 29.58 6.56
CA PRO A 75 -11.43 28.35 7.05
C PRO A 75 -10.81 27.59 5.87
N CYS A 76 -9.50 27.41 5.91
CA CYS A 76 -8.82 26.75 4.79
C CYS A 76 -7.38 26.45 5.18
N HIS A 77 -6.71 25.67 4.32
CA HIS A 77 -5.33 25.26 4.51
C HIS A 77 -4.54 25.73 3.30
N PHE A 78 -3.24 26.00 3.47
CA PHE A 78 -2.51 26.34 2.25
C PHE A 78 -1.00 26.17 2.41
N LYS A 79 -0.33 26.09 1.24
CA LYS A 79 1.10 25.85 1.12
C LYS A 79 1.74 26.96 0.27
N VAL A 80 2.96 27.35 0.64
CA VAL A 80 3.73 28.42 0.01
C VAL A 80 5.10 27.89 -0.37
N VAL A 81 5.73 28.46 -1.41
CA VAL A 81 7.02 27.97 -1.85
C VAL A 81 8.10 28.35 -0.83
N ARG A 82 9.14 27.50 -0.73
CA ARG A 82 10.15 27.67 0.31
C ARG A 82 10.97 28.94 0.11
N SER A 83 11.32 29.27 -1.13
CA SER A 83 12.21 30.39 -1.40
C SER A 83 12.11 30.80 -2.86
N GLY A 84 12.67 31.97 -3.16
CA GLY A 84 12.75 32.45 -4.52
C GLY A 84 13.73 31.68 -5.39
N ARG A 85 14.76 31.09 -4.77
CA ARG A 85 15.60 30.12 -5.49
C ARG A 85 14.81 28.86 -5.80
N HIS A 86 14.01 28.41 -4.83
CA HIS A 86 13.11 27.29 -5.05
C HIS A 86 12.09 27.62 -6.13
N LEU A 87 11.49 28.81 -6.06
CA LEU A 87 10.55 29.24 -7.08
C LEU A 87 11.24 29.46 -8.42
N GLN A 88 12.55 29.70 -8.41
CA GLN A 88 13.29 29.83 -9.66
C GLN A 88 13.40 28.47 -10.35
N ASP A 89 13.87 27.46 -9.62
CA ASP A 89 13.88 26.11 -10.21
C ASP A 89 12.47 25.70 -10.61
N LEU A 90 11.48 26.00 -9.77
CA LEU A 90 10.11 25.59 -10.05
C LEU A 90 9.53 26.33 -11.24
N ASN A 91 10.02 27.54 -11.53
CA ASN A 91 9.61 28.29 -12.70
C ASN A 91 10.50 28.05 -13.91
N SER A 92 11.51 27.18 -13.78
CA SER A 92 12.33 26.80 -14.91
C SER A 92 11.65 25.68 -15.69
N ALA A 93 11.75 25.75 -17.01
CA ALA A 93 11.25 24.67 -17.84
C ALA A 93 12.00 23.37 -17.59
N ASN A 94 13.20 23.45 -17.03
CA ASN A 94 14.13 22.33 -17.12
C ASN A 94 13.57 21.07 -16.48
N ASN A 95 13.01 21.16 -15.27
CA ASN A 95 12.54 19.97 -14.60
C ASN A 95 11.08 19.68 -14.92
N HIS A 96 10.15 20.33 -14.21
CA HIS A 96 8.73 20.02 -14.35
C HIS A 96 8.04 21.12 -15.15
N PRO A 97 7.58 20.86 -16.37
CA PRO A 97 7.06 21.95 -17.20
C PRO A 97 5.68 22.41 -16.81
N GLY A 98 4.88 21.55 -16.15
CA GLY A 98 3.51 21.87 -15.83
C GLY A 98 3.30 22.47 -14.46
N SER A 99 4.31 22.42 -13.60
CA SER A 99 4.21 22.93 -12.24
C SER A 99 4.97 24.23 -12.06
N ILE A 100 5.06 25.02 -13.14
CA ILE A 100 5.71 26.33 -13.11
C ILE A 100 4.65 27.39 -12.85
N GLY A 101 4.91 28.25 -11.87
CA GLY A 101 3.97 29.27 -11.49
C GLY A 101 3.01 28.87 -10.38
N LYS A 102 2.95 27.59 -10.02
CA LYS A 102 2.10 27.15 -8.92
C LYS A 102 2.72 27.57 -7.60
N ALA A 103 3.00 28.87 -7.45
CA ALA A 103 3.78 29.35 -6.31
C ALA A 103 3.07 29.08 -5.00
N VAL A 104 1.77 29.38 -4.93
CA VAL A 104 0.98 29.18 -3.71
C VAL A 104 -0.20 28.31 -4.04
N THR A 105 -0.47 27.31 -3.20
CA THR A 105 -1.65 26.47 -3.36
C THR A 105 -2.55 26.63 -2.13
N ILE A 106 -3.85 26.75 -2.39
CA ILE A 106 -4.85 27.08 -1.38
C ILE A 106 -5.96 26.05 -1.49
N TYR A 107 -6.21 25.33 -0.40
CA TYR A 107 -7.29 24.35 -0.36
C TYR A 107 -8.36 24.81 0.62
N PRO A 108 -9.49 25.32 0.14
CA PRO A 108 -10.64 25.58 1.03
C PRO A 108 -11.82 24.67 0.77
N SER A 109 -12.97 24.99 1.40
CA SER A 109 -14.18 24.19 1.29
C SER A 109 -14.92 24.51 -0.01
N PRO A 110 -15.58 23.50 -0.63
CA PRO A 110 -16.15 23.70 -1.97
C PRO A 110 -16.92 25.01 -2.18
N GLU A 111 -17.94 25.29 -1.36
CA GLU A 111 -18.64 26.57 -1.52
C GLU A 111 -17.66 27.73 -1.40
N ASP A 112 -16.77 27.69 -0.41
CA ASP A 112 -15.89 28.80 -0.14
C ASP A 112 -15.02 29.16 -1.34
N VAL A 113 -14.72 28.19 -2.20
CA VAL A 113 -13.81 28.42 -3.32
C VAL A 113 -14.34 29.54 -4.21
N ALA A 114 -15.54 29.35 -4.74
CA ALA A 114 -16.16 30.27 -5.70
C ALA A 114 -15.93 31.73 -5.35
N PRO A 115 -16.35 32.20 -4.16
CA PRO A 115 -16.09 33.61 -3.82
C PRO A 115 -14.63 33.92 -3.55
N LEU A 116 -13.99 33.11 -2.70
CA LEU A 116 -12.59 33.34 -2.33
C LEU A 116 -11.74 33.62 -3.57
N ALA A 117 -11.94 32.86 -4.64
CA ALA A 117 -11.15 33.08 -5.86
C ALA A 117 -11.35 34.49 -6.38
N ARG A 118 -12.61 34.94 -6.45
CA ARG A 118 -12.91 36.28 -6.96
C ARG A 118 -12.31 37.36 -6.08
N ARG A 119 -12.42 37.20 -4.75
CA ARG A 119 -11.86 38.20 -3.84
C ARG A 119 -10.35 38.26 -3.98
N LEU A 120 -9.68 37.10 -3.97
CA LEU A 120 -8.24 37.08 -4.17
C LEU A 120 -7.85 37.72 -5.49
N ALA A 121 -8.65 37.50 -6.53
CA ALA A 121 -8.37 38.13 -7.83
C ALA A 121 -8.37 39.65 -7.68
N GLU A 122 -9.48 40.22 -7.22
CA GLU A 122 -9.56 41.67 -7.15
C GLU A 122 -8.49 42.26 -6.23
N ASP A 123 -8.11 41.54 -5.17
CA ASP A 123 -7.09 42.06 -4.26
C ASP A 123 -5.67 41.80 -4.73
N LEU A 124 -5.48 40.92 -5.71
CA LEU A 124 -4.20 40.71 -6.36
C LEU A 124 -4.18 41.27 -7.78
N ALA A 125 -5.25 41.96 -8.18
CA ALA A 125 -5.35 42.56 -9.51
C ALA A 125 -4.14 43.44 -9.78
N GLY A 126 -3.40 43.12 -10.84
CA GLY A 126 -2.22 43.85 -11.23
C GLY A 126 -0.91 43.20 -10.83
N MET A 127 -0.95 42.22 -9.92
CA MET A 127 0.24 41.42 -9.62
C MET A 127 0.56 40.53 -10.81
N ALA A 128 1.84 40.35 -11.10
CA ALA A 128 2.28 39.67 -12.30
C ALA A 128 3.06 38.41 -11.99
N GLY A 129 2.93 37.42 -12.88
CA GLY A 129 3.59 36.15 -12.77
C GLY A 129 3.33 35.34 -14.03
N PRO A 130 3.89 34.13 -14.14
CA PRO A 130 3.67 33.33 -15.35
C PRO A 130 2.21 33.00 -15.56
N ARG A 131 1.90 32.28 -16.63
CA ARG A 131 0.60 31.68 -16.83
C ARG A 131 0.66 30.21 -16.45
N ILE A 132 -0.37 29.73 -15.76
CA ILE A 132 -0.46 28.35 -15.33
C ILE A 132 -1.28 27.62 -16.38
N CYS A 133 -0.60 26.88 -17.26
CA CYS A 133 -1.30 26.18 -18.34
C CYS A 133 -2.22 25.09 -17.84
N SER A 134 -1.97 24.55 -16.64
CA SER A 134 -2.75 23.43 -16.13
C SER A 134 -4.08 23.86 -15.52
N ASP A 135 -4.31 25.16 -15.34
CA ASP A 135 -5.49 25.65 -14.65
C ASP A 135 -6.31 26.56 -15.55
N ARG A 136 -7.58 26.72 -15.18
CA ARG A 136 -8.37 27.86 -15.63
C ARG A 136 -8.00 29.08 -14.78
N ARG A 137 -8.20 30.26 -15.34
CA ARG A 137 -7.89 31.50 -14.66
C ARG A 137 -9.14 32.32 -14.44
N VAL A 138 -9.18 33.02 -13.31
CA VAL A 138 -10.22 34.01 -13.03
C VAL A 138 -9.63 35.37 -13.37
N ARG A 139 -10.11 35.97 -14.46
CA ARG A 139 -9.76 37.32 -14.90
C ARG A 139 -8.38 37.36 -15.53
N PRO A 140 -8.19 38.14 -16.60
CA PRO A 140 -6.86 38.30 -17.20
C PRO A 140 -6.05 39.46 -16.64
N ASP A 141 -6.48 40.09 -15.54
CA ASP A 141 -5.71 41.15 -14.90
C ASP A 141 -5.00 40.67 -13.65
N ALA A 142 -5.31 39.47 -13.16
CA ALA A 142 -4.85 38.98 -11.88
C ALA A 142 -4.15 37.64 -12.06
N PRO A 143 -3.27 37.27 -11.12
CA PRO A 143 -2.50 36.03 -11.27
C PRO A 143 -3.13 34.85 -10.53
N VAL A 144 -4.45 34.73 -10.62
CA VAL A 144 -5.20 33.77 -9.82
C VAL A 144 -5.77 32.70 -10.75
N TYR A 145 -5.57 31.44 -10.40
CA TYR A 145 -6.05 30.32 -11.20
C TYR A 145 -6.61 29.26 -10.25
N TYR A 146 -7.30 28.29 -10.83
CA TYR A 146 -7.94 27.25 -10.04
C TYR A 146 -8.02 25.97 -10.86
N ARG A 147 -8.03 24.85 -10.16
CA ARG A 147 -8.01 23.53 -10.81
C ARG A 147 -8.83 22.57 -9.97
N TYR A 148 -9.14 21.41 -10.56
CA TYR A 148 -9.62 20.27 -9.80
C TYR A 148 -8.51 19.23 -9.76
N GLY A 149 -8.20 18.78 -8.55
CA GLY A 149 -7.14 17.82 -8.37
C GLY A 149 -7.14 17.25 -6.97
N PRO A 150 -6.26 16.28 -6.73
CA PRO A 150 -6.14 15.72 -5.38
C PRO A 150 -5.48 16.70 -4.44
N PHE A 151 -5.83 16.60 -3.17
CA PHE A 151 -5.13 17.32 -2.12
C PHE A 151 -4.19 16.42 -1.32
N HIS A 152 -4.50 15.13 -1.24
CA HIS A 152 -3.62 14.11 -0.69
C HIS A 152 -3.00 13.31 -1.82
N PRO A 153 -1.72 12.93 -1.71
CA PRO A 153 -1.09 12.17 -2.80
C PRO A 153 -1.51 10.69 -2.85
N CYS A 154 -2.63 10.44 -3.51
CA CYS A 154 -3.10 9.08 -3.72
C CYS A 154 -2.65 8.57 -5.09
N TYR A 155 -2.20 7.32 -5.14
CA TYR A 155 -1.70 6.71 -6.36
C TYR A 155 -2.49 5.45 -6.69
N ASP A 156 -2.78 5.28 -7.98
CA ASP A 156 -3.31 4.02 -8.53
C ASP A 156 -2.39 3.55 -9.64
N ILE A 157 -2.44 2.26 -9.94
CA ILE A 157 -1.51 1.65 -10.89
C ILE A 157 -2.11 1.68 -12.28
N ASN A 158 -1.26 1.92 -13.28
CA ASN A 158 -1.66 1.97 -14.67
C ASN A 158 -1.32 0.65 -15.37
N ASP A 159 -1.75 0.55 -16.63
CA ASP A 159 -1.45 -0.63 -17.43
C ASP A 159 0.05 -0.79 -17.69
N ASP A 160 0.85 0.25 -17.45
CA ASP A 160 2.30 0.11 -17.53
C ASP A 160 2.89 -0.53 -16.28
N GLY A 161 2.18 -0.53 -15.16
CA GLY A 161 2.73 -0.93 -13.90
C GLY A 161 3.26 0.19 -13.04
N ASP A 162 3.25 1.42 -13.55
CA ASP A 162 3.72 2.58 -12.80
C ASP A 162 2.57 3.20 -12.00
N LEU A 163 2.95 3.99 -10.99
CA LEU A 163 2.01 4.53 -10.02
C LEU A 163 1.67 5.97 -10.38
N GLU A 164 0.38 6.29 -10.40
CA GLU A 164 -0.11 7.57 -10.90
C GLU A 164 -1.01 8.27 -9.89
N LEU A 165 -0.75 9.55 -9.66
CA LEU A 165 -1.69 10.40 -8.94
C LEU A 165 -3.05 10.39 -9.63
N VAL A 166 -4.13 10.23 -8.85
CA VAL A 166 -5.48 10.13 -9.39
C VAL A 166 -6.48 10.82 -8.48
N VAL A 167 -7.61 11.21 -9.06
CA VAL A 167 -8.80 11.63 -8.32
C VAL A 167 -9.88 10.59 -8.55
N THR A 168 -10.89 10.60 -7.68
CA THR A 168 -11.89 9.54 -7.62
C THR A 168 -13.26 10.06 -8.00
N ASP A 169 -13.99 9.28 -8.80
CA ASP A 169 -15.34 9.65 -9.21
C ASP A 169 -16.36 9.09 -8.23
N PRO A 170 -17.63 9.49 -8.38
CA PRO A 170 -18.65 9.05 -7.42
C PRO A 170 -18.80 7.53 -7.29
N GLN A 171 -18.37 6.76 -8.30
CA GLN A 171 -18.40 5.31 -8.21
C GLN A 171 -17.04 4.73 -7.79
N GLY A 172 -16.17 5.56 -7.21
CA GLY A 172 -14.91 5.08 -6.70
C GLY A 172 -13.90 4.71 -7.74
N ASN A 173 -14.01 5.23 -8.95
CA ASN A 173 -13.11 4.90 -10.05
C ASN A 173 -12.00 5.95 -10.12
N THR A 174 -10.76 5.48 -10.16
CA THR A 174 -9.62 6.39 -10.21
C THR A 174 -9.54 7.07 -11.56
N HIS A 175 -9.08 8.32 -11.54
CA HIS A 175 -8.92 9.14 -12.73
C HIS A 175 -7.62 9.93 -12.60
N PRO A 176 -6.65 9.73 -13.49
CA PRO A 176 -5.45 10.58 -13.44
C PRO A 176 -5.77 12.06 -13.37
N GLY A 177 -5.96 12.59 -12.15
CA GLY A 177 -6.06 14.02 -11.96
C GLY A 177 -4.77 14.76 -12.24
N ALA A 178 -3.69 14.02 -12.49
CA ALA A 178 -2.42 14.52 -12.98
C ALA A 178 -2.47 15.84 -13.71
N ALA A 179 -1.54 16.75 -13.40
CA ALA A 179 -1.39 18.00 -14.11
C ALA A 179 -0.62 17.74 -15.41
N ASP A 180 -1.34 17.74 -16.53
CA ASP A 180 -0.78 17.43 -17.85
C ASP A 180 -0.55 18.70 -18.67
N ASP A 181 -0.23 19.81 -18.02
CA ASP A 181 -0.17 21.12 -18.68
C ASP A 181 -1.44 21.32 -19.50
N SER A 182 -2.56 20.90 -18.93
CA SER A 182 -3.88 21.04 -19.55
C SER A 182 -4.91 20.80 -18.47
N PHE A 183 -5.91 21.67 -18.41
CA PHE A 183 -6.97 21.57 -17.42
C PHE A 183 -8.15 20.78 -17.98
N TRP A 184 -8.70 19.89 -17.16
CA TRP A 184 -9.93 19.16 -17.50
C TRP A 184 -10.80 19.11 -16.27
N GLN A 185 -12.01 19.64 -16.38
CA GLN A 185 -12.93 19.55 -15.25
C GLN A 185 -13.57 18.16 -15.22
N PRO A 186 -13.88 17.65 -14.02
CA PRO A 186 -14.46 16.31 -13.92
C PRO A 186 -15.96 16.31 -14.16
N HIS A 187 -16.48 15.16 -14.59
CA HIS A 187 -17.89 15.08 -14.96
C HIS A 187 -18.80 15.23 -13.74
N TRP A 188 -18.34 14.85 -12.55
CA TRP A 188 -19.25 14.84 -11.40
C TRP A 188 -19.38 16.22 -10.75
N SER A 189 -18.25 16.90 -10.52
CA SER A 189 -18.31 18.23 -9.92
C SER A 189 -18.31 19.30 -11.00
N PRO A 190 -18.76 20.51 -10.68
CA PRO A 190 -19.04 21.49 -11.74
C PRO A 190 -17.84 22.35 -12.12
N ASP A 191 -17.60 23.41 -11.36
CA ASP A 191 -16.64 24.47 -11.65
C ASP A 191 -17.11 25.64 -10.78
N PRO A 192 -16.52 25.83 -9.60
CA PRO A 192 -17.17 26.71 -8.61
C PRO A 192 -17.43 28.12 -9.12
N LEU A 193 -16.56 28.65 -9.99
CA LEU A 193 -16.75 30.02 -10.45
C LEU A 193 -17.80 30.10 -11.57
N THR A 194 -17.82 29.13 -12.48
CA THR A 194 -18.81 29.09 -13.55
C THR A 194 -19.13 27.63 -13.89
N GLY A 195 -20.39 27.21 -13.78
CA GLY A 195 -20.72 25.84 -14.10
C GLY A 195 -20.43 25.47 -15.54
N ALA A 196 -20.05 24.21 -15.78
CA ALA A 196 -19.66 23.75 -17.12
C ALA A 196 -19.61 22.23 -17.18
N THR A 197 -19.33 21.69 -18.41
CA THR A 197 -19.29 20.26 -18.75
C THR A 197 -18.20 19.95 -19.78
N PRO A 198 -17.92 18.64 -20.11
CA PRO A 198 -16.74 18.34 -20.95
C PRO A 198 -16.93 18.16 -22.45
N HIS A 199 -17.81 17.21 -22.90
CA HIS A 199 -17.85 16.87 -24.34
C HIS A 199 -19.14 17.33 -25.00
N PRO A 200 -19.11 17.61 -26.30
CA PRO A 200 -20.27 18.23 -26.97
C PRO A 200 -21.38 17.21 -27.25
N ALA A 201 -22.47 17.73 -27.85
CA ALA A 201 -23.66 16.93 -28.06
C ALA A 201 -23.42 15.63 -28.81
N PRO A 202 -22.61 15.58 -29.86
CA PRO A 202 -22.36 14.29 -30.52
C PRO A 202 -21.51 13.37 -29.64
N SER A 203 -21.89 12.09 -29.60
CA SER A 203 -21.19 11.10 -28.78
C SER A 203 -20.80 9.93 -29.67
N ASP A 204 -19.50 9.62 -29.70
CA ASP A 204 -18.95 8.58 -30.57
C ASP A 204 -19.47 8.77 -32.01
N GLY A 205 -19.32 10.01 -32.50
CA GLY A 205 -19.62 10.37 -33.86
C GLY A 205 -18.49 11.17 -34.45
N PRO A 206 -18.55 11.49 -35.74
CA PRO A 206 -17.42 12.17 -36.41
C PRO A 206 -16.94 13.39 -35.64
N ALA A 207 -15.61 13.53 -35.56
CA ALA A 207 -14.96 14.62 -34.85
C ALA A 207 -13.86 15.23 -35.72
N ALA A 208 -13.77 16.56 -35.68
CA ALA A 208 -12.77 17.31 -36.46
C ALA A 208 -12.12 18.37 -35.58
N PRO A 209 -10.92 18.11 -35.06
CA PRO A 209 -10.27 19.11 -34.21
C PRO A 209 -10.01 20.42 -34.94
N VAL A 210 -10.16 21.53 -34.22
CA VAL A 210 -10.01 22.88 -34.78
C VAL A 210 -8.75 23.49 -34.20
N LEU A 211 -7.78 23.77 -35.07
CA LEU A 211 -6.54 24.45 -34.73
C LEU A 211 -6.24 25.45 -35.83
N LEU A 212 -5.85 26.67 -35.44
CA LEU A 212 -5.57 27.68 -36.44
C LEU A 212 -4.54 28.67 -35.91
N GLY A 213 -3.90 29.37 -36.84
CA GLY A 213 -2.90 30.36 -36.51
C GLY A 213 -3.52 31.70 -36.16
N GLY A 214 -2.64 32.66 -35.90
CA GLY A 214 -3.02 34.00 -35.47
C GLY A 214 -2.95 35.00 -36.60
N ARG A 215 -2.46 36.20 -36.28
CA ARG A 215 -2.44 37.34 -37.19
C ARG A 215 -2.22 36.97 -38.64
N TYR A 216 -1.05 36.44 -39.02
CA TYR A 216 -0.86 36.00 -40.40
C TYR A 216 0.22 34.92 -40.46
N ARG A 217 0.09 33.91 -39.58
CA ARG A 217 0.95 32.73 -39.57
C ARG A 217 0.13 31.50 -39.20
N VAL A 218 0.24 30.43 -40.01
CA VAL A 218 -0.34 29.12 -39.69
C VAL A 218 0.79 28.25 -39.14
N VAL A 219 0.48 27.31 -38.24
CA VAL A 219 1.52 26.63 -37.46
C VAL A 219 1.50 25.11 -37.71
N ARG A 220 2.54 24.43 -37.16
CA ARG A 220 2.73 22.99 -37.32
C ARG A 220 3.72 22.40 -36.30
N GLY A 221 3.40 22.45 -35.01
CA GLY A 221 4.18 21.73 -33.99
C GLY A 221 5.64 22.18 -33.89
N LEU A 222 6.53 21.21 -33.58
CA LEU A 222 7.98 21.26 -33.76
C LEU A 222 8.84 21.24 -32.48
N THR A 223 8.25 21.38 -31.29
CA THR A 223 9.07 21.30 -30.07
C THR A 223 8.23 20.82 -28.90
N ARG A 224 8.91 20.19 -27.93
CA ARG A 224 8.22 19.51 -26.83
C ARG A 224 7.62 20.50 -25.83
N ASN A 225 8.43 21.16 -25.00
CA ASN A 225 7.86 21.88 -23.87
C ASN A 225 8.78 22.99 -23.36
N GLY A 226 8.26 23.74 -22.39
CA GLY A 226 9.06 24.62 -21.55
C GLY A 226 9.00 26.10 -21.85
N LYS A 227 10.19 26.70 -22.06
CA LYS A 227 10.28 28.12 -22.37
C LYS A 227 9.27 28.53 -23.43
N GLY A 228 9.24 27.78 -24.53
CA GLY A 228 8.40 28.13 -25.66
C GLY A 228 8.28 26.99 -26.63
N CYS A 229 7.07 26.69 -27.07
CA CYS A 229 6.87 25.70 -28.13
C CYS A 229 7.11 26.41 -29.45
N VAL A 230 8.36 26.34 -29.94
CA VAL A 230 8.69 26.94 -31.22
C VAL A 230 8.06 26.10 -32.33
N TYR A 231 7.57 26.78 -33.37
CA TYR A 231 6.65 26.22 -34.35
C TYR A 231 7.18 26.44 -35.75
N ARG A 232 6.93 25.46 -36.64
CA ARG A 232 7.05 25.67 -38.08
C ARG A 232 5.74 26.25 -38.58
N ALA A 233 5.80 27.14 -39.55
CA ALA A 233 4.63 27.92 -39.90
C ALA A 233 4.65 28.32 -41.37
N ILE A 234 3.51 28.86 -41.81
CA ILE A 234 3.29 29.36 -43.15
C ILE A 234 2.87 30.82 -43.05
N ASP A 235 3.49 31.68 -43.84
CA ASP A 235 3.18 33.11 -43.85
C ASP A 235 2.07 33.36 -44.86
N THR A 236 0.87 33.68 -44.39
CA THR A 236 -0.26 33.79 -45.31
C THR A 236 -0.08 34.96 -46.27
N THR A 237 0.40 36.10 -45.79
CA THR A 237 0.71 37.24 -46.65
C THR A 237 2.12 37.06 -47.25
N ASP A 238 2.26 35.98 -48.00
CA ASP A 238 3.49 35.60 -48.70
C ASP A 238 3.44 34.11 -48.99
N ASN A 239 2.73 33.37 -48.14
CA ASN A 239 2.68 31.91 -48.24
C ASN A 239 4.09 31.30 -48.24
N ARG A 240 5.08 32.06 -47.75
CA ARG A 240 6.41 31.51 -47.48
C ARG A 240 6.36 30.67 -46.21
N PRO A 241 7.29 29.73 -46.05
CA PRO A 241 7.41 29.06 -44.75
C PRO A 241 8.23 29.92 -43.81
N VAL A 242 7.79 29.97 -42.56
CA VAL A 242 8.41 30.77 -41.52
C VAL A 242 8.62 29.86 -40.33
N ILE A 243 9.48 30.30 -39.41
CA ILE A 243 9.65 29.63 -38.13
C ILE A 243 9.28 30.66 -37.06
N ILE A 244 8.58 30.22 -36.02
CA ILE A 244 8.06 31.10 -34.98
C ILE A 244 8.57 30.60 -33.63
N LYS A 245 9.41 31.41 -32.99
CA LYS A 245 9.86 31.10 -31.63
C LYS A 245 8.91 31.71 -30.63
N GLU A 246 8.56 30.95 -29.61
CA GLU A 246 7.65 31.40 -28.55
C GLU A 246 8.43 31.61 -27.26
N ALA A 247 8.02 32.61 -26.50
CA ALA A 247 8.54 32.87 -25.16
C ALA A 247 7.35 33.12 -24.25
N ARG A 248 7.33 32.47 -23.09
CA ARG A 248 6.26 32.61 -22.13
C ARG A 248 6.74 33.49 -20.98
N ALA A 249 5.94 34.49 -20.62
CA ALA A 249 6.37 35.51 -19.69
C ALA A 249 6.78 34.92 -18.36
N HIS A 250 7.89 35.42 -17.81
CA HIS A 250 8.38 35.11 -16.48
C HIS A 250 8.82 33.67 -16.31
N VAL A 251 8.91 32.92 -17.40
CA VAL A 251 9.47 31.57 -17.37
C VAL A 251 10.97 31.67 -17.57
N ASN A 252 11.72 30.90 -16.78
CA ASN A 252 13.18 30.93 -16.81
C ASN A 252 13.71 32.30 -16.39
N GLU A 253 13.16 32.82 -15.30
CA GLU A 253 13.56 34.13 -14.82
C GLU A 253 14.91 34.06 -14.12
N ASP A 254 15.83 34.91 -14.57
CA ASP A 254 17.20 34.90 -14.08
C ASP A 254 17.28 35.52 -12.68
N THR A 255 18.45 35.39 -12.06
CA THR A 255 18.72 36.10 -10.81
C THR A 255 18.89 37.59 -11.04
N LEU A 256 18.91 38.04 -12.29
CA LEU A 256 18.86 39.46 -12.64
C LEU A 256 17.49 39.88 -13.17
N GLY A 257 16.51 38.99 -13.11
CA GLY A 257 15.19 39.30 -13.62
C GLY A 257 15.03 39.16 -15.10
N ARG A 258 15.94 38.44 -15.77
CA ARG A 258 15.86 38.22 -17.21
C ARG A 258 15.08 36.94 -17.46
N ASP A 259 13.91 37.07 -18.07
CA ASP A 259 13.06 35.92 -18.34
C ASP A 259 13.19 35.50 -19.80
N SER A 260 12.40 34.49 -20.18
CA SER A 260 12.51 33.91 -21.51
C SER A 260 12.27 34.97 -22.60
N ARG A 261 11.34 35.89 -22.37
CA ARG A 261 11.11 36.94 -23.34
C ARG A 261 12.39 37.72 -23.63
N LEU A 262 13.16 38.03 -22.58
CA LEU A 262 14.39 38.77 -22.79
C LEU A 262 15.45 37.91 -23.46
N ARG A 263 15.41 36.59 -23.26
CA ARG A 263 16.25 35.71 -24.07
C ARG A 263 15.89 35.84 -25.55
N LEU A 264 14.59 35.87 -25.85
CA LEU A 264 14.15 36.06 -27.23
C LEU A 264 14.64 37.38 -27.79
N ARG A 265 14.61 38.44 -26.97
CA ARG A 265 15.09 39.74 -27.44
C ARG A 265 16.60 39.73 -27.66
N ASN A 266 17.34 39.02 -26.81
CA ASN A 266 18.76 38.81 -27.05
C ASN A 266 18.99 38.11 -28.37
N GLU A 267 18.15 37.11 -28.67
CA GLU A 267 18.27 36.39 -29.95
C GLU A 267 18.00 37.32 -31.12
N ARG A 268 16.95 38.12 -31.03
CA ARG A 268 16.66 39.09 -32.08
C ARG A 268 17.84 40.03 -32.28
N TYR A 269 18.42 40.51 -31.19
CA TYR A 269 19.55 41.44 -31.29
C TYR A 269 20.75 40.79 -31.95
N VAL A 270 21.04 39.54 -31.57
CA VAL A 270 22.18 38.85 -32.18
C VAL A 270 21.92 38.58 -33.65
N LEU A 271 20.68 38.20 -34.00
CA LEU A 271 20.36 37.99 -35.40
C LEU A 271 20.57 39.27 -36.20
N HIS A 272 20.17 40.41 -35.64
CA HIS A 272 20.45 41.68 -36.28
C HIS A 272 21.95 41.88 -36.46
N LEU A 273 22.74 41.59 -35.42
CA LEU A 273 24.18 41.77 -35.54
C LEU A 273 24.78 40.84 -36.60
N LEU A 274 24.12 39.73 -36.92
CA LEU A 274 24.56 38.81 -37.96
C LEU A 274 23.75 38.96 -39.24
N ARG A 275 23.20 40.16 -39.48
CA ARG A 275 22.22 40.32 -40.55
C ARG A 275 22.81 40.04 -41.93
N ASP A 276 24.11 40.22 -42.12
CA ASP A 276 24.71 40.09 -43.45
C ASP A 276 25.20 38.69 -43.76
N LEU A 277 25.11 37.74 -42.82
CA LEU A 277 25.49 36.37 -43.10
C LEU A 277 24.32 35.62 -43.74
N ASP A 278 24.64 34.80 -44.75
CA ASP A 278 23.61 34.08 -45.49
C ASP A 278 23.24 32.75 -44.86
N ASP A 279 24.04 32.22 -43.93
CA ASP A 279 23.73 30.98 -43.24
C ASP A 279 23.22 31.21 -41.82
N VAL A 280 22.47 32.28 -41.61
CA VAL A 280 21.90 32.62 -40.30
C VAL A 280 20.50 33.17 -40.50
N PRO A 281 19.57 32.89 -39.60
CA PRO A 281 18.17 33.25 -39.85
C PRO A 281 17.95 34.76 -39.88
N LYS A 282 16.98 35.16 -40.70
CA LYS A 282 16.52 36.53 -40.81
C LYS A 282 15.22 36.70 -40.02
N VAL A 283 15.01 37.90 -39.47
CA VAL A 283 14.12 38.08 -38.32
C VAL A 283 12.69 38.47 -38.69
N ILE A 284 12.38 38.68 -39.97
CA ILE A 284 11.03 38.97 -40.44
C ILE A 284 10.22 39.80 -39.45
N ASP A 285 9.68 39.18 -38.39
CA ASP A 285 8.73 39.89 -37.52
C ASP A 285 8.95 39.55 -36.06
N HIS A 286 8.45 40.42 -35.17
CA HIS A 286 8.38 40.16 -33.74
C HIS A 286 7.07 40.75 -33.22
N PHE A 287 6.27 39.93 -32.55
CA PHE A 287 4.97 40.35 -32.03
C PHE A 287 4.69 39.69 -30.69
N ARG A 288 4.00 40.40 -29.79
CA ARG A 288 3.47 39.79 -28.58
C ARG A 288 1.95 39.66 -28.70
N HIS A 289 1.43 38.58 -28.12
CA HIS A 289 0.00 38.38 -27.93
C HIS A 289 -0.26 38.27 -26.43
N GLU A 290 -1.05 39.19 -25.87
CA GLU A 290 -1.37 39.12 -24.45
C GLU A 290 -0.09 38.93 -23.63
N ASP A 291 0.25 37.68 -23.27
CA ASP A 291 1.39 37.43 -22.39
C ASP A 291 2.43 36.49 -22.99
N ARG A 292 2.40 36.31 -24.32
CA ARG A 292 3.32 35.41 -25.01
C ARG A 292 4.04 36.20 -26.09
N GLU A 293 5.36 36.11 -26.11
CA GLU A 293 6.16 36.80 -27.11
C GLU A 293 6.51 35.84 -28.23
N TYR A 294 6.67 36.38 -29.43
CA TYR A 294 6.88 35.55 -30.61
C TYR A 294 7.86 36.24 -31.55
N LEU A 295 8.88 35.49 -31.96
CA LEU A 295 9.91 35.97 -32.88
C LEU A 295 9.84 35.14 -34.16
N ALA A 296 9.50 35.78 -35.26
CA ALA A 296 9.27 35.10 -36.54
C ALA A 296 10.50 35.29 -37.42
N ILE A 297 11.24 34.19 -37.62
CA ILE A 297 12.45 34.19 -38.43
C ILE A 297 12.21 33.30 -39.65
N THR A 298 13.22 33.20 -40.53
CA THR A 298 13.05 32.50 -41.79
C THR A 298 13.29 31.00 -41.65
N ASP A 299 12.65 30.24 -42.54
CA ASP A 299 12.91 28.82 -42.63
C ASP A 299 14.25 28.61 -43.34
N LEU A 300 15.11 27.82 -42.71
CA LEU A 300 16.47 27.59 -43.17
C LEU A 300 16.76 26.10 -43.25
N GLY A 301 15.93 25.38 -43.98
CA GLY A 301 16.17 23.97 -44.21
C GLY A 301 15.28 23.09 -43.34
N ALA A 302 15.09 21.86 -43.80
CA ALA A 302 14.10 20.98 -43.21
C ALA A 302 14.66 20.07 -42.11
N LEU A 303 15.98 19.86 -42.07
CA LEU A 303 16.55 18.87 -41.17
C LEU A 303 17.71 19.43 -40.37
N ALA A 304 17.67 19.19 -39.06
CA ALA A 304 18.81 19.41 -38.19
C ALA A 304 19.84 18.30 -38.39
N LEU A 305 21.03 18.50 -37.83
CA LEU A 305 22.06 17.47 -37.92
C LEU A 305 21.67 16.21 -37.16
N GLY A 306 20.96 16.35 -36.05
CA GLY A 306 20.50 15.17 -35.32
C GLY A 306 19.66 14.28 -36.20
N GLN A 307 18.55 14.85 -36.69
CA GLN A 307 17.64 14.13 -37.55
C GLN A 307 18.35 13.65 -38.82
N ASP A 308 19.22 14.50 -39.39
CA ASP A 308 19.87 14.14 -40.65
C ASP A 308 20.82 12.98 -40.47
N VAL A 309 21.56 12.93 -39.36
CA VAL A 309 22.45 11.80 -39.15
C VAL A 309 21.63 10.56 -38.82
N ALA A 310 20.48 10.73 -38.19
CA ALA A 310 19.59 9.59 -37.98
C ALA A 310 19.19 8.96 -39.31
N GLU A 311 18.55 9.76 -40.17
CA GLU A 311 17.86 9.24 -41.35
C GLU A 311 18.76 9.14 -42.58
N ASN A 312 19.95 9.73 -42.58
CA ASN A 312 20.83 9.73 -43.74
C ASN A 312 22.22 9.22 -43.42
N GLY A 313 22.40 8.53 -42.30
CA GLY A 313 23.66 7.89 -42.00
C GLY A 313 24.72 8.83 -41.45
N LEU A 314 25.92 8.28 -41.30
CA LEU A 314 27.02 8.97 -40.63
C LEU A 314 27.80 9.84 -41.60
N TYR A 315 28.71 10.64 -41.04
CA TYR A 315 29.63 11.49 -41.78
C TYR A 315 31.00 10.84 -41.68
N VAL A 316 31.54 10.40 -42.82
CA VAL A 316 32.68 9.49 -42.80
C VAL A 316 33.92 10.16 -43.36
N ALA A 317 35.02 9.40 -43.40
CA ALA A 317 36.31 9.93 -43.80
C ALA A 317 36.30 10.34 -45.27
N ASP A 318 37.25 11.22 -45.61
CA ASP A 318 37.44 11.87 -46.91
C ASP A 318 36.31 11.61 -47.92
N PRO A 319 36.23 10.43 -48.56
CA PRO A 319 35.25 10.30 -49.66
C PRO A 319 33.87 9.91 -49.15
N ALA A 320 33.41 8.67 -49.37
CA ALA A 320 32.08 8.24 -48.93
C ALA A 320 31.00 9.00 -49.68
N PRO A 321 29.71 8.74 -49.41
CA PRO A 321 28.65 9.35 -50.24
C PRO A 321 28.81 10.86 -50.31
N PRO A 322 28.26 11.50 -51.35
CA PRO A 322 28.55 12.92 -51.58
C PRO A 322 28.25 13.81 -50.37
N GLY A 323 27.10 13.64 -49.74
CA GLY A 323 26.74 14.52 -48.64
C GLY A 323 27.53 14.26 -47.37
N ARG A 324 28.04 13.04 -47.19
CA ARG A 324 28.44 12.53 -45.88
C ARG A 324 29.94 12.64 -45.62
N SER A 325 30.60 13.72 -46.01
CA SER A 325 32.02 13.88 -45.77
C SER A 325 32.22 14.70 -44.49
N LEU A 326 32.80 14.07 -43.47
CA LEU A 326 32.97 14.72 -42.18
C LEU A 326 33.88 15.94 -42.29
N ARG A 327 34.95 15.84 -43.09
CA ARG A 327 35.87 16.96 -43.22
C ARG A 327 35.19 18.15 -43.88
N ALA A 328 34.35 17.89 -44.88
CA ALA A 328 33.54 18.96 -45.45
C ALA A 328 32.69 19.63 -44.37
N LEU A 329 32.07 18.83 -43.51
CA LEU A 329 31.20 19.37 -42.47
C LEU A 329 31.98 20.24 -41.50
N ALA A 330 33.13 19.73 -41.02
CA ALA A 330 33.98 20.50 -40.12
C ALA A 330 34.37 21.82 -40.74
N THR A 331 34.85 21.79 -41.99
CA THR A 331 35.30 23.02 -42.64
C THR A 331 34.17 24.03 -42.74
N ALA A 332 32.99 23.58 -43.20
CA ALA A 332 31.86 24.51 -43.35
C ALA A 332 31.48 25.11 -42.00
N LEU A 333 31.38 24.26 -40.97
CA LEU A 333 30.99 24.75 -39.65
C LEU A 333 31.97 25.77 -39.14
N LEU A 334 33.28 25.52 -39.26
CA LEU A 334 34.23 26.47 -38.71
C LEU A 334 34.33 27.73 -39.57
N GLU A 335 34.13 27.64 -40.88
CA GLU A 335 34.00 28.85 -41.69
C GLU A 335 32.89 29.74 -41.14
N LEU A 336 31.71 29.16 -40.97
CA LEU A 336 30.57 29.91 -40.46
C LEU A 336 30.85 30.44 -39.05
N LEU A 337 31.46 29.62 -38.21
CA LEU A 337 31.78 30.02 -36.85
C LEU A 337 32.79 31.16 -36.84
N ASP A 338 33.76 31.12 -37.75
CA ASP A 338 34.71 32.20 -37.90
C ASP A 338 34.01 33.50 -38.29
N HIS A 339 33.09 33.41 -39.25
CA HIS A 339 32.29 34.57 -39.60
C HIS A 339 31.59 35.15 -38.38
N VAL A 340 30.92 34.29 -37.61
CA VAL A 340 30.18 34.77 -36.44
C VAL A 340 31.12 35.41 -35.43
N HIS A 341 32.25 34.74 -35.14
CA HIS A 341 33.20 35.28 -34.18
C HIS A 341 33.75 36.63 -34.63
N ARG A 342 34.05 36.75 -35.93
CA ARG A 342 34.54 38.02 -36.45
C ARG A 342 33.53 39.14 -36.26
N ARG A 343 32.24 38.81 -36.22
CA ARG A 343 31.19 39.78 -35.97
C ARG A 343 31.00 40.06 -34.48
N GLY A 344 31.90 39.60 -33.63
CA GLY A 344 31.77 39.83 -32.21
C GLY A 344 30.53 39.18 -31.64
N VAL A 345 30.40 37.87 -31.85
CA VAL A 345 29.30 37.10 -31.28
C VAL A 345 29.78 35.69 -31.00
N LEU A 346 29.41 35.17 -29.83
CA LEU A 346 29.66 33.78 -29.48
C LEU A 346 28.34 33.01 -29.56
N VAL A 347 28.40 31.85 -30.21
CA VAL A 347 27.19 31.03 -30.35
C VAL A 347 26.79 30.44 -29.00
N ARG A 348 27.76 29.89 -28.27
CA ARG A 348 27.56 29.31 -26.94
C ARG A 348 26.75 28.02 -26.98
N ASP A 349 25.91 27.83 -28.00
CA ASP A 349 25.05 26.65 -28.07
C ASP A 349 24.97 26.10 -29.50
N LEU A 350 26.10 25.67 -30.05
CA LEU A 350 26.12 25.01 -31.36
C LEU A 350 26.12 23.50 -31.10
N THR A 351 25.01 22.86 -31.40
CA THR A 351 24.79 21.44 -31.14
C THR A 351 24.01 20.88 -32.32
N PRO A 352 24.05 19.56 -32.51
CA PRO A 352 23.41 18.98 -33.70
C PRO A 352 21.97 19.45 -33.94
N THR A 353 21.23 19.81 -32.90
CA THR A 353 19.86 20.30 -33.09
C THR A 353 19.81 21.76 -33.53
N ASN A 354 20.92 22.49 -33.46
CA ASN A 354 20.95 23.90 -33.82
C ASN A 354 21.73 24.15 -35.10
N VAL A 355 22.07 23.11 -35.85
CA VAL A 355 22.61 23.26 -37.20
C VAL A 355 21.61 22.61 -38.15
N VAL A 356 21.14 23.40 -39.11
CA VAL A 356 20.16 22.97 -40.10
C VAL A 356 20.85 22.90 -41.44
N LEU A 357 20.73 21.78 -42.12
CA LEU A 357 21.37 21.60 -43.41
C LEU A 357 20.43 22.06 -44.53
N ASP A 358 21.01 22.60 -45.59
CA ASP A 358 20.22 23.05 -46.72
C ASP A 358 19.47 21.89 -47.34
N ASP A 359 18.25 22.18 -47.83
CA ASP A 359 17.44 21.13 -48.44
C ASP A 359 18.02 20.65 -49.76
N ALA A 360 18.75 21.53 -50.46
CA ALA A 360 19.36 21.17 -51.75
C ALA A 360 20.80 20.69 -51.53
N THR A 361 21.68 21.59 -51.11
CA THR A 361 23.10 21.28 -50.98
C THR A 361 23.45 20.55 -49.70
N GLY A 362 22.58 20.60 -48.68
CA GLY A 362 22.89 19.98 -47.41
C GLY A 362 24.10 20.59 -46.75
N ARG A 363 24.10 21.94 -46.65
CA ARG A 363 25.18 22.71 -46.06
C ARG A 363 24.79 23.23 -44.69
N PRO A 364 25.70 23.27 -43.74
CA PRO A 364 25.34 23.68 -42.38
C PRO A 364 24.91 25.15 -42.29
N ARG A 365 23.92 25.39 -41.43
CA ARG A 365 23.43 26.72 -41.10
C ARG A 365 23.17 26.76 -39.60
N LEU A 366 23.45 27.88 -38.95
CA LEU A 366 23.29 27.98 -37.50
C LEU A 366 21.94 28.60 -37.16
N VAL A 367 21.31 28.07 -36.10
CA VAL A 367 20.07 28.61 -35.55
C VAL A 367 20.17 28.62 -34.03
N ASP A 368 19.07 29.02 -33.39
CA ASP A 368 18.97 29.11 -31.94
C ASP A 368 20.14 29.91 -31.35
N PHE A 369 19.96 31.21 -31.22
CA PHE A 369 20.91 32.10 -30.55
C PHE A 369 20.33 32.58 -29.23
N GLU A 370 19.64 31.68 -28.53
CA GLU A 370 18.94 32.03 -27.29
C GLU A 370 19.91 32.54 -26.23
N ILE A 371 21.03 31.84 -26.04
CA ILE A 371 22.01 32.19 -25.02
C ILE A 371 23.27 32.78 -25.62
N SER A 372 23.19 33.32 -26.84
CA SER A 372 24.38 33.83 -27.51
C SER A 372 24.85 35.13 -26.86
N HIS A 373 26.12 35.46 -27.08
CA HIS A 373 26.81 36.54 -26.40
C HIS A 373 27.02 37.73 -27.34
N ALA A 374 26.61 38.92 -26.90
CA ALA A 374 26.96 40.15 -27.59
C ALA A 374 27.61 41.11 -26.60
N GLU A 375 26.84 41.61 -25.63
CA GLU A 375 27.39 42.40 -24.53
C GLU A 375 27.58 41.51 -23.31
N ASP A 376 28.23 42.06 -22.28
CA ASP A 376 28.83 41.20 -21.27
C ASP A 376 27.97 40.84 -20.06
N PRO A 377 26.68 41.14 -20.00
CA PRO A 377 25.87 40.53 -18.93
C PRO A 377 25.91 39.00 -18.96
N GLN A 378 25.86 38.40 -20.15
CA GLN A 378 25.98 36.96 -20.38
C GLN A 378 24.80 36.17 -19.82
N LEU A 379 24.22 35.33 -20.66
CA LEU A 379 23.11 34.47 -20.26
C LEU A 379 23.63 33.10 -19.81
N TYR A 380 23.08 32.61 -18.70
CA TYR A 380 23.35 31.25 -18.25
C TYR A 380 22.61 30.26 -19.14
N GLY A 381 23.24 29.10 -19.37
CA GLY A 381 22.66 28.11 -20.24
C GLY A 381 23.69 27.25 -20.92
N TRP A 382 23.47 25.93 -20.91
CA TRP A 382 24.38 24.99 -21.55
C TRP A 382 23.59 23.73 -21.88
N THR A 383 24.17 22.91 -22.75
CA THR A 383 23.54 21.69 -23.22
C THR A 383 24.36 20.49 -22.78
N PRO A 384 23.80 19.57 -21.99
CA PRO A 384 24.61 18.49 -21.41
C PRO A 384 25.39 17.72 -22.46
N GLY A 385 26.68 17.53 -22.20
CA GLY A 385 27.55 16.75 -23.06
C GLY A 385 28.15 17.52 -24.21
N TYR A 386 27.42 18.47 -24.78
CA TYR A 386 27.93 19.26 -25.89
C TYR A 386 28.56 20.57 -25.43
N SER A 387 28.10 21.14 -24.32
CA SER A 387 28.73 22.36 -23.83
C SER A 387 29.93 22.02 -22.95
N PRO A 388 30.96 22.86 -22.95
CA PRO A 388 32.14 22.61 -22.11
C PRO A 388 31.82 22.81 -20.64
N PRO A 389 32.62 22.24 -19.74
CA PRO A 389 32.30 22.37 -18.31
C PRO A 389 32.35 23.82 -17.87
N GLU A 390 33.26 24.60 -18.45
CA GLU A 390 33.34 26.03 -18.16
C GLU A 390 31.96 26.67 -18.26
N GLN A 391 31.16 26.24 -19.22
CA GLN A 391 29.83 26.81 -19.40
C GLN A 391 28.87 26.30 -18.33
N GLU A 392 29.00 25.04 -17.93
CA GLU A 392 28.22 24.54 -16.80
C GLU A 392 28.40 25.44 -15.58
N ARG A 393 29.60 25.96 -15.40
CA ARG A 393 29.91 26.90 -14.31
C ARG A 393 29.93 28.34 -14.84
N ASP A 394 28.81 28.72 -15.48
CA ASP A 394 28.63 29.99 -16.16
C ASP A 394 29.85 30.90 -16.26
N GLU A 395 31.01 30.35 -16.59
CA GLU A 395 32.21 31.17 -16.71
C GLU A 395 32.14 32.05 -17.97
N PRO A 396 32.92 33.14 -17.99
CA PRO A 396 33.00 33.98 -19.20
C PRO A 396 33.08 33.19 -20.49
N ALA A 397 32.12 33.41 -21.39
CA ALA A 397 32.13 32.75 -22.68
C ALA A 397 33.43 33.03 -23.42
N THR A 398 33.98 32.00 -24.05
CA THR A 398 35.18 32.13 -24.86
C THR A 398 34.97 31.48 -26.23
N VAL A 399 35.80 31.92 -27.18
CA VAL A 399 35.81 31.31 -28.51
C VAL A 399 36.04 29.80 -28.40
N GLU A 400 36.88 29.40 -27.46
CA GLU A 400 37.21 27.99 -27.29
C GLU A 400 36.02 27.19 -26.79
N ALA A 401 35.07 27.82 -26.10
CA ALA A 401 33.81 27.16 -25.80
C ALA A 401 33.11 26.71 -27.08
N ASP A 402 32.99 27.63 -28.03
CA ASP A 402 32.40 27.30 -29.33
C ASP A 402 33.18 26.19 -30.01
N TYR A 403 34.51 26.24 -29.94
CA TYR A 403 35.30 25.18 -30.56
C TYR A 403 35.02 23.82 -29.91
N TYR A 404 34.86 23.80 -28.59
CA TYR A 404 34.54 22.54 -27.90
C TYR A 404 33.20 21.98 -28.39
N SER A 405 32.16 22.81 -28.39
CA SER A 405 30.86 22.31 -28.80
C SER A 405 30.86 21.89 -30.27
N LEU A 406 31.70 22.53 -31.10
CA LEU A 406 31.86 22.06 -32.47
C LEU A 406 32.47 20.67 -32.49
N GLY A 407 33.54 20.46 -31.73
CA GLY A 407 34.11 19.13 -31.62
C GLY A 407 33.07 18.10 -31.24
N ALA A 408 32.17 18.45 -30.32
CA ALA A 408 31.15 17.49 -29.89
C ALA A 408 30.11 17.25 -30.97
N THR A 409 29.69 18.31 -31.67
CA THR A 409 28.77 18.15 -32.79
C THR A 409 29.36 17.23 -33.84
N LEU A 410 30.65 17.39 -34.13
CA LEU A 410 31.32 16.51 -35.09
C LEU A 410 31.40 15.09 -34.55
N PHE A 411 31.62 14.94 -33.24
CA PHE A 411 31.59 13.63 -32.61
C PHE A 411 30.28 12.92 -32.89
N TYR A 412 29.17 13.63 -32.70
CA TYR A 412 27.86 13.05 -33.00
C TYR A 412 27.74 12.72 -34.49
N ALA A 413 28.12 13.65 -35.35
CA ALA A 413 28.01 13.40 -36.78
C ALA A 413 28.82 12.19 -37.20
N ALA A 414 29.88 11.87 -36.46
CA ALA A 414 30.73 10.73 -36.79
C ALA A 414 30.28 9.44 -36.13
N THR A 415 29.45 9.50 -35.10
CA THR A 415 29.04 8.28 -34.39
C THR A 415 27.53 8.12 -34.20
N GLY A 416 26.74 9.17 -34.33
CA GLY A 416 25.30 9.04 -34.18
C GLY A 416 24.80 9.08 -32.76
N LEU A 417 25.67 9.21 -31.77
CA LEU A 417 25.26 9.40 -30.39
C LEU A 417 26.16 10.47 -29.76
N PRO A 418 25.72 11.06 -28.65
CA PRO A 418 26.45 12.19 -28.06
C PRO A 418 27.60 11.71 -27.19
N PRO A 419 28.58 12.58 -26.91
CA PRO A 419 29.62 12.22 -25.95
C PRO A 419 28.99 11.95 -24.60
N THR A 420 29.41 10.86 -23.97
CA THR A 420 28.73 10.40 -22.75
C THR A 420 28.93 11.40 -21.63
N TRP A 421 27.82 11.89 -21.08
CA TRP A 421 27.82 12.91 -20.04
C TRP A 421 26.73 12.54 -19.05
N MET A 422 27.09 12.40 -17.78
CA MET A 422 26.15 12.01 -16.75
C MET A 422 26.19 13.00 -15.59
N THR A 423 25.01 13.37 -15.11
CA THR A 423 24.90 14.28 -13.97
C THR A 423 25.72 13.76 -12.81
N GLY A 424 26.61 14.62 -12.29
CA GLY A 424 27.37 14.31 -11.10
C GLY A 424 28.63 13.51 -11.29
N ASP A 425 29.01 13.19 -12.54
CA ASP A 425 30.16 12.33 -12.79
C ASP A 425 31.40 13.18 -13.06
N PRO A 426 32.47 13.05 -12.28
CA PRO A 426 33.67 13.85 -12.56
C PRO A 426 34.28 13.55 -13.92
N GLY A 427 34.12 12.33 -14.42
CA GLY A 427 34.69 11.93 -15.70
C GLY A 427 33.99 12.47 -16.92
N ASN A 428 32.95 13.30 -16.74
CA ASN A 428 32.08 13.69 -17.85
C ASN A 428 32.83 14.13 -19.11
N HIS A 429 33.91 14.91 -18.97
CA HIS A 429 34.58 15.50 -20.13
C HIS A 429 35.95 14.89 -20.39
N ASP A 430 36.20 13.67 -19.94
CA ASP A 430 37.49 13.04 -20.20
C ASP A 430 37.63 12.75 -21.70
N PRO A 431 38.71 13.20 -22.33
CA PRO A 431 38.84 12.97 -23.78
C PRO A 431 39.15 11.53 -24.12
N ARG A 432 39.81 10.79 -23.23
CA ARG A 432 40.03 9.37 -23.47
C ARG A 432 38.71 8.61 -23.46
N ARG A 433 37.75 9.09 -22.66
CA ARG A 433 36.42 8.50 -22.67
C ARG A 433 35.77 8.62 -24.05
N ALA A 434 35.81 9.83 -24.62
CA ALA A 434 35.30 10.01 -25.98
C ALA A 434 36.11 9.17 -26.96
N ALA A 435 37.43 9.09 -26.76
CA ALA A 435 38.27 8.27 -27.64
C ALA A 435 37.74 6.85 -27.73
N GLU A 436 37.34 6.28 -26.59
CA GLU A 436 36.89 4.89 -26.62
C GLU A 436 35.66 4.70 -27.49
N VAL A 437 34.74 5.67 -27.50
CA VAL A 437 33.56 5.57 -28.36
C VAL A 437 33.92 5.91 -29.80
N LEU A 438 34.45 7.12 -30.01
CA LEU A 438 34.93 7.48 -31.35
C LEU A 438 36.19 6.67 -31.63
N ALA A 439 36.02 5.46 -32.11
CA ALA A 439 37.14 4.54 -32.35
C ALA A 439 37.74 4.81 -33.73
N GLY A 440 38.41 5.95 -33.83
CA GLY A 440 39.16 6.31 -35.01
C GLY A 440 38.35 6.60 -36.24
N ARG A 441 37.02 6.64 -36.13
CA ARG A 441 36.14 6.71 -37.29
C ARG A 441 35.90 8.16 -37.69
N GLY A 442 35.62 8.35 -38.98
CA GLY A 442 35.40 9.66 -39.55
C GLY A 442 36.58 10.23 -40.30
N GLY A 443 37.67 9.49 -40.40
CA GLY A 443 38.90 10.05 -40.92
C GLY A 443 39.57 10.85 -39.83
N MET A 444 39.27 12.14 -39.79
CA MET A 444 39.74 12.95 -38.66
C MET A 444 39.14 12.42 -37.37
N SER A 445 39.99 12.27 -36.36
CA SER A 445 39.58 11.80 -35.04
C SER A 445 40.38 12.58 -34.00
N GLY A 446 41.72 12.51 -34.13
CA GLY A 446 42.57 13.28 -33.24
C GLY A 446 42.25 14.77 -33.29
N THR A 447 41.90 15.28 -34.47
CA THR A 447 41.50 16.68 -34.57
C THR A 447 40.26 16.97 -33.75
N ILE A 448 39.27 16.07 -33.82
CA ILE A 448 38.03 16.31 -33.09
C ILE A 448 38.23 16.01 -31.60
N LEU A 449 39.10 15.06 -31.27
CA LEU A 449 39.47 14.86 -29.88
C LEU A 449 40.18 16.09 -29.31
N GLY A 450 40.95 16.79 -30.16
CA GLY A 450 41.54 18.04 -29.72
C GLY A 450 40.51 19.13 -29.55
N LEU A 451 39.51 19.17 -30.43
CA LEU A 451 38.42 20.11 -30.25
C LEU A 451 37.74 19.92 -28.90
N LEU A 452 37.74 18.69 -28.37
CA LEU A 452 37.15 18.40 -27.08
C LEU A 452 38.17 18.38 -25.95
N ASP A 453 39.44 18.66 -26.25
CA ASP A 453 40.48 18.66 -25.23
C ASP A 453 40.15 19.69 -24.16
N PRO A 454 40.45 19.41 -22.88
CA PRO A 454 40.09 20.39 -21.84
C PRO A 454 40.96 21.63 -21.85
N ASP A 455 42.20 21.53 -22.33
CA ASP A 455 43.05 22.71 -22.48
C ASP A 455 42.56 23.52 -23.66
N PRO A 456 42.15 24.78 -23.48
CA PRO A 456 41.60 25.54 -24.62
C PRO A 456 42.58 25.73 -25.76
N ALA A 457 43.88 25.89 -25.45
CA ALA A 457 44.88 26.06 -26.48
C ALA A 457 44.88 24.89 -27.46
N ARG A 458 44.71 23.67 -26.95
CA ARG A 458 44.67 22.50 -27.83
C ARG A 458 43.50 22.59 -28.79
N ARG A 459 42.35 23.08 -28.31
CA ARG A 459 41.21 23.29 -29.20
C ARG A 459 41.56 24.29 -30.29
N ARG A 460 42.25 25.37 -29.94
CA ARG A 460 42.69 26.32 -30.96
C ARG A 460 43.58 25.64 -31.99
N ALA A 461 44.51 24.80 -31.52
CA ALA A 461 45.41 24.11 -32.45
C ALA A 461 44.64 23.19 -33.38
N ALA A 462 43.62 22.50 -32.86
CA ALA A 462 42.82 21.62 -33.71
C ALA A 462 42.02 22.40 -34.74
N ALA A 463 41.42 23.52 -34.32
CA ALA A 463 40.72 24.37 -35.27
C ALA A 463 41.67 24.91 -36.33
N ASP A 464 42.91 25.20 -35.94
CA ASP A 464 43.94 25.54 -36.92
C ASP A 464 44.12 24.40 -37.94
N ASP A 465 44.31 23.18 -37.44
CA ASP A 465 44.38 22.03 -38.35
C ASP A 465 43.21 22.06 -39.33
N ILE A 466 42.01 22.34 -38.83
CA ILE A 466 40.82 22.27 -39.65
C ILE A 466 40.88 23.33 -40.76
N ARG A 467 41.15 24.58 -40.39
CA ARG A 467 41.19 25.64 -41.41
C ARG A 467 42.31 25.40 -42.41
N ALA A 468 43.43 24.82 -41.96
CA ALA A 468 44.55 24.57 -42.85
C ALA A 468 44.30 23.43 -43.82
N GLY A 469 43.38 22.52 -43.48
CA GLY A 469 43.16 21.33 -44.27
C GLY A 469 43.99 20.13 -43.86
N ARG A 470 44.81 20.26 -42.81
CA ARG A 470 45.65 19.16 -42.34
C ARG A 470 44.93 18.50 -41.15
N PHE A 471 44.07 17.54 -41.47
CA PHE A 471 43.32 16.84 -40.44
C PHE A 471 44.15 15.68 -39.87
N THR A 472 43.88 15.35 -38.62
CA THR A 472 44.58 14.28 -37.91
C THR A 472 43.68 13.05 -37.83
N ASP A 473 44.22 11.90 -38.24
CA ASP A 473 43.48 10.64 -38.35
C ASP A 473 44.06 9.68 -37.31
N ALA A 474 43.42 9.61 -36.12
CA ALA A 474 43.94 8.88 -34.96
C ALA A 474 43.13 7.62 -34.67
N PRO A 475 43.77 6.50 -34.31
CA PRO A 475 43.02 5.23 -34.15
C PRO A 475 42.89 4.81 -32.69
N PRO A 476 42.34 3.60 -32.45
CA PRO A 476 42.14 3.12 -31.06
C PRO A 476 42.64 1.69 -30.88
N PRO A 477 43.07 1.30 -29.68
CA PRO A 477 43.64 -0.07 -29.49
C PRO A 477 42.74 -1.02 -28.71
N PRO A 478 42.81 -2.32 -29.00
CA PRO A 478 41.93 -3.33 -28.33
C PRO A 478 42.46 -3.79 -26.98
N PRO A 479 41.89 -4.87 -26.40
CA PRO A 479 42.17 -5.21 -24.98
C PRO A 479 43.03 -6.45 -24.84
N PRO A 480 43.93 -6.48 -23.85
CA PRO A 480 44.91 -7.57 -23.75
C PRO A 480 44.30 -8.95 -23.60
N SER A 481 44.63 -9.83 -24.55
CA SER A 481 44.17 -11.22 -24.64
C SER A 481 43.29 -11.69 -23.48
N ALA A 482 42.29 -10.88 -23.14
CA ALA A 482 41.27 -11.22 -22.15
C ALA A 482 41.66 -10.84 -20.73
N ARG A 483 42.90 -11.12 -20.32
CA ARG A 483 43.28 -10.91 -18.92
C ARG A 483 42.88 -9.52 -18.44
N GLN A 484 43.26 -8.48 -19.20
CA GLN A 484 42.82 -7.14 -18.80
C GLN A 484 41.35 -6.90 -19.14
N ARG A 485 40.84 -7.48 -20.24
CA ARG A 485 39.41 -7.40 -20.50
C ARG A 485 38.60 -8.03 -19.36
N ALA A 486 39.06 -9.18 -18.86
CA ALA A 486 38.36 -9.84 -17.76
C ALA A 486 38.52 -9.08 -16.45
N ARG A 487 39.70 -8.52 -16.21
CA ARG A 487 39.88 -7.64 -15.04
C ARG A 487 38.88 -6.50 -15.08
N ARG A 488 38.71 -5.89 -16.26
CA ARG A 488 37.76 -4.79 -16.43
C ARG A 488 36.34 -5.25 -16.15
N LEU A 489 35.95 -6.42 -16.66
CA LEU A 489 34.59 -6.92 -16.39
C LEU A 489 34.39 -7.20 -14.90
N ALA A 490 35.35 -7.86 -14.27
CA ALA A 490 35.27 -8.10 -12.83
C ALA A 490 34.98 -6.82 -12.07
N ALA A 491 35.80 -5.79 -12.30
CA ALA A 491 35.61 -4.53 -11.58
C ALA A 491 34.27 -3.90 -11.93
N ALA A 492 33.87 -3.99 -13.20
CA ALA A 492 32.58 -3.45 -13.61
C ALA A 492 31.47 -4.03 -12.75
N ILE A 493 31.46 -5.36 -12.60
CA ILE A 493 30.40 -6.01 -11.87
C ILE A 493 30.45 -5.65 -10.39
N ALA A 494 31.64 -5.64 -9.81
CA ALA A 494 31.79 -5.23 -8.42
C ALA A 494 31.14 -3.87 -8.16
N HIS A 495 31.59 -2.85 -8.89
CA HIS A 495 31.07 -1.52 -8.61
C HIS A 495 29.59 -1.41 -8.95
N SER A 496 29.13 -2.09 -10.00
CA SER A 496 27.70 -2.08 -10.30
C SER A 496 26.91 -2.68 -9.14
N LEU A 497 27.47 -3.70 -8.48
CA LEU A 497 26.78 -4.28 -7.33
C LEU A 497 26.64 -3.27 -6.21
N THR A 498 27.72 -2.54 -5.90
CA THR A 498 27.59 -1.53 -4.85
C THR A 498 26.57 -0.46 -5.26
N GLU A 499 26.65 -0.01 -6.51
CA GLU A 499 25.66 0.94 -7.02
C GLU A 499 24.25 0.40 -6.88
N LEU A 500 24.08 -0.91 -6.99
CA LEU A 500 22.76 -1.51 -6.88
C LEU A 500 22.30 -1.55 -5.44
N SER A 501 23.22 -1.79 -4.50
CA SER A 501 22.87 -1.62 -3.09
C SER A 501 22.35 -0.21 -2.86
N ARG A 502 23.02 0.78 -3.44
CA ARG A 502 22.55 2.16 -3.29
C ARG A 502 21.16 2.34 -3.89
N HIS A 503 20.98 1.93 -5.15
CA HIS A 503 19.68 2.09 -5.81
C HIS A 503 18.58 1.36 -5.05
N ALA A 504 18.90 0.18 -4.50
CA ALA A 504 17.92 -0.59 -3.75
C ALA A 504 17.53 0.13 -2.47
N ALA A 505 18.51 0.64 -1.74
CA ALA A 505 18.21 1.44 -0.55
C ALA A 505 17.33 2.63 -0.91
N ASP A 506 17.71 3.36 -1.97
CA ASP A 506 16.92 4.50 -2.40
C ASP A 506 15.49 4.09 -2.75
N LEU A 507 15.32 2.90 -3.31
CA LEU A 507 13.98 2.43 -3.64
C LEU A 507 13.18 2.13 -2.37
N MET A 508 13.76 1.36 -1.44
CA MET A 508 12.98 0.92 -0.29
C MET A 508 12.78 2.06 0.71
N SER A 509 13.67 3.06 0.73
CA SER A 509 13.50 4.18 1.63
C SER A 509 12.44 5.17 1.15
N GLY A 510 11.96 5.04 -0.09
CA GLY A 510 10.87 5.84 -0.57
C GLY A 510 11.24 7.12 -1.26
N LYS A 511 12.52 7.35 -1.57
CA LYS A 511 12.94 8.65 -2.08
C LYS A 511 12.23 8.99 -3.39
N ASP A 512 12.29 8.10 -4.37
CA ASP A 512 11.75 8.41 -5.69
C ASP A 512 10.23 8.48 -5.70
N PHE A 513 9.56 8.10 -4.61
CA PHE A 513 8.13 8.33 -4.53
C PHE A 513 7.82 9.82 -4.47
N THR A 514 8.84 10.65 -4.28
CA THR A 514 8.66 12.09 -4.24
C THR A 514 7.95 12.59 -5.49
N GLY A 515 8.40 12.12 -6.66
CA GLY A 515 7.84 12.59 -7.90
C GLY A 515 6.34 12.41 -7.92
N GLY A 516 5.62 13.48 -8.24
CA GLY A 516 4.20 13.33 -8.50
C GLY A 516 4.06 12.57 -9.81
N LEU A 517 3.51 11.36 -9.76
CA LEU A 517 3.17 10.59 -10.95
C LEU A 517 4.34 9.78 -11.51
N VAL A 518 5.08 9.05 -10.66
CA VAL A 518 6.34 8.47 -11.10
C VAL A 518 6.60 7.10 -10.47
N GLY A 519 7.25 6.23 -11.27
CA GLY A 519 7.93 5.05 -10.78
C GLY A 519 7.01 3.86 -10.51
N SER A 520 7.61 2.67 -10.58
CA SER A 520 6.99 1.42 -10.11
C SER A 520 7.99 0.75 -9.17
N PRO A 521 7.67 0.56 -7.88
CA PRO A 521 8.71 0.06 -6.96
C PRO A 521 8.91 -1.45 -6.91
N ILE A 522 8.07 -2.24 -7.58
CA ILE A 522 8.05 -3.69 -7.35
C ILE A 522 8.32 -4.49 -8.63
N ASN A 523 7.67 -4.12 -9.73
CA ASN A 523 7.63 -5.02 -10.87
C ASN A 523 9.04 -5.30 -11.41
N LEU A 524 9.08 -6.21 -12.37
CA LEU A 524 10.36 -6.63 -12.96
C LEU A 524 10.97 -5.53 -13.81
N TYR A 525 10.15 -4.88 -14.65
CA TYR A 525 10.66 -3.93 -15.62
C TYR A 525 11.49 -2.83 -14.95
N ARG A 526 11.00 -2.28 -13.86
CA ARG A 526 11.60 -1.09 -13.25
C ARG A 526 11.91 -1.28 -11.78
N GLY A 527 11.09 -2.02 -11.06
CA GLY A 527 11.12 -2.07 -9.62
C GLY A 527 12.05 -3.14 -9.08
N ALA A 528 11.72 -3.61 -7.87
CA ALA A 528 12.64 -4.45 -7.12
C ALA A 528 12.74 -5.86 -7.67
N ALA A 529 11.68 -6.38 -8.28
CA ALA A 529 11.67 -7.79 -8.68
C ALA A 529 12.87 -8.13 -9.55
N GLY A 530 13.08 -7.38 -10.64
CA GLY A 530 14.19 -7.69 -11.53
C GLY A 530 15.54 -7.47 -10.87
N MET A 531 15.67 -6.32 -10.20
CA MET A 531 16.86 -6.01 -9.40
C MET A 531 17.27 -7.21 -8.54
N GLY A 532 16.35 -7.67 -7.71
CA GLY A 532 16.66 -8.74 -6.78
C GLY A 532 16.89 -10.07 -7.47
N MET A 533 16.14 -10.35 -8.53
CA MET A 533 16.39 -11.58 -9.28
C MET A 533 17.84 -11.64 -9.73
N GLU A 534 18.35 -10.53 -10.25
CA GLU A 534 19.77 -10.51 -10.63
C GLU A 534 20.67 -10.54 -9.40
N LEU A 535 20.29 -9.83 -8.34
CA LEU A 535 21.10 -9.79 -7.12
C LEU A 535 21.30 -11.19 -6.51
N LEU A 536 20.39 -12.12 -6.82
CA LEU A 536 20.49 -13.47 -6.28
C LEU A 536 21.68 -14.25 -6.84
N ARG A 537 22.05 -13.99 -8.08
CA ARG A 537 23.09 -14.75 -8.77
C ARG A 537 24.49 -14.41 -8.29
N HIS A 538 24.63 -13.63 -7.21
CA HIS A 538 25.93 -13.08 -6.84
C HIS A 538 26.34 -13.52 -5.43
N ASP A 539 27.12 -12.69 -4.73
CA ASP A 539 27.71 -13.07 -3.47
C ASP A 539 26.70 -12.93 -2.33
N GLU A 540 27.12 -13.38 -1.14
CA GLU A 540 26.18 -13.44 -0.02
C GLU A 540 25.64 -12.08 0.37
N PRO A 541 26.42 -10.99 0.33
CA PRO A 541 25.81 -9.66 0.56
C PRO A 541 24.70 -9.33 -0.42
N SER A 542 24.93 -9.57 -1.72
CA SER A 542 23.90 -9.29 -2.71
C SER A 542 22.67 -10.15 -2.46
N ARG A 543 22.87 -11.37 -2.00
CA ARG A 543 21.73 -12.26 -1.73
C ARG A 543 20.99 -11.82 -0.48
N ALA A 544 21.69 -11.23 0.48
CA ALA A 544 21.02 -10.61 1.63
C ALA A 544 20.15 -9.44 1.17
N LEU A 545 20.72 -8.58 0.32
CA LEU A 545 19.93 -7.48 -0.24
C LEU A 545 18.75 -8.01 -1.03
N ALA A 546 18.92 -9.15 -1.72
CA ALA A 546 17.84 -9.75 -2.48
C ALA A 546 16.73 -10.24 -1.55
N ARG A 547 17.09 -10.91 -0.46
CA ARG A 547 16.09 -11.34 0.52
C ARG A 547 15.34 -10.13 1.07
N GLY A 548 16.08 -9.07 1.41
CA GLY A 548 15.43 -7.84 1.84
C GLY A 548 14.43 -7.34 0.82
N LEU A 549 14.86 -7.19 -0.43
CA LEU A 549 13.97 -6.72 -1.48
C LEU A 549 12.77 -7.63 -1.65
N ALA A 550 12.96 -8.93 -1.46
CA ALA A 550 11.85 -9.87 -1.59
C ALA A 550 10.79 -9.62 -0.54
N TYR A 551 11.20 -9.52 0.73
CA TYR A 551 10.24 -9.22 1.78
C TYR A 551 9.61 -7.84 1.57
N TRP A 552 10.43 -6.86 1.18
CA TRP A 552 9.92 -5.52 0.94
C TRP A 552 8.81 -5.54 -0.09
N THR A 553 9.05 -6.19 -1.24
CA THR A 553 8.04 -6.27 -2.27
C THR A 553 6.82 -7.03 -1.80
N GLY A 554 7.02 -8.15 -1.09
CA GLY A 554 5.89 -8.91 -0.60
C GLY A 554 4.97 -8.08 0.28
N GLY A 555 5.55 -7.24 1.14
CA GLY A 555 4.73 -6.38 1.96
C GLY A 555 4.10 -5.24 1.17
N PHE A 556 4.91 -4.58 0.34
CA PHE A 556 4.41 -3.48 -0.46
C PHE A 556 3.22 -3.91 -1.31
N ARG A 557 3.27 -5.12 -1.87
CA ARG A 557 2.19 -5.60 -2.72
C ARG A 557 0.90 -5.80 -1.94
N ALA A 558 0.99 -6.00 -0.63
CA ALA A 558 -0.16 -6.37 0.17
C ALA A 558 -1.23 -5.28 0.15
N LEU A 559 -2.48 -5.69 -0.11
CA LEU A 559 -3.66 -4.84 0.03
C LEU A 559 -3.56 -3.57 -0.79
N ARG A 560 -3.08 -3.67 -2.03
CA ARG A 560 -3.21 -2.59 -2.99
C ARG A 560 -3.50 -3.16 -4.37
N ASN A 561 -4.07 -2.29 -5.21
CA ASN A 561 -4.45 -2.64 -6.58
CA ASN A 561 -4.44 -2.68 -6.56
C ASN A 561 -3.20 -2.84 -7.44
N GLY A 562 -3.30 -3.74 -8.42
CA GLY A 562 -2.17 -4.09 -9.24
C GLY A 562 -2.59 -4.59 -10.61
N ARG A 563 -1.60 -5.00 -11.40
CA ARG A 563 -1.79 -5.57 -12.73
C ARG A 563 -1.11 -6.92 -12.80
N PRO A 564 -1.59 -7.82 -13.67
CA PRO A 564 -1.11 -9.21 -13.65
C PRO A 564 0.15 -9.50 -14.47
N GLY A 565 0.63 -8.55 -15.26
CA GLY A 565 1.78 -8.76 -16.13
C GLY A 565 2.95 -9.54 -15.56
N LEU A 566 3.87 -9.93 -16.44
CA LEU A 566 5.14 -10.53 -16.08
C LEU A 566 6.27 -9.50 -16.05
N TYR A 567 6.23 -8.52 -16.95
CA TYR A 567 7.17 -7.41 -16.95
C TYR A 567 6.61 -6.18 -16.26
N THR A 568 5.28 -5.97 -16.35
CA THR A 568 4.65 -4.86 -15.66
C THR A 568 4.07 -5.24 -14.30
N GLY A 569 3.76 -6.52 -14.08
CA GLY A 569 2.83 -6.87 -13.01
C GLY A 569 3.27 -8.02 -12.13
N ASP A 570 2.25 -8.76 -11.63
CA ASP A 570 2.42 -9.64 -10.50
C ASP A 570 3.21 -10.91 -10.82
N THR A 571 3.09 -11.44 -12.04
CA THR A 571 3.68 -12.74 -12.33
C THR A 571 5.19 -12.72 -12.12
N GLY A 572 5.86 -11.66 -12.59
CA GLY A 572 7.28 -11.53 -12.34
C GLY A 572 7.60 -11.38 -10.87
N ILE A 573 6.76 -10.65 -10.14
CA ILE A 573 6.98 -10.48 -8.70
C ILE A 573 6.95 -11.84 -8.01
N ALA A 574 5.97 -12.67 -8.36
CA ALA A 574 5.87 -14.00 -7.77
C ALA A 574 7.07 -14.85 -8.15
N VAL A 575 7.48 -14.81 -9.43
CA VAL A 575 8.64 -15.58 -9.83
C VAL A 575 9.86 -15.18 -9.00
N PHE A 576 10.05 -13.87 -8.81
CA PHE A 576 11.21 -13.40 -8.06
C PHE A 576 11.14 -13.87 -6.61
N ILE A 577 10.01 -13.66 -5.94
CA ILE A 577 9.93 -14.00 -4.52
C ILE A 577 10.11 -15.51 -4.33
N ALA A 578 9.42 -16.32 -5.13
CA ALA A 578 9.56 -17.77 -5.03
C ALA A 578 11.00 -18.19 -5.28
N GLU A 579 11.63 -17.65 -6.33
CA GLU A 579 13.00 -18.03 -6.65
C GLU A 579 13.94 -17.66 -5.50
N ALA A 580 13.72 -16.50 -4.88
CA ALA A 580 14.57 -16.07 -3.77
C ALA A 580 14.38 -16.98 -2.57
N GLY A 581 13.13 -17.25 -2.21
CA GLY A 581 12.88 -18.24 -1.16
C GLY A 581 13.58 -19.55 -1.43
N ALA A 582 13.51 -20.03 -2.67
CA ALA A 582 14.11 -21.32 -3.01
C ALA A 582 15.61 -21.29 -2.83
N THR A 583 16.31 -20.40 -3.55
CA THR A 583 17.76 -20.43 -3.49
C THR A 583 18.28 -20.08 -2.09
N LEU A 584 17.58 -19.22 -1.35
CA LEU A 584 17.99 -18.89 0.00
C LEU A 584 17.64 -19.97 1.01
N GLY A 585 16.64 -20.81 0.71
CA GLY A 585 16.16 -21.77 1.69
C GLY A 585 15.22 -21.16 2.69
N ASP A 586 14.38 -20.23 2.27
CA ASP A 586 13.52 -19.44 3.14
C ASP A 586 12.07 -19.81 2.86
N GLU A 587 11.49 -20.65 3.72
CA GLU A 587 10.16 -21.17 3.46
C GLU A 587 9.09 -20.08 3.55
N THR A 588 9.33 -19.04 4.36
CA THR A 588 8.34 -17.99 4.51
C THR A 588 8.23 -17.14 3.24
N LEU A 589 9.34 -16.94 2.53
CA LEU A 589 9.25 -16.31 1.21
C LEU A 589 8.40 -17.14 0.26
N LEU A 590 8.57 -18.47 0.30
CA LEU A 590 7.74 -19.34 -0.54
C LEU A 590 6.28 -19.20 -0.17
N LYS A 591 5.98 -19.15 1.13
CA LYS A 591 4.60 -18.93 1.57
C LYS A 591 4.07 -17.60 1.06
N ILE A 592 4.92 -16.56 1.07
CA ILE A 592 4.49 -15.24 0.63
C ILE A 592 4.21 -15.23 -0.86
N ALA A 593 5.00 -15.98 -1.63
CA ALA A 593 4.81 -16.02 -3.08
C ALA A 593 3.62 -16.90 -3.47
N GLU A 594 3.32 -17.92 -2.66
CA GLU A 594 2.28 -18.89 -3.01
C GLU A 594 1.00 -18.27 -3.55
N PRO A 595 0.40 -17.25 -2.94
CA PRO A 595 -0.89 -16.74 -3.40
C PRO A 595 -0.82 -15.65 -4.45
N LEU A 596 0.37 -15.29 -4.93
CA LEU A 596 0.53 -14.02 -5.64
C LEU A 596 -0.11 -14.02 -7.01
N ALA A 597 0.56 -14.56 -8.02
CA ALA A 597 0.13 -14.38 -9.41
C ALA A 597 -0.86 -15.48 -9.78
N ARG A 598 -2.15 -15.18 -9.57
CA ARG A 598 -3.22 -16.15 -9.80
C ARG A 598 -4.45 -15.40 -10.32
N PRO A 599 -4.38 -14.90 -11.56
CA PRO A 599 -5.41 -13.99 -12.05
C PRO A 599 -6.64 -14.72 -12.59
N VAL A 600 -7.65 -13.90 -12.93
CA VAL A 600 -8.88 -14.42 -13.54
C VAL A 600 -8.58 -15.03 -14.90
N LEU A 601 -7.92 -14.26 -15.76
CA LEU A 601 -7.50 -14.63 -17.11
C LEU A 601 -8.60 -14.39 -18.14
N SER A 602 -9.87 -14.67 -17.79
CA SER A 602 -10.95 -14.28 -18.70
C SER A 602 -11.07 -12.76 -18.80
N ARG A 603 -10.54 -12.03 -17.82
CA ARG A 603 -10.56 -10.57 -17.88
C ARG A 603 -9.43 -10.03 -18.76
N ILE A 604 -8.25 -10.66 -18.67
CA ILE A 604 -7.10 -10.24 -19.48
C ILE A 604 -7.43 -10.34 -20.96
N THR A 605 -7.41 -9.20 -21.66
CA THR A 605 -7.53 -9.18 -23.11
C THR A 605 -6.18 -9.10 -23.82
N ALA A 606 -5.10 -8.86 -23.09
CA ALA A 606 -3.80 -8.64 -23.71
C ALA A 606 -3.06 -9.96 -23.84
N THR A 607 -2.28 -10.08 -24.93
CA THR A 607 -1.76 -11.37 -25.35
C THR A 607 -0.26 -11.38 -25.54
N ASP A 608 0.44 -10.37 -25.06
CA ASP A 608 1.85 -10.17 -25.39
C ASP A 608 2.73 -10.46 -24.18
N GLN A 609 4.02 -10.59 -24.46
CA GLN A 609 4.99 -10.92 -23.42
C GLN A 609 5.04 -9.85 -22.34
N HIS A 610 4.77 -8.59 -22.69
CA HIS A 610 5.01 -7.51 -21.75
C HIS A 610 3.95 -7.46 -20.64
N THR A 611 2.68 -7.67 -20.99
CA THR A 611 1.63 -7.50 -19.99
C THR A 611 0.52 -8.54 -19.99
N GLY A 612 0.44 -9.47 -20.93
CA GLY A 612 -0.72 -10.35 -21.01
C GLY A 612 -0.46 -11.73 -21.55
N LEU A 613 -1.20 -12.70 -21.00
CA LEU A 613 -1.25 -14.09 -21.45
C LEU A 613 0.09 -14.72 -21.81
N ALA A 614 0.72 -14.28 -22.90
CA ALA A 614 2.00 -14.87 -23.28
C ALA A 614 3.01 -14.76 -22.14
N GLY A 615 3.24 -13.54 -21.65
CA GLY A 615 4.17 -13.37 -20.55
C GLY A 615 3.67 -14.01 -19.27
N ILE A 616 2.36 -13.90 -19.02
CA ILE A 616 1.79 -14.57 -17.86
C ILE A 616 2.03 -16.07 -17.94
N GLY A 617 1.79 -16.66 -19.11
CA GLY A 617 2.01 -18.08 -19.27
C GLY A 617 3.45 -18.48 -19.04
N THR A 618 4.38 -17.73 -19.64
CA THR A 618 5.79 -18.03 -19.43
C THR A 618 6.15 -17.95 -17.95
N GLY A 619 5.69 -16.91 -17.26
CA GLY A 619 6.00 -16.77 -15.85
C GLY A 619 5.40 -17.87 -15.01
N GLN A 620 4.18 -18.28 -15.34
CA GLN A 620 3.56 -19.39 -14.61
C GLN A 620 4.34 -20.69 -14.83
N LEU A 621 4.91 -20.87 -16.02
CA LEU A 621 5.73 -22.07 -16.24
C LEU A 621 7.03 -22.00 -15.45
N LEU A 622 7.63 -20.81 -15.36
CA LEU A 622 8.80 -20.66 -14.50
C LEU A 622 8.44 -21.02 -13.06
N LEU A 623 7.30 -20.51 -12.59
CA LEU A 623 6.86 -20.83 -11.23
C LEU A 623 6.63 -22.33 -11.07
N TRP A 624 6.01 -22.97 -12.06
CA TRP A 624 5.77 -24.40 -11.96
C TRP A 624 7.07 -25.17 -11.88
N ARG A 625 7.99 -24.92 -12.81
CA ARG A 625 9.31 -25.56 -12.75
C ARG A 625 9.99 -25.30 -11.41
N LEU A 626 9.65 -24.20 -10.74
CA LEU A 626 10.23 -23.93 -9.43
C LEU A 626 9.55 -24.72 -8.31
N THR A 627 8.23 -24.65 -8.25
CA THR A 627 7.45 -25.00 -7.08
C THR A 627 6.74 -26.34 -7.20
N LYS A 628 6.70 -26.94 -8.38
CA LYS A 628 5.89 -28.12 -8.63
C LYS A 628 4.46 -27.88 -8.12
N ASP A 629 3.91 -26.74 -8.51
CA ASP A 629 2.59 -26.29 -8.09
C ASP A 629 1.64 -26.51 -9.25
N ALA A 630 0.71 -27.46 -9.09
CA ALA A 630 -0.16 -27.82 -10.21
C ALA A 630 -1.05 -26.67 -10.63
N GLY A 631 -1.40 -25.78 -9.71
CA GLY A 631 -2.14 -24.59 -10.11
C GLY A 631 -1.37 -23.73 -11.08
N ARG A 632 -0.05 -23.73 -10.97
CA ARG A 632 0.79 -22.89 -11.81
C ARG A 632 0.84 -23.42 -13.25
N LEU A 633 1.09 -24.73 -13.40
CA LEU A 633 1.00 -25.34 -14.72
C LEU A 633 -0.42 -25.26 -15.27
N GLU A 634 -1.41 -25.37 -14.39
CA GLU A 634 -2.80 -25.23 -14.82
C GLU A 634 -3.04 -23.83 -15.40
N LEU A 635 -2.46 -22.81 -14.78
CA LEU A 635 -2.62 -21.45 -15.29
C LEU A 635 -1.88 -21.24 -16.61
N ALA A 636 -0.66 -21.79 -16.71
CA ALA A 636 0.06 -21.69 -17.99
C ALA A 636 -0.74 -22.35 -19.12
N ASP A 637 -1.32 -23.52 -18.84
CA ASP A 637 -2.14 -24.19 -19.84
C ASP A 637 -3.39 -23.37 -20.18
N ALA A 638 -4.00 -22.75 -19.16
CA ALA A 638 -5.11 -21.85 -19.44
C ALA A 638 -4.67 -20.72 -20.37
N CYS A 639 -3.43 -20.24 -20.20
CA CYS A 639 -2.92 -19.17 -21.04
C CYS A 639 -2.85 -19.62 -22.49
N ALA A 640 -2.19 -20.76 -22.74
CA ALA A 640 -2.14 -21.26 -24.11
C ALA A 640 -3.55 -21.51 -24.66
N ARG A 641 -4.43 -22.09 -23.86
CA ARG A 641 -5.77 -22.40 -24.31
C ARG A 641 -6.52 -21.13 -24.74
N ARG A 642 -6.45 -20.06 -23.94
CA ARG A 642 -7.15 -18.83 -24.27
CA ARG A 642 -7.15 -18.82 -24.27
C ARG A 642 -6.43 -18.00 -25.32
N LEU A 643 -5.21 -18.38 -25.69
CA LEU A 643 -4.43 -17.69 -26.72
C LEU A 643 -4.70 -18.21 -28.13
N LEU A 644 -5.29 -19.39 -28.28
CA LEU A 644 -5.54 -20.00 -29.57
C LEU A 644 -6.90 -19.63 -30.14
N ALA A 645 -7.67 -18.80 -29.43
CA ALA A 645 -9.06 -18.55 -29.80
C ALA A 645 -9.19 -17.56 -30.95
N ARG A 646 -8.31 -16.54 -31.05
CA ARG A 646 -8.51 -15.44 -31.99
C ARG A 646 -7.19 -14.98 -32.63
N ASP A 647 -6.56 -15.85 -33.41
CA ASP A 647 -5.32 -15.49 -34.10
C ASP A 647 -5.57 -14.46 -35.20
N LEU A 648 -6.67 -14.64 -35.94
CA LEU A 648 -6.79 -14.05 -37.28
C LEU A 648 -6.94 -12.53 -37.27
N THR A 649 -7.75 -11.98 -36.36
CA THR A 649 -8.20 -10.60 -36.52
C THR A 649 -7.05 -9.60 -36.40
N ALA A 650 -6.11 -9.85 -35.47
CA ALA A 650 -5.08 -8.84 -35.19
C ALA A 650 -4.13 -8.64 -36.37
N GLU A 651 -3.86 -9.69 -37.14
CA GLU A 651 -2.99 -9.53 -38.31
C GLU A 651 -3.52 -8.44 -39.24
N LEU A 652 -4.83 -8.43 -39.47
CA LEU A 652 -5.48 -7.59 -40.47
C LEU A 652 -6.19 -6.39 -39.87
N GLN A 653 -5.57 -5.68 -38.92
CA GLN A 653 -6.20 -4.53 -38.28
C GLN A 653 -5.21 -3.38 -38.13
N GLU A 654 -4.76 -2.84 -39.28
CA GLU A 654 -3.87 -1.68 -39.27
C GLU A 654 -4.00 -0.83 -40.54
N ASN A 655 -5.16 -0.84 -41.19
CA ASN A 655 -5.26 -0.31 -42.54
C ASN A 655 -5.10 1.21 -42.65
N PRO A 656 -5.69 2.03 -41.77
CA PRO A 656 -5.51 3.49 -41.91
C PRO A 656 -4.13 3.96 -41.46
N PRO A 657 -3.53 3.39 -40.41
CA PRO A 657 -2.15 3.76 -40.05
C PRO A 657 -1.15 3.39 -41.13
N ASP A 658 -0.20 4.30 -41.40
CA ASP A 658 0.78 4.11 -42.45
C ASP A 658 2.10 3.54 -41.90
N TYR A 659 3.00 3.26 -42.83
CA TYR A 659 4.31 2.70 -42.53
C TYR A 659 5.27 3.80 -42.06
N ALA A 660 6.32 3.32 -41.37
CA ALA A 660 7.20 4.06 -40.47
C ALA A 660 7.36 3.09 -39.30
N ASP A 661 6.23 2.47 -38.93
CA ASP A 661 6.19 1.31 -38.04
C ASP A 661 6.85 1.60 -36.70
N CYS A 662 6.60 2.79 -36.17
CA CYS A 662 7.00 3.07 -34.80
C CYS A 662 6.31 2.12 -33.83
N GLY A 663 5.02 1.87 -34.05
CA GLY A 663 4.29 0.88 -33.28
C GLY A 663 4.20 -0.46 -34.00
N ALA A 664 4.09 -0.42 -35.32
CA ALA A 664 3.71 -1.62 -36.07
C ALA A 664 4.79 -2.71 -35.97
N VAL A 665 6.07 -2.35 -36.09
CA VAL A 665 7.10 -3.38 -36.08
C VAL A 665 7.06 -4.14 -34.77
N SER A 666 6.95 -3.42 -33.65
CA SER A 666 6.86 -4.06 -32.34
C SER A 666 5.50 -4.73 -32.14
N ARG A 667 4.43 -3.95 -32.25
CA ARG A 667 3.10 -4.44 -31.92
C ARG A 667 2.64 -5.54 -32.84
N THR A 668 3.38 -5.84 -33.90
CA THR A 668 3.09 -6.96 -34.78
C THR A 668 4.09 -8.08 -34.63
N LEU A 669 5.39 -7.80 -34.65
CA LEU A 669 6.38 -8.87 -34.69
C LEU A 669 7.24 -8.98 -33.44
N GLY A 670 7.41 -7.90 -32.68
CA GLY A 670 8.41 -7.86 -31.63
C GLY A 670 8.17 -8.86 -30.52
N PHE A 671 9.22 -9.06 -29.72
CA PHE A 671 9.14 -9.97 -28.58
C PHE A 671 8.30 -9.39 -27.45
N ALA A 672 8.47 -8.09 -27.17
CA ALA A 672 7.76 -7.47 -26.06
C ALA A 672 6.27 -7.41 -26.32
N HIS A 673 5.88 -6.90 -27.50
CA HIS A 673 4.49 -6.60 -27.79
C HIS A 673 3.92 -7.39 -28.95
N GLY A 674 4.74 -8.09 -29.72
CA GLY A 674 4.28 -8.80 -30.90
C GLY A 674 4.47 -10.30 -30.81
N LEU A 675 4.35 -11.00 -31.94
CA LEU A 675 4.13 -12.43 -31.89
C LEU A 675 5.40 -13.25 -31.68
N ALA A 676 6.59 -12.64 -31.70
CA ALA A 676 7.78 -13.39 -31.31
C ALA A 676 7.65 -13.90 -29.88
N GLY A 677 7.13 -13.07 -28.98
CA GLY A 677 6.93 -13.51 -27.61
C GLY A 677 5.87 -14.57 -27.47
N ILE A 678 4.82 -14.51 -28.29
CA ILE A 678 3.80 -15.55 -28.28
C ILE A 678 4.37 -16.86 -28.79
N VAL A 679 5.14 -16.80 -29.87
CA VAL A 679 5.86 -17.98 -30.37
C VAL A 679 6.69 -18.57 -29.23
N HIS A 680 7.43 -17.71 -28.54
CA HIS A 680 8.26 -18.14 -27.43
C HIS A 680 7.44 -18.86 -26.37
N PHE A 681 6.29 -18.27 -26.00
CA PHE A 681 5.46 -18.89 -24.98
C PHE A 681 4.96 -20.25 -25.43
N LEU A 682 4.37 -20.33 -26.62
CA LEU A 682 3.79 -21.60 -27.05
C LEU A 682 4.86 -22.67 -27.19
N ARG A 683 6.08 -22.29 -27.58
CA ARG A 683 7.21 -23.21 -27.53
C ARG A 683 7.45 -23.69 -26.10
N ASP A 684 7.48 -22.76 -25.15
CA ASP A 684 7.67 -23.14 -23.74
C ASP A 684 6.62 -24.13 -23.30
N HIS A 685 5.36 -23.85 -23.66
CA HIS A 685 4.25 -24.69 -23.27
C HIS A 685 4.34 -26.06 -23.90
N HIS A 686 4.73 -26.13 -25.18
CA HIS A 686 4.87 -27.41 -25.87
C HIS A 686 5.99 -28.23 -25.27
N ALA A 687 7.08 -27.59 -24.86
CA ALA A 687 8.12 -28.29 -24.11
C ALA A 687 7.56 -28.84 -22.80
N ALA A 688 6.85 -28.00 -22.06
CA ALA A 688 6.36 -28.39 -20.74
C ALA A 688 5.37 -29.55 -20.85
N THR A 689 4.53 -29.55 -21.88
CA THR A 689 3.42 -30.47 -22.00
C THR A 689 3.49 -31.38 -23.22
N GLY A 690 3.83 -30.84 -24.38
CA GLY A 690 3.75 -31.60 -25.60
C GLY A 690 2.34 -31.70 -26.16
N GLU A 691 1.55 -30.64 -26.03
CA GLU A 691 0.19 -30.64 -26.56
CA GLU A 691 0.19 -30.65 -26.56
C GLU A 691 0.23 -30.57 -28.08
N THR A 692 -0.71 -31.25 -28.73
CA THR A 692 -0.72 -31.30 -30.18
C THR A 692 -1.27 -30.02 -30.80
N ALA A 693 -2.19 -29.34 -30.13
CA ALA A 693 -2.77 -28.11 -30.68
C ALA A 693 -1.76 -26.98 -30.71
N THR A 694 -1.00 -26.79 -29.61
CA THR A 694 -0.04 -25.69 -29.57
C THR A 694 1.03 -25.83 -30.64
N GLU A 695 1.34 -27.06 -31.03
CA GLU A 695 2.39 -27.30 -32.03
C GLU A 695 2.01 -26.70 -33.38
N ALA A 696 0.74 -26.84 -33.77
CA ALA A 696 0.28 -26.23 -35.02
C ALA A 696 0.49 -24.72 -35.00
N ALA A 697 0.01 -24.05 -33.96
CA ALA A 697 0.19 -22.61 -33.86
C ALA A 697 1.66 -22.23 -33.84
N LEU A 698 2.50 -23.07 -33.23
CA LEU A 698 3.93 -22.81 -33.25
C LEU A 698 4.44 -22.75 -34.68
N HIS A 699 4.10 -23.76 -35.50
CA HIS A 699 4.54 -23.73 -36.89
C HIS A 699 3.97 -22.51 -37.61
N LYS A 700 2.68 -22.23 -37.42
CA LYS A 700 2.06 -21.09 -38.12
C LYS A 700 2.79 -19.79 -37.80
N GLY A 701 2.99 -19.52 -36.50
CA GLY A 701 3.61 -18.27 -36.10
C GLY A 701 5.06 -18.16 -36.52
N CYS A 702 5.81 -19.26 -36.39
CA CYS A 702 7.21 -19.24 -36.83
C CYS A 702 7.30 -19.00 -38.33
N ASP A 703 6.41 -19.63 -39.11
CA ASP A 703 6.40 -19.41 -40.54
C ASP A 703 6.10 -17.98 -40.88
N THR A 704 5.10 -17.39 -40.23
CA THR A 704 4.77 -15.99 -40.52
C THR A 704 5.92 -15.06 -40.10
N LEU A 705 6.59 -15.37 -38.99
CA LEU A 705 7.76 -14.61 -38.58
C LEU A 705 8.81 -14.61 -39.67
N LEU A 706 9.19 -15.79 -40.13
CA LEU A 706 10.14 -15.91 -41.23
C LEU A 706 9.63 -15.21 -42.48
N GLU A 707 8.31 -15.26 -42.69
CA GLU A 707 7.70 -14.59 -43.84
C GLU A 707 8.01 -13.10 -43.82
N HIS A 708 7.84 -12.47 -42.67
CA HIS A 708 7.96 -11.02 -42.56
C HIS A 708 9.37 -10.55 -42.17
N LEU A 709 10.30 -11.46 -41.90
CA LEU A 709 11.61 -11.05 -41.41
C LEU A 709 12.51 -10.35 -42.43
N PRO A 710 12.56 -10.78 -43.69
CA PRO A 710 13.55 -10.24 -44.63
C PRO A 710 13.44 -8.73 -44.80
N PRO A 711 12.23 -8.18 -44.90
CA PRO A 711 12.13 -6.72 -44.97
C PRO A 711 12.69 -6.03 -43.74
N LEU A 712 12.47 -6.59 -42.55
CA LEU A 712 13.05 -6.01 -41.34
C LEU A 712 14.57 -6.07 -41.38
N LEU A 713 15.13 -7.18 -41.87
CA LEU A 713 16.58 -7.31 -41.95
C LEU A 713 17.16 -6.27 -42.90
N GLU A 714 16.51 -6.07 -44.05
CA GLU A 714 16.96 -5.04 -44.98
C GLU A 714 16.78 -3.64 -44.38
N ALA A 715 15.74 -3.45 -43.58
CA ALA A 715 15.54 -2.16 -42.91
C ALA A 715 16.69 -1.88 -41.94
N ALA A 716 17.08 -2.88 -41.16
CA ALA A 716 18.16 -2.69 -40.20
C ALA A 716 19.49 -2.43 -40.89
N ARG A 717 19.70 -2.99 -42.07
CA ARG A 717 20.96 -2.82 -42.79
C ARG A 717 21.00 -1.54 -43.64
N ALA A 718 19.95 -0.71 -43.56
CA ALA A 718 19.91 0.55 -44.29
C ALA A 718 20.64 1.65 -43.52
N VAL A 719 21.02 2.70 -44.25
CA VAL A 719 21.45 3.94 -43.59
C VAL A 719 20.33 4.48 -42.72
N SER A 720 19.10 4.45 -43.24
CA SER A 720 17.93 4.95 -42.53
C SER A 720 17.64 4.19 -41.24
N ALA A 721 18.32 3.07 -41.00
CA ALA A 721 17.97 2.21 -39.88
C ALA A 721 18.25 2.90 -38.55
N LYS A 722 17.53 2.46 -37.52
CA LYS A 722 17.51 3.05 -36.19
C LYS A 722 17.72 1.97 -35.15
N PRO A 723 18.07 2.35 -33.92
CA PRO A 723 18.23 1.33 -32.86
C PRO A 723 17.00 0.47 -32.65
N MET A 724 15.81 1.05 -32.78
CA MET A 724 14.57 0.30 -32.62
C MET A 724 14.64 -1.04 -33.35
N HIS A 725 15.25 -1.04 -34.53
CA HIS A 725 15.25 -2.22 -35.38
C HIS A 725 15.95 -3.41 -34.72
N ALA A 726 17.01 -3.15 -33.95
CA ALA A 726 17.79 -4.22 -33.35
C ALA A 726 17.38 -4.54 -31.92
N SER A 727 16.50 -3.75 -31.32
CA SER A 727 16.21 -3.89 -29.90
C SER A 727 15.57 -5.25 -29.61
N PHE A 728 15.74 -5.69 -28.36
CA PHE A 728 15.12 -6.95 -27.94
C PHE A 728 13.62 -6.77 -27.75
N CYS A 729 13.19 -5.64 -27.18
CA CYS A 729 11.77 -5.43 -26.93
C CYS A 729 11.00 -5.28 -28.23
N GLN A 730 11.61 -4.65 -29.23
CA GLN A 730 10.87 -4.11 -30.35
C GLN A 730 11.28 -4.64 -31.70
N GLY A 731 12.50 -5.14 -31.85
CA GLY A 731 13.01 -5.51 -33.15
C GLY A 731 13.73 -6.84 -33.20
N LEU A 732 14.89 -6.83 -33.83
CA LEU A 732 15.50 -8.07 -34.30
C LEU A 732 16.03 -8.93 -33.16
N ALA A 733 16.55 -8.31 -32.10
CA ALA A 733 17.14 -9.12 -31.03
C ALA A 733 16.09 -10.02 -30.38
N GLY A 734 14.88 -9.52 -30.17
CA GLY A 734 13.83 -10.36 -29.60
C GLY A 734 13.44 -11.49 -30.52
N ILE A 735 13.28 -11.20 -31.81
CA ILE A 735 12.91 -12.23 -32.78
C ILE A 735 13.98 -13.29 -32.86
N GLY A 736 15.24 -12.87 -32.96
CA GLY A 736 16.35 -13.80 -32.96
C GLY A 736 16.38 -14.66 -31.71
N ALA A 737 16.11 -14.06 -30.55
CA ALA A 737 16.15 -14.82 -29.31
C ALA A 737 15.04 -15.88 -29.28
N ALA A 738 13.87 -15.55 -29.85
CA ALA A 738 12.79 -16.54 -29.92
C ALA A 738 13.15 -17.67 -30.89
N LEU A 739 13.69 -17.31 -32.05
CA LEU A 739 13.94 -18.31 -33.08
C LEU A 739 15.11 -19.21 -32.71
N ALA A 740 16.14 -18.66 -32.06
CA ALA A 740 17.24 -19.48 -31.59
C ALA A 740 16.74 -20.66 -30.77
N ARG A 741 15.66 -20.46 -30.02
CA ARG A 741 15.13 -21.50 -29.16
C ARG A 741 14.13 -22.40 -29.88
N THR A 742 13.27 -21.83 -30.73
CA THR A 742 12.35 -22.68 -31.47
C THR A 742 13.11 -23.62 -32.40
N GLY A 743 14.19 -23.14 -33.00
CA GLY A 743 15.06 -24.00 -33.77
C GLY A 743 15.50 -25.19 -32.93
N ARG A 744 16.45 -24.95 -32.03
CA ARG A 744 16.91 -25.95 -31.06
C ARG A 744 15.80 -26.95 -30.70
N ASP A 745 14.72 -26.45 -30.10
CA ASP A 745 13.77 -27.36 -29.48
C ASP A 745 12.94 -28.12 -30.50
N LEU A 746 12.64 -27.52 -31.65
CA LEU A 746 11.85 -28.18 -32.68
C LEU A 746 12.72 -28.77 -33.78
N GLY A 747 14.03 -28.76 -33.60
CA GLY A 747 14.93 -29.32 -34.61
C GLY A 747 14.75 -28.71 -35.97
N ALA A 748 14.64 -27.38 -36.04
CA ALA A 748 14.51 -26.66 -37.29
C ALA A 748 15.82 -25.96 -37.60
N ASP A 749 16.43 -26.31 -38.74
CA ASP A 749 17.61 -25.59 -39.20
C ASP A 749 17.23 -24.19 -39.68
N ASP A 750 16.07 -24.08 -40.33
CA ASP A 750 15.60 -22.80 -40.85
C ASP A 750 15.58 -21.73 -39.75
N HIS A 751 15.03 -22.09 -38.59
CA HIS A 751 14.88 -21.12 -37.50
C HIS A 751 16.24 -20.62 -37.02
N LEU A 752 17.16 -21.54 -36.74
CA LEU A 752 18.49 -21.13 -36.30
C LEU A 752 19.18 -20.26 -37.33
N GLN A 753 19.00 -20.56 -38.62
CA GLN A 753 19.63 -19.70 -39.64
C GLN A 753 19.04 -18.29 -39.60
N ALA A 754 17.71 -18.20 -39.43
CA ALA A 754 17.09 -16.88 -39.26
C ALA A 754 17.69 -16.15 -38.06
N ALA A 755 17.87 -16.87 -36.95
CA ALA A 755 18.49 -16.29 -35.77
C ALA A 755 19.88 -15.75 -36.08
N ARG A 756 20.67 -16.52 -36.84
CA ARG A 756 22.02 -16.09 -37.16
C ARG A 756 22.00 -14.79 -37.97
N GLU A 757 21.11 -14.70 -38.95
CA GLU A 757 21.04 -13.47 -39.76
C GLU A 757 20.60 -12.28 -38.90
N ALA A 758 19.60 -12.49 -38.04
CA ALA A 758 19.17 -11.42 -37.14
C ALA A 758 20.30 -10.96 -36.23
N ALA A 759 20.98 -11.92 -35.61
CA ALA A 759 22.16 -11.65 -34.79
C ALA A 759 23.15 -10.76 -35.53
N ALA A 760 23.42 -11.08 -36.80
CA ALA A 760 24.44 -10.31 -37.52
C ALA A 760 23.98 -8.88 -37.79
N ALA A 761 22.72 -8.71 -38.21
CA ALA A 761 22.18 -7.36 -38.36
C ALA A 761 22.36 -6.57 -37.06
N CYS A 762 22.02 -7.20 -35.93
CA CYS A 762 22.23 -6.57 -34.63
C CYS A 762 23.69 -6.21 -34.41
N LEU A 763 24.59 -7.12 -34.78
CA LEU A 763 26.02 -6.83 -34.62
C LEU A 763 26.39 -5.55 -35.33
N GLU A 764 25.82 -5.33 -36.52
CA GLU A 764 26.18 -4.12 -37.25
C GLU A 764 25.49 -2.88 -36.68
N LEU A 765 24.31 -3.03 -36.06
CA LEU A 765 23.65 -1.88 -35.48
C LEU A 765 24.16 -1.51 -34.09
N ALA A 766 24.90 -2.40 -33.44
CA ALA A 766 25.35 -2.18 -32.06
C ALA A 766 25.88 -0.77 -31.81
N PRO A 767 26.99 -0.36 -32.44
CA PRO A 767 27.65 0.87 -32.00
C PRO A 767 26.75 2.08 -32.05
N ARG A 768 25.77 2.07 -32.97
CA ARG A 768 24.83 3.17 -33.11
C ARG A 768 23.70 3.12 -32.07
N MET A 769 23.64 2.07 -31.27
CA MET A 769 22.57 1.94 -30.29
C MET A 769 22.70 3.02 -29.21
N TYR A 770 21.59 3.67 -28.89
CA TYR A 770 21.62 4.72 -27.88
C TYR A 770 21.77 4.12 -26.47
N ALA A 771 20.77 3.36 -26.02
CA ALA A 771 20.81 2.79 -24.69
C ALA A 771 21.76 1.60 -24.63
N LEU A 772 22.21 1.30 -23.41
CA LEU A 772 22.97 0.09 -23.13
C LEU A 772 22.12 -1.01 -22.52
N THR A 773 20.81 -0.80 -22.42
CA THR A 773 19.96 -1.60 -21.54
C THR A 773 19.40 -2.83 -22.26
N GLN A 774 18.70 -3.67 -21.48
CA GLN A 774 18.23 -4.95 -21.99
C GLN A 774 17.07 -4.78 -22.97
N CYS A 775 16.14 -3.87 -22.67
CA CYS A 775 14.96 -3.70 -23.51
C CYS A 775 15.28 -2.90 -24.76
N CYS A 776 16.16 -1.90 -24.65
CA CYS A 776 16.39 -0.95 -25.73
C CYS A 776 17.85 -0.81 -26.14
N GLY A 777 18.76 -1.61 -25.59
CA GLY A 777 20.17 -1.39 -25.85
C GLY A 777 21.07 -2.60 -25.95
N LEU A 778 22.36 -2.38 -25.74
CA LEU A 778 23.38 -3.34 -26.14
C LEU A 778 23.25 -4.67 -25.42
N ALA A 779 22.82 -4.65 -24.16
CA ALA A 779 22.80 -5.88 -23.38
C ALA A 779 21.88 -6.91 -24.00
N GLY A 780 20.68 -6.51 -24.47
CA GLY A 780 19.80 -7.45 -25.13
C GLY A 780 20.46 -8.11 -26.33
N ILE A 781 21.14 -7.31 -27.15
CA ILE A 781 21.89 -7.85 -28.29
C ILE A 781 22.88 -8.91 -27.83
N GLY A 782 23.80 -8.52 -26.95
CA GLY A 782 24.79 -9.47 -26.47
C GLY A 782 24.17 -10.72 -25.87
N GLU A 783 22.96 -10.57 -25.31
CA GLU A 783 22.27 -11.73 -24.76
C GLU A 783 21.87 -12.68 -25.87
N LEU A 784 21.33 -12.16 -26.97
CA LEU A 784 21.08 -13.03 -28.12
C LEU A 784 22.37 -13.69 -28.58
N PHE A 785 23.46 -12.93 -28.62
CA PHE A 785 24.73 -13.47 -29.10
C PHE A 785 25.16 -14.67 -28.27
N LEU A 786 25.22 -14.52 -26.95
CA LEU A 786 25.70 -15.63 -26.14
C LEU A 786 24.63 -16.70 -25.94
N ASP A 787 23.36 -16.39 -26.17
CA ASP A 787 22.35 -17.43 -26.35
C ASP A 787 22.74 -18.35 -27.49
N LEU A 788 22.91 -17.78 -28.69
CA LEU A 788 23.32 -18.58 -29.84
C LEU A 788 24.59 -19.36 -29.52
N CYS A 789 25.54 -18.74 -28.82
CA CYS A 789 26.71 -19.49 -28.36
C CYS A 789 26.31 -20.74 -27.60
N GLN A 790 25.46 -20.58 -26.58
CA GLN A 790 25.01 -21.73 -25.80
C GLN A 790 24.36 -22.80 -26.67
N ILE A 791 23.57 -22.39 -27.66
CA ILE A 791 22.80 -23.36 -28.42
C ILE A 791 23.68 -24.06 -29.46
N THR A 792 24.65 -23.35 -30.05
CA THR A 792 25.41 -23.85 -31.18
C THR A 792 26.88 -23.46 -30.98
N GLY A 793 27.56 -24.17 -30.07
CA GLY A 793 28.90 -23.83 -29.62
C GLY A 793 29.85 -23.19 -30.60
N ASP A 794 29.37 -22.20 -31.35
CA ASP A 794 30.16 -21.65 -32.45
C ASP A 794 31.38 -20.91 -31.94
N ARG A 795 31.28 -20.27 -30.78
CA ARG A 795 32.35 -19.48 -30.18
C ARG A 795 32.65 -18.22 -30.99
N THR A 796 32.15 -18.12 -32.22
CA THR A 796 32.17 -16.82 -32.90
C THR A 796 31.14 -15.89 -32.25
N TYR A 797 29.99 -16.43 -31.85
CA TYR A 797 29.03 -15.65 -31.08
C TYR A 797 29.64 -15.16 -29.78
N ALA A 798 30.53 -15.95 -29.19
CA ALA A 798 31.23 -15.51 -27.98
C ALA A 798 32.04 -14.24 -28.26
N GLN A 799 32.77 -14.23 -29.38
CA GLN A 799 33.51 -13.04 -29.77
C GLN A 799 32.56 -11.86 -29.99
N TRP A 800 31.42 -12.11 -30.62
CA TRP A 800 30.42 -11.06 -30.83
C TRP A 800 29.98 -10.47 -29.49
N ALA A 801 29.63 -11.33 -28.53
CA ALA A 801 29.21 -10.85 -27.22
C ALA A 801 30.32 -10.05 -26.55
N ASP A 802 31.57 -10.48 -26.72
CA ASP A 802 32.69 -9.71 -26.18
C ASP A 802 32.75 -8.32 -26.79
N ARG A 803 32.47 -8.20 -28.09
CA ARG A 803 32.40 -6.88 -28.70
C ARG A 803 31.30 -6.04 -28.06
N ILE A 804 30.14 -6.66 -27.84
CA ILE A 804 29.04 -5.93 -27.20
C ILE A 804 29.45 -5.42 -25.83
N ALA A 805 30.15 -6.26 -25.06
CA ALA A 805 30.61 -5.86 -23.73
C ALA A 805 31.63 -4.73 -23.82
N ASP A 806 32.54 -4.81 -24.80
CA ASP A 806 33.51 -3.72 -24.97
C ASP A 806 32.78 -2.41 -25.23
N LEU A 807 31.74 -2.44 -26.06
CA LEU A 807 30.97 -1.22 -26.30
C LEU A 807 30.34 -0.72 -25.00
N ILE A 808 29.58 -1.59 -24.33
CA ILE A 808 28.94 -1.22 -23.07
C ILE A 808 29.92 -0.53 -22.14
N LEU A 809 31.08 -1.17 -21.91
CA LEU A 809 32.06 -0.60 -20.99
C LEU A 809 32.61 0.73 -21.51
N ALA A 810 32.85 0.82 -22.81
CA ALA A 810 33.36 2.06 -23.38
C ALA A 810 32.35 3.19 -23.29
N ARG A 811 31.09 2.88 -22.99
CA ARG A 811 30.06 3.90 -22.85
C ARG A 811 29.68 4.19 -21.40
N ALA A 812 30.32 3.53 -20.43
CA ALA A 812 30.06 3.81 -19.03
C ALA A 812 30.71 5.13 -18.62
N GLY A 813 30.22 5.67 -17.50
CA GLY A 813 30.86 6.80 -16.86
C GLY A 813 31.89 6.37 -15.83
N GLY A 814 32.36 7.34 -15.07
CA GLY A 814 33.18 7.09 -13.91
C GLY A 814 34.41 6.21 -14.10
N SER A 815 34.90 6.09 -15.33
CA SER A 815 36.16 5.37 -15.55
C SER A 815 36.00 3.88 -15.28
N PRO A 816 37.05 3.08 -15.47
CA PRO A 816 36.89 1.62 -15.29
C PRO A 816 36.67 1.19 -13.85
N GLU A 817 37.43 1.73 -12.89
CA GLU A 817 37.29 1.28 -11.52
C GLU A 817 35.86 1.47 -11.01
N ALA A 818 35.13 2.44 -11.57
CA ALA A 818 33.81 2.81 -11.09
C ALA A 818 32.92 3.14 -12.29
N PRO A 819 32.40 2.10 -12.97
CA PRO A 819 31.76 2.34 -14.27
C PRO A 819 30.43 3.09 -14.29
N VAL A 820 29.45 2.72 -13.46
CA VAL A 820 28.11 3.30 -13.49
C VAL A 820 27.59 3.46 -14.91
N PHE A 821 26.55 2.70 -15.27
CA PHE A 821 26.02 2.70 -16.63
C PHE A 821 24.73 3.52 -16.71
N PRO A 822 24.54 4.36 -17.73
CA PRO A 822 23.40 5.28 -17.73
C PRO A 822 22.06 4.63 -18.04
N ASP A 823 21.01 5.38 -17.70
CA ASP A 823 19.63 4.98 -17.84
C ASP A 823 19.14 5.15 -19.29
N THR A 824 17.86 4.81 -19.49
CA THR A 824 17.11 5.31 -20.64
C THR A 824 16.99 6.83 -20.63
N SER A 825 17.31 7.46 -19.48
CA SER A 825 17.40 8.91 -19.39
C SER A 825 18.75 9.44 -19.86
N LEU A 826 19.74 8.57 -20.01
CA LEU A 826 21.06 8.92 -20.52
C LEU A 826 21.93 9.65 -19.49
N HIS A 827 21.38 10.63 -18.79
CA HIS A 827 22.20 11.50 -17.95
C HIS A 827 22.30 11.03 -16.50
N GLY A 828 21.49 10.06 -16.07
CA GLY A 828 21.64 9.46 -14.77
C GLY A 828 21.53 7.95 -14.88
N SER A 829 21.83 7.27 -13.78
CA SER A 829 21.64 5.84 -13.70
C SER A 829 20.47 5.49 -12.79
N SER A 830 20.03 4.24 -12.91
CA SER A 830 19.00 3.66 -12.08
C SER A 830 19.31 2.17 -11.95
N GLY A 831 18.66 1.52 -10.99
CA GLY A 831 18.92 0.13 -10.72
C GLY A 831 17.97 -0.85 -11.37
N GLY A 832 16.95 -0.36 -12.09
CA GLY A 832 16.01 -1.26 -12.73
C GLY A 832 16.69 -2.24 -13.67
N TRP A 833 15.97 -3.31 -13.99
CA TRP A 833 16.56 -4.38 -14.79
C TRP A 833 16.47 -4.12 -16.28
N SER A 834 15.26 -4.00 -16.83
CA SER A 834 15.12 -3.88 -18.27
C SER A 834 15.73 -2.57 -18.77
N ILE A 835 15.57 -1.49 -18.01
CA ILE A 835 15.95 -0.16 -18.46
C ILE A 835 17.16 0.38 -17.71
N GLY A 836 17.81 -0.46 -16.90
CA GLY A 836 18.95 0.04 -16.15
C GLY A 836 20.00 -0.99 -15.80
N THR A 837 20.75 -0.69 -14.72
CA THR A 837 22.02 -1.34 -14.45
C THR A 837 21.88 -2.81 -14.08
N SER A 838 20.72 -3.22 -13.59
CA SER A 838 20.53 -4.62 -13.21
C SER A 838 20.67 -5.55 -14.41
N GLY A 839 20.01 -5.22 -15.52
CA GLY A 839 20.14 -6.05 -16.71
C GLY A 839 21.54 -6.02 -17.29
N VAL A 840 22.19 -4.86 -17.26
CA VAL A 840 23.58 -4.77 -17.71
C VAL A 840 24.43 -5.75 -16.91
N VAL A 841 24.22 -5.80 -15.60
CA VAL A 841 24.95 -6.76 -14.78
C VAL A 841 24.62 -8.18 -15.19
N SER A 842 23.33 -8.47 -15.43
CA SER A 842 22.96 -9.80 -15.91
C SER A 842 23.83 -10.22 -17.08
N PHE A 843 23.93 -9.36 -18.09
CA PHE A 843 24.70 -9.70 -19.28
C PHE A 843 26.18 -9.88 -18.94
N LEU A 844 26.77 -8.88 -18.30
CA LEU A 844 28.20 -8.94 -17.98
C LEU A 844 28.50 -10.17 -17.13
N ARG A 845 27.50 -10.64 -16.38
CA ARG A 845 27.64 -11.83 -15.56
C ARG A 845 27.70 -13.08 -16.43
N ARG A 846 26.70 -13.25 -17.30
CA ARG A 846 26.69 -14.44 -18.14
C ARG A 846 27.88 -14.50 -19.08
N LEU A 847 28.51 -13.35 -19.38
CA LEU A 847 29.65 -13.38 -20.28
C LEU A 847 30.74 -14.34 -19.78
N GLY A 848 30.86 -14.49 -18.47
CA GLY A 848 31.76 -15.45 -17.87
C GLY A 848 31.08 -16.72 -17.43
N ASP A 849 29.77 -16.84 -17.61
CA ASP A 849 29.03 -18.07 -17.33
C ASP A 849 28.04 -18.30 -18.46
N PRO A 850 28.54 -18.62 -19.67
CA PRO A 850 27.64 -18.79 -20.81
C PRO A 850 26.66 -19.93 -20.64
N ALA A 851 27.04 -20.97 -19.88
CA ALA A 851 26.14 -22.07 -19.64
C ALA A 851 24.89 -21.63 -18.87
N ALA A 852 25.01 -20.57 -18.07
CA ALA A 852 23.89 -20.11 -17.27
C ALA A 852 22.72 -19.70 -18.16
N PRO A 853 21.48 -19.94 -17.72
CA PRO A 853 20.33 -19.56 -18.55
C PRO A 853 20.09 -18.07 -18.59
N ARG A 854 19.46 -17.63 -19.68
CA ARG A 854 19.03 -16.25 -19.81
C ARG A 854 17.79 -16.01 -18.97
N LEU A 855 17.75 -14.86 -18.30
CA LEU A 855 16.69 -14.60 -17.34
C LEU A 855 15.36 -14.33 -18.05
N TRP A 856 14.30 -14.94 -17.53
CA TRP A 856 12.93 -14.71 -17.98
C TRP A 856 12.65 -15.35 -19.33
N LEU A 857 13.69 -15.83 -20.00
CA LEU A 857 13.55 -16.54 -21.27
C LEU A 857 13.87 -18.03 -21.15
N ASP A 858 14.94 -18.39 -20.42
CA ASP A 858 15.27 -19.78 -20.15
C ASP A 858 14.91 -20.14 -18.72
N PRO A 859 14.54 -21.39 -18.43
CA PRO A 859 14.10 -21.73 -17.06
C PRO A 859 15.27 -21.97 -16.11
N PRO A 860 14.97 -22.10 -14.82
CA PRO A 860 16.06 -22.29 -13.83
C PRO A 860 16.88 -23.53 -14.15
N ALA A 861 18.15 -23.49 -13.72
CA ALA A 861 19.10 -24.53 -14.13
C ALA A 861 20.26 -24.58 -13.14
N GLY A 862 21.01 -25.67 -13.23
CA GLY A 862 22.13 -25.93 -12.34
C GLY A 862 23.46 -25.49 -12.93
N THR A 863 24.39 -25.12 -12.04
CA THR A 863 25.64 -24.48 -12.41
C THR A 863 25.40 -23.08 -12.97
N ALA A 864 24.28 -22.47 -12.56
CA ALA A 864 23.86 -21.19 -13.11
C ALA A 864 23.34 -20.23 -12.06
N ARG A 865 23.44 -20.57 -10.78
CA ARG A 865 22.93 -19.72 -9.72
C ARG A 865 24.09 -19.18 -8.89
N ALA B 6 -32.19 -31.46 -0.37
CA ALA B 6 -32.35 -30.43 0.64
C ALA B 6 -31.18 -29.44 0.58
N THR B 7 -29.95 -29.97 0.59
CA THR B 7 -28.76 -29.15 0.43
C THR B 7 -28.08 -29.52 -0.88
N PRO B 8 -28.08 -28.66 -1.90
CA PRO B 8 -27.41 -29.02 -3.16
C PRO B 8 -25.92 -29.18 -2.97
N THR B 9 -25.31 -29.82 -3.95
CA THR B 9 -23.86 -29.98 -4.01
C THR B 9 -23.27 -28.79 -4.77
N GLU B 10 -21.94 -28.69 -4.76
CA GLU B 10 -21.32 -27.69 -5.61
C GLU B 10 -21.52 -28.04 -7.08
N GLN B 11 -21.64 -29.33 -7.42
CA GLN B 11 -21.75 -29.72 -8.82
C GLN B 11 -23.16 -29.50 -9.36
N GLU B 12 -24.20 -29.73 -8.54
CA GLU B 12 -25.54 -29.41 -8.99
C GLU B 12 -25.65 -27.92 -9.31
N LEU B 13 -25.18 -27.08 -8.38
CA LEU B 13 -25.12 -25.65 -8.61
C LEU B 13 -24.32 -25.32 -9.85
N ARG B 14 -23.15 -25.96 -9.98
CA ARG B 14 -22.27 -25.66 -11.11
C ARG B 14 -22.92 -26.02 -12.43
N ALA B 15 -23.64 -27.14 -12.48
CA ALA B 15 -24.39 -27.49 -13.68
C ALA B 15 -25.46 -26.45 -13.98
N GLU B 16 -26.32 -26.19 -12.99
CA GLU B 16 -27.39 -25.22 -13.15
C GLU B 16 -26.88 -23.89 -13.68
N LEU B 17 -25.73 -23.45 -13.18
CA LEU B 17 -25.16 -22.17 -13.61
C LEU B 17 -24.49 -22.30 -14.98
N THR B 18 -23.55 -23.24 -15.10
CA THR B 18 -22.72 -23.32 -16.29
C THR B 18 -23.55 -23.47 -17.54
N GLY B 19 -24.70 -24.13 -17.46
CA GLY B 19 -25.59 -24.17 -18.59
C GLY B 19 -25.76 -22.80 -19.23
N PRO B 20 -26.70 -22.01 -18.73
CA PRO B 20 -26.95 -20.69 -19.35
C PRO B 20 -25.74 -19.77 -19.41
N VAL B 21 -24.87 -19.79 -18.39
CA VAL B 21 -23.83 -18.76 -18.30
C VAL B 21 -22.97 -18.75 -19.56
N THR B 22 -22.58 -19.94 -20.04
CA THR B 22 -21.85 -20.01 -21.29
C THR B 22 -22.71 -19.51 -22.45
N GLY B 23 -24.03 -19.45 -22.25
CA GLY B 23 -24.91 -18.93 -23.29
C GLY B 23 -24.76 -17.44 -23.51
N ALA B 24 -24.47 -16.68 -22.47
CA ALA B 24 -24.22 -15.25 -22.57
C ALA B 24 -22.73 -14.94 -22.63
N GLY B 25 -21.88 -15.95 -22.77
CA GLY B 25 -20.46 -15.72 -22.95
C GLY B 25 -19.70 -15.37 -21.70
N ARG B 26 -20.28 -15.60 -20.53
CA ARG B 26 -19.62 -15.31 -19.26
C ARG B 26 -18.92 -16.56 -18.75
N GLN B 27 -17.89 -16.34 -17.92
CA GLN B 27 -17.05 -17.45 -17.47
C GLN B 27 -17.13 -17.58 -15.94
N ILE B 28 -17.06 -18.81 -15.45
CA ILE B 28 -17.13 -19.08 -14.03
C ILE B 28 -15.72 -19.32 -13.49
N HIS B 29 -15.42 -18.70 -12.37
CA HIS B 29 -14.22 -19.00 -11.59
C HIS B 29 -14.63 -19.02 -10.13
N ALA B 30 -14.00 -19.90 -9.36
CA ALA B 30 -14.43 -20.17 -7.99
C ALA B 30 -13.34 -19.75 -7.02
N ARG B 31 -13.72 -18.97 -6.01
CA ARG B 31 -12.77 -18.53 -5.00
C ARG B 31 -13.49 -18.38 -3.67
N GLY B 32 -12.77 -18.68 -2.59
CA GLY B 32 -13.38 -18.59 -1.28
C GLY B 32 -14.57 -19.51 -1.16
N VAL B 33 -15.70 -18.96 -0.74
CA VAL B 33 -16.95 -19.70 -0.67
C VAL B 33 -17.88 -19.35 -1.84
N TRP B 34 -17.38 -18.59 -2.81
CA TRP B 34 -18.21 -18.12 -3.90
C TRP B 34 -17.80 -18.75 -5.23
N LEU B 35 -18.79 -18.89 -6.09
CA LEU B 35 -18.67 -19.22 -7.50
C LEU B 35 -19.05 -17.94 -8.22
N ALA B 36 -18.06 -17.25 -8.77
CA ALA B 36 -18.28 -15.95 -9.38
C ALA B 36 -18.32 -16.12 -10.89
N VAL B 37 -19.39 -15.63 -11.50
CA VAL B 37 -19.52 -15.62 -12.95
C VAL B 37 -19.28 -14.19 -13.42
N ASP B 38 -18.41 -14.08 -14.42
CA ASP B 38 -17.83 -12.85 -14.90
C ASP B 38 -18.27 -12.64 -16.33
N ASP B 39 -19.02 -11.58 -16.55
CA ASP B 39 -19.28 -11.05 -17.88
C ASP B 39 -18.06 -10.30 -18.36
N PRO B 40 -17.50 -10.63 -19.53
CA PRO B 40 -16.30 -9.91 -19.99
C PRO B 40 -16.59 -8.50 -20.49
N ALA B 41 -17.82 -8.21 -20.89
CA ALA B 41 -18.18 -6.91 -21.41
C ALA B 41 -18.58 -5.91 -20.32
N PHE B 42 -18.63 -6.33 -19.06
CA PHE B 42 -18.98 -5.47 -17.95
C PHE B 42 -17.72 -5.08 -17.19
N HIS B 43 -17.56 -3.78 -16.93
CA HIS B 43 -16.46 -3.28 -16.13
C HIS B 43 -16.99 -2.93 -14.75
N LEU B 44 -16.54 -3.64 -13.74
CA LEU B 44 -17.10 -3.50 -12.40
C LEU B 44 -16.58 -2.24 -11.74
N PRO B 45 -17.43 -1.27 -11.40
CA PRO B 45 -16.95 -0.10 -10.66
C PRO B 45 -16.45 -0.56 -9.28
N ARG B 46 -15.86 0.39 -8.52
CA ARG B 46 -15.21 0.01 -7.28
C ARG B 46 -16.13 0.04 -6.06
N GLN B 47 -17.28 0.70 -6.18
CA GLN B 47 -18.26 0.77 -5.10
C GLN B 47 -19.61 1.10 -5.72
N GLY B 48 -20.66 0.93 -4.95
CA GLY B 48 -21.97 1.35 -5.41
C GLY B 48 -23.07 0.47 -4.84
N TRP B 49 -24.18 0.45 -5.57
CA TRP B 49 -25.38 -0.28 -5.17
C TRP B 49 -25.29 -1.72 -5.67
N LYS B 50 -25.17 -2.66 -4.73
CA LYS B 50 -25.22 -4.08 -5.00
C LYS B 50 -26.54 -4.65 -4.50
N ILE B 51 -26.90 -5.81 -5.04
CA ILE B 51 -28.16 -6.48 -4.71
C ILE B 51 -27.83 -7.84 -4.10
N HIS B 52 -28.46 -8.16 -2.98
CA HIS B 52 -28.34 -9.47 -2.36
C HIS B 52 -29.65 -10.23 -2.50
N LEU B 53 -29.54 -11.52 -2.81
CA LEU B 53 -30.66 -12.45 -2.80
C LEU B 53 -30.44 -13.45 -1.67
N SER B 54 -31.47 -13.63 -0.85
CA SER B 54 -31.48 -14.59 0.24
C SER B 54 -32.17 -15.87 -0.21
N ALA B 55 -31.71 -16.98 0.34
CA ALA B 55 -32.24 -18.29 0.00
C ALA B 55 -31.73 -19.28 1.04
N ARG B 56 -32.16 -20.53 0.90
CA ARG B 56 -31.77 -21.60 1.79
C ARG B 56 -31.29 -22.77 0.96
N PRO B 57 -30.39 -23.61 1.51
CA PRO B 57 -29.91 -24.78 0.76
C PRO B 57 -31.02 -25.42 -0.04
N ALA B 58 -32.20 -25.58 0.57
CA ALA B 58 -33.33 -26.16 -0.12
C ALA B 58 -33.78 -25.31 -1.30
N THR B 59 -33.61 -23.99 -1.22
CA THR B 59 -34.13 -23.07 -2.22
C THR B 59 -33.07 -22.40 -3.08
N LEU B 60 -31.78 -22.57 -2.76
CA LEU B 60 -30.72 -21.93 -3.54
C LEU B 60 -30.77 -22.36 -5.00
N GLN B 61 -30.99 -23.64 -5.25
CA GLN B 61 -31.00 -24.14 -6.63
C GLN B 61 -32.09 -23.45 -7.46
N GLU B 62 -33.31 -23.38 -6.92
CA GLU B 62 -34.37 -22.69 -7.64
C GLU B 62 -34.16 -21.17 -7.68
N THR B 63 -33.54 -20.60 -6.65
CA THR B 63 -33.23 -19.18 -6.67
C THR B 63 -32.36 -18.87 -7.88
N ILE B 64 -31.27 -19.61 -8.04
CA ILE B 64 -30.45 -19.48 -9.25
C ILE B 64 -31.32 -19.62 -10.49
N ARG B 65 -32.23 -20.60 -10.49
CA ARG B 65 -33.08 -20.81 -11.66
C ARG B 65 -33.77 -19.51 -12.06
N ARG B 66 -34.64 -19.01 -11.17
CA ARG B 66 -35.41 -17.81 -11.48
C ARG B 66 -34.53 -16.59 -11.65
N MET B 67 -33.29 -16.68 -11.21
CA MET B 67 -32.37 -15.55 -11.24
C MET B 67 -31.69 -15.40 -12.60
N LEU B 68 -31.18 -16.50 -13.14
CA LEU B 68 -30.33 -16.43 -14.32
C LEU B 68 -30.92 -15.62 -15.47
N PRO B 69 -32.19 -15.74 -15.84
CA PRO B 69 -32.72 -14.90 -16.91
C PRO B 69 -32.34 -13.43 -16.75
N ALA B 70 -32.73 -12.84 -15.62
CA ALA B 70 -32.53 -11.41 -15.41
C ALA B 70 -31.04 -11.06 -15.37
N VAL B 71 -30.27 -11.78 -14.54
CA VAL B 71 -28.87 -11.42 -14.35
C VAL B 71 -28.11 -11.55 -15.67
N LEU B 72 -28.43 -12.56 -16.48
CA LEU B 72 -27.77 -12.73 -17.75
C LEU B 72 -28.33 -11.83 -18.85
N ALA B 73 -29.45 -11.15 -18.60
CA ALA B 73 -29.96 -10.22 -19.61
C ALA B 73 -29.12 -8.95 -19.68
N VAL B 74 -28.75 -8.38 -18.53
CA VAL B 74 -28.02 -7.12 -18.49
C VAL B 74 -26.57 -7.36 -18.10
N PRO B 75 -25.66 -6.45 -18.43
CA PRO B 75 -24.24 -6.67 -18.08
C PRO B 75 -24.02 -6.46 -16.59
N CYS B 76 -23.40 -7.45 -15.95
CA CYS B 76 -23.20 -7.41 -14.51
C CYS B 76 -22.27 -8.55 -14.12
N HIS B 77 -21.87 -8.53 -12.86
CA HIS B 77 -21.01 -9.54 -12.26
C HIS B 77 -21.79 -10.17 -11.12
N PHE B 78 -21.64 -11.48 -10.89
CA PHE B 78 -22.31 -11.95 -9.69
C PHE B 78 -21.64 -13.17 -9.10
N LYS B 79 -21.91 -13.38 -7.80
CA LYS B 79 -21.31 -14.45 -7.01
C LYS B 79 -22.42 -15.22 -6.32
N VAL B 80 -22.27 -16.55 -6.32
CA VAL B 80 -23.22 -17.46 -5.69
C VAL B 80 -22.47 -18.30 -4.68
N VAL B 81 -23.09 -18.56 -3.52
CA VAL B 81 -22.38 -19.35 -2.51
C VAL B 81 -22.06 -20.72 -3.10
N ARG B 82 -20.89 -21.25 -2.72
CA ARG B 82 -20.32 -22.38 -3.44
C ARG B 82 -21.21 -23.61 -3.37
N SER B 83 -21.82 -23.87 -2.20
CA SER B 83 -22.60 -25.09 -2.03
C SER B 83 -23.62 -24.86 -0.91
N GLY B 84 -24.37 -25.92 -0.61
CA GLY B 84 -25.38 -25.82 0.42
C GLY B 84 -24.80 -25.76 1.82
N ARG B 85 -23.72 -26.49 2.07
CA ARG B 85 -23.08 -26.45 3.38
C ARG B 85 -22.44 -25.09 3.63
N HIS B 86 -21.89 -24.48 2.57
CA HIS B 86 -21.41 -23.11 2.68
C HIS B 86 -22.54 -22.17 3.11
N LEU B 87 -23.70 -22.29 2.48
CA LEU B 87 -24.83 -21.43 2.84
C LEU B 87 -25.30 -21.70 4.25
N GLN B 88 -25.23 -22.95 4.71
CA GLN B 88 -25.57 -23.23 6.11
C GLN B 88 -24.62 -22.49 7.04
N ASP B 89 -23.31 -22.67 6.84
CA ASP B 89 -22.33 -21.88 7.58
C ASP B 89 -22.70 -20.39 7.55
N LEU B 90 -23.11 -19.90 6.38
CA LEU B 90 -23.30 -18.47 6.20
C LEU B 90 -24.53 -17.96 6.94
N ASN B 91 -25.57 -18.78 7.02
CA ASN B 91 -26.80 -18.41 7.72
C ASN B 91 -26.75 -18.79 9.19
N SER B 92 -25.64 -19.32 9.67
CA SER B 92 -25.40 -19.52 11.09
C SER B 92 -24.77 -18.25 11.66
N ALA B 93 -25.25 -17.83 12.83
CA ALA B 93 -24.74 -16.60 13.43
C ALA B 93 -23.39 -16.79 14.10
N ASN B 94 -23.06 -18.02 14.52
CA ASN B 94 -21.75 -18.27 15.10
C ASN B 94 -20.63 -17.98 14.09
N ASN B 95 -20.95 -17.96 12.80
CA ASN B 95 -19.96 -17.63 11.77
C ASN B 95 -19.83 -16.11 11.62
N HIS B 96 -20.46 -15.55 10.60
CA HIS B 96 -20.42 -14.10 10.35
C HIS B 96 -21.82 -13.53 10.51
N PRO B 97 -22.16 -12.96 11.67
CA PRO B 97 -23.53 -12.46 11.87
C PRO B 97 -23.96 -11.41 10.86
N GLY B 98 -23.02 -10.75 10.20
CA GLY B 98 -23.37 -9.71 9.24
C GLY B 98 -23.62 -10.24 7.85
N SER B 99 -23.21 -11.48 7.59
CA SER B 99 -23.34 -12.07 6.27
C SER B 99 -24.42 -13.15 6.20
N ILE B 100 -25.40 -13.11 7.11
CA ILE B 100 -26.50 -14.07 7.07
C ILE B 100 -27.48 -13.64 5.98
N GLY B 101 -27.79 -14.55 5.06
CA GLY B 101 -28.70 -14.29 3.97
C GLY B 101 -28.06 -13.86 2.67
N LYS B 102 -26.76 -13.56 2.67
CA LYS B 102 -26.08 -13.09 1.47
C LYS B 102 -25.79 -14.27 0.52
N ALA B 103 -26.86 -14.97 0.13
CA ALA B 103 -26.69 -16.16 -0.71
C ALA B 103 -26.14 -15.78 -2.08
N VAL B 104 -26.71 -14.78 -2.73
CA VAL B 104 -26.29 -14.36 -4.06
C VAL B 104 -26.04 -12.86 -4.05
N THR B 105 -24.92 -12.43 -4.62
CA THR B 105 -24.61 -11.01 -4.72
C THR B 105 -24.47 -10.62 -6.18
N ILE B 106 -25.04 -9.47 -6.54
CA ILE B 106 -25.13 -9.00 -7.91
C ILE B 106 -24.62 -7.57 -7.97
N TYR B 107 -23.66 -7.32 -8.86
CA TYR B 107 -23.06 -6.00 -9.09
C TYR B 107 -23.42 -5.57 -10.51
N PRO B 108 -24.39 -4.68 -10.69
CA PRO B 108 -24.76 -4.24 -12.04
C PRO B 108 -24.46 -2.77 -12.27
N SER B 109 -24.76 -2.27 -13.46
CA SER B 109 -24.56 -0.86 -13.74
C SER B 109 -25.61 -0.03 -13.02
N PRO B 110 -25.25 1.12 -12.44
CA PRO B 110 -26.21 1.94 -11.69
C PRO B 110 -27.53 2.10 -12.43
N GLU B 111 -27.46 2.59 -13.65
CA GLU B 111 -28.58 2.66 -14.58
C GLU B 111 -29.50 1.45 -14.52
N ASP B 112 -28.94 0.27 -14.30
CA ASP B 112 -29.70 -0.98 -14.35
C ASP B 112 -30.06 -1.56 -12.99
N VAL B 113 -29.68 -0.90 -11.89
CA VAL B 113 -29.86 -1.48 -10.56
C VAL B 113 -31.34 -1.57 -10.20
N ALA B 114 -31.99 -0.41 -10.01
CA ALA B 114 -33.40 -0.41 -9.64
C ALA B 114 -34.24 -1.36 -10.50
N PRO B 115 -34.18 -1.30 -11.82
CA PRO B 115 -34.93 -2.28 -12.63
C PRO B 115 -34.54 -3.72 -12.30
N LEU B 116 -33.26 -4.04 -12.45
CA LEU B 116 -32.80 -5.40 -12.15
C LEU B 116 -33.32 -5.87 -10.79
N ALA B 117 -33.34 -4.96 -9.81
CA ALA B 117 -33.83 -5.32 -8.49
C ALA B 117 -35.32 -5.65 -8.52
N ARG B 118 -36.13 -4.75 -9.10
CA ARG B 118 -37.58 -4.98 -9.10
C ARG B 118 -37.91 -6.30 -9.80
N ARG B 119 -37.37 -6.50 -11.01
CA ARG B 119 -37.62 -7.73 -11.78
C ARG B 119 -37.38 -8.94 -10.88
N LEU B 120 -36.12 -9.17 -10.50
CA LEU B 120 -35.80 -10.31 -9.65
C LEU B 120 -36.80 -10.44 -8.51
N ALA B 121 -37.17 -9.33 -7.88
CA ALA B 121 -38.11 -9.38 -6.78
C ALA B 121 -39.39 -10.12 -7.20
N GLU B 122 -40.10 -9.58 -8.20
CA GLU B 122 -41.28 -10.26 -8.69
C GLU B 122 -40.95 -11.66 -9.19
N ASP B 123 -39.76 -11.84 -9.78
CA ASP B 123 -39.39 -13.13 -10.33
C ASP B 123 -39.12 -14.16 -9.25
N LEU B 124 -38.78 -13.73 -8.05
CA LEU B 124 -38.68 -14.63 -6.91
C LEU B 124 -40.05 -14.66 -6.24
N ALA B 125 -40.26 -13.80 -5.24
CA ALA B 125 -41.60 -13.58 -4.70
C ALA B 125 -42.19 -14.85 -4.10
N GLY B 126 -42.64 -14.77 -2.85
CA GLY B 126 -43.09 -15.95 -2.14
C GLY B 126 -41.99 -16.91 -1.73
N MET B 127 -40.76 -16.69 -2.18
CA MET B 127 -39.63 -17.45 -1.69
C MET B 127 -39.12 -16.83 -0.39
N ALA B 128 -38.53 -17.66 0.46
CA ALA B 128 -38.24 -17.30 1.84
C ALA B 128 -36.77 -17.47 2.16
N GLY B 129 -36.24 -16.55 2.97
CA GLY B 129 -34.87 -16.64 3.42
C GLY B 129 -34.57 -15.67 4.54
N PRO B 130 -33.38 -15.79 5.13
CA PRO B 130 -33.01 -14.92 6.26
C PRO B 130 -33.02 -13.46 5.84
N ARG B 131 -33.85 -12.67 6.51
CA ARG B 131 -33.86 -11.24 6.27
C ARG B 131 -32.47 -10.66 6.51
N ILE B 132 -32.13 -9.62 5.76
CA ILE B 132 -30.83 -8.97 5.82
C ILE B 132 -31.02 -7.61 6.47
N CYS B 133 -30.60 -7.49 7.73
CA CYS B 133 -30.74 -6.23 8.45
C CYS B 133 -29.88 -5.14 7.84
N SER B 134 -28.73 -5.50 7.27
CA SER B 134 -27.77 -4.53 6.77
C SER B 134 -28.14 -3.97 5.40
N ASP B 135 -29.23 -4.43 4.80
CA ASP B 135 -29.66 -3.98 3.50
C ASP B 135 -31.07 -3.42 3.57
N ARG B 136 -31.46 -2.69 2.53
CA ARG B 136 -32.85 -2.34 2.31
C ARG B 136 -33.56 -3.49 1.58
N ARG B 137 -34.89 -3.44 1.56
CA ARG B 137 -35.71 -4.52 1.04
C ARG B 137 -36.56 -4.06 -0.12
N VAL B 138 -36.53 -4.81 -1.21
CA VAL B 138 -37.48 -4.66 -2.31
C VAL B 138 -38.61 -5.65 -2.06
N ARG B 139 -39.77 -5.14 -1.64
CA ARG B 139 -40.98 -5.92 -1.43
C ARG B 139 -40.89 -6.80 -0.19
N PRO B 140 -41.93 -6.82 0.64
CA PRO B 140 -41.93 -7.73 1.80
C PRO B 140 -42.51 -9.12 1.57
N ASP B 141 -42.68 -9.54 0.32
CA ASP B 141 -43.03 -10.92 0.01
C ASP B 141 -41.90 -11.65 -0.70
N ALA B 142 -40.75 -11.01 -0.90
CA ALA B 142 -39.66 -11.53 -1.71
C ALA B 142 -38.36 -11.48 -0.93
N PRO B 143 -37.38 -12.32 -1.30
CA PRO B 143 -36.08 -12.32 -0.60
C PRO B 143 -35.01 -11.48 -1.29
N VAL B 144 -35.38 -10.32 -1.80
CA VAL B 144 -34.48 -9.45 -2.56
C VAL B 144 -34.16 -8.22 -1.72
N TYR B 145 -32.87 -7.85 -1.68
CA TYR B 145 -32.38 -6.74 -0.86
C TYR B 145 -31.30 -6.00 -1.63
N TYR B 146 -30.96 -4.79 -1.18
CA TYR B 146 -29.93 -4.00 -1.85
C TYR B 146 -29.27 -3.05 -0.86
N ARG B 147 -28.00 -2.74 -1.12
CA ARG B 147 -27.26 -1.81 -0.27
C ARG B 147 -26.17 -1.11 -1.08
N TYR B 148 -25.57 -0.09 -0.48
CA TYR B 148 -24.41 0.59 -1.03
C TYR B 148 -23.18 0.14 -0.25
N GLY B 149 -22.16 -0.32 -0.97
CA GLY B 149 -20.97 -0.81 -0.36
C GLY B 149 -19.82 -0.89 -1.35
N PRO B 150 -18.64 -1.23 -0.88
CA PRO B 150 -17.52 -1.44 -1.80
C PRO B 150 -17.74 -2.70 -2.62
N PHE B 151 -17.22 -2.68 -3.85
CA PHE B 151 -17.16 -3.88 -4.66
C PHE B 151 -15.77 -4.49 -4.70
N HIS B 152 -14.74 -3.70 -4.42
CA HIS B 152 -13.38 -4.21 -4.25
C HIS B 152 -12.85 -3.82 -2.87
N PRO B 153 -12.16 -4.73 -2.18
CA PRO B 153 -11.52 -4.37 -0.91
C PRO B 153 -10.59 -3.17 -0.96
N CYS B 154 -11.15 -1.97 -0.77
CA CYS B 154 -10.37 -0.79 -0.40
C CYS B 154 -10.33 -0.70 1.12
N TYR B 155 -9.13 -0.55 1.68
CA TYR B 155 -8.94 -0.49 3.11
C TYR B 155 -8.29 0.82 3.51
N ASP B 156 -8.88 1.49 4.50
CA ASP B 156 -8.27 2.68 5.08
C ASP B 156 -8.00 2.43 6.56
N ILE B 157 -7.13 3.26 7.12
CA ILE B 157 -6.69 3.13 8.50
C ILE B 157 -7.65 3.91 9.40
N ASN B 158 -7.98 3.33 10.55
CA ASN B 158 -8.78 4.00 11.56
C ASN B 158 -7.88 4.39 12.73
N ASP B 159 -8.45 5.19 13.64
CA ASP B 159 -7.66 5.78 14.73
C ASP B 159 -7.01 4.73 15.61
N ASP B 160 -7.49 3.48 15.57
CA ASP B 160 -6.87 2.40 16.32
C ASP B 160 -5.64 1.83 15.63
N GLY B 161 -5.31 2.29 14.43
CA GLY B 161 -4.30 1.66 13.60
C GLY B 161 -4.81 0.51 12.77
N ASP B 162 -6.06 0.10 12.97
CA ASP B 162 -6.64 -1.03 12.25
C ASP B 162 -7.13 -0.59 10.87
N LEU B 163 -7.32 -1.57 9.99
CA LEU B 163 -7.75 -1.32 8.63
C LEU B 163 -9.20 -1.77 8.47
N GLU B 164 -10.02 -0.94 7.83
CA GLU B 164 -11.41 -1.27 7.60
C GLU B 164 -11.79 -0.91 6.17
N LEU B 165 -12.72 -1.70 5.64
CA LEU B 165 -13.28 -1.41 4.32
C LEU B 165 -13.99 -0.06 4.35
N VAL B 166 -13.93 0.64 3.23
CA VAL B 166 -14.49 1.99 3.13
C VAL B 166 -14.87 2.26 1.70
N VAL B 167 -15.85 3.14 1.53
CA VAL B 167 -16.18 3.72 0.23
C VAL B 167 -15.76 5.18 0.26
N THR B 168 -15.65 5.78 -0.93
CA THR B 168 -15.12 7.12 -1.06
C THR B 168 -16.19 8.05 -1.63
N ASP B 169 -16.31 9.23 -1.05
CA ASP B 169 -17.31 10.20 -1.47
C ASP B 169 -16.75 11.09 -2.58
N PRO B 170 -17.60 11.93 -3.17
CA PRO B 170 -17.11 12.83 -4.24
C PRO B 170 -15.95 13.73 -3.84
N GLN B 171 -15.73 13.95 -2.55
CA GLN B 171 -14.55 14.67 -2.08
C GLN B 171 -13.39 13.73 -1.76
N GLY B 172 -13.55 12.44 -2.02
CA GLY B 172 -12.50 11.47 -1.77
C GLY B 172 -12.39 10.98 -0.34
N ASN B 173 -13.34 11.31 0.52
CA ASN B 173 -13.25 10.91 1.93
C ASN B 173 -13.71 9.48 2.11
N THR B 174 -12.96 8.71 2.88
CA THR B 174 -13.33 7.34 3.17
C THR B 174 -14.51 7.29 4.13
N HIS B 175 -15.30 6.22 4.02
CA HIS B 175 -16.44 5.98 4.90
C HIS B 175 -16.60 4.48 5.09
N PRO B 176 -16.48 3.96 6.32
CA PRO B 176 -16.65 2.52 6.51
C PRO B 176 -17.95 1.99 5.94
N GLY B 177 -17.86 1.30 4.81
CA GLY B 177 -18.99 0.57 4.30
C GLY B 177 -19.25 -0.68 5.12
N ALA B 178 -19.64 -0.49 6.37
CA ALA B 178 -19.81 -1.60 7.30
C ALA B 178 -20.96 -2.49 6.84
N ALA B 179 -20.62 -3.69 6.36
CA ALA B 179 -21.66 -4.65 6.00
C ALA B 179 -22.31 -5.24 7.25
N ASP B 180 -21.53 -5.46 8.31
CA ASP B 180 -22.09 -5.99 9.54
C ASP B 180 -23.19 -5.07 10.07
N ASP B 181 -22.87 -3.80 10.26
CA ASP B 181 -23.80 -2.86 10.87
C ASP B 181 -25.07 -2.74 10.04
N SER B 182 -25.98 -1.86 10.45
CA SER B 182 -27.27 -1.74 9.78
C SER B 182 -27.08 -1.18 8.38
N PHE B 183 -28.20 -0.98 7.69
CA PHE B 183 -28.11 -0.37 6.37
C PHE B 183 -27.55 1.04 6.48
N TRP B 184 -26.86 1.46 5.43
CA TRP B 184 -26.17 2.75 5.42
C TRP B 184 -26.48 3.52 4.14
N GLN B 185 -26.91 4.78 4.31
CA GLN B 185 -27.25 5.64 3.19
C GLN B 185 -26.09 6.58 2.89
N PRO B 186 -25.47 6.51 1.71
CA PRO B 186 -24.48 7.54 1.36
C PRO B 186 -25.16 8.87 1.05
N HIS B 187 -24.54 9.94 1.54
CA HIS B 187 -25.11 11.27 1.30
C HIS B 187 -24.98 11.70 -0.15
N TRP B 188 -24.14 11.04 -0.95
CA TRP B 188 -23.84 11.49 -2.30
C TRP B 188 -24.51 10.68 -3.39
N SER B 189 -25.13 9.54 -3.09
CA SER B 189 -25.83 8.79 -4.12
C SER B 189 -27.26 8.49 -3.70
N PRO B 190 -28.20 8.53 -4.65
CA PRO B 190 -29.61 8.30 -4.29
C PRO B 190 -29.99 6.82 -4.32
N ASP B 191 -30.82 6.45 -3.35
CA ASP B 191 -31.44 5.13 -3.32
C ASP B 191 -32.03 4.84 -4.70
N PRO B 192 -31.50 3.87 -5.44
CA PRO B 192 -31.96 3.68 -6.83
C PRO B 192 -33.46 3.44 -6.94
N LEU B 193 -34.11 2.89 -5.92
CA LEU B 193 -35.54 2.60 -6.00
C LEU B 193 -36.39 3.79 -5.54
N THR B 194 -36.19 4.25 -4.30
CA THR B 194 -36.92 5.42 -3.86
C THR B 194 -36.66 6.59 -4.80
N GLY B 195 -35.40 6.98 -4.93
CA GLY B 195 -35.04 8.16 -5.69
C GLY B 195 -34.73 9.37 -4.85
N ALA B 196 -34.44 9.19 -3.57
CA ALA B 196 -34.16 10.25 -2.63
C ALA B 196 -32.93 9.86 -1.82
N THR B 197 -32.39 10.81 -1.06
CA THR B 197 -31.18 10.59 -0.28
C THR B 197 -31.38 11.10 1.14
N PRO B 198 -32.16 10.37 1.96
CA PRO B 198 -32.30 10.73 3.37
C PRO B 198 -31.52 9.80 4.30
N HIS B 199 -30.83 10.34 5.28
CA HIS B 199 -30.02 9.54 6.20
C HIS B 199 -30.88 8.99 7.32
N PRO B 200 -30.34 8.09 8.13
CA PRO B 200 -31.08 7.57 9.30
C PRO B 200 -30.64 8.15 10.64
N ALA B 201 -29.67 9.08 10.65
CA ALA B 201 -29.27 9.78 11.87
C ALA B 201 -30.32 10.76 12.35
N PRO B 202 -31.45 10.84 11.63
CA PRO B 202 -32.58 11.64 12.05
C PRO B 202 -32.99 11.35 13.48
N SER B 203 -33.37 10.10 13.74
CA SER B 203 -34.03 9.73 14.98
C SER B 203 -33.20 8.73 15.77
N ASP B 204 -31.97 9.12 16.11
CA ASP B 204 -31.17 8.40 17.08
C ASP B 204 -31.31 9.02 18.47
N GLY B 205 -32.12 10.06 18.62
CA GLY B 205 -32.31 10.71 19.91
C GLY B 205 -33.18 9.89 20.84
N PRO B 206 -34.13 9.13 20.29
CA PRO B 206 -35.16 8.49 21.07
C PRO B 206 -34.62 7.83 22.33
N ALA B 207 -35.30 8.07 23.45
CA ALA B 207 -34.98 7.34 24.68
C ALA B 207 -35.43 5.90 24.56
N ALA B 208 -36.59 5.66 23.97
CA ALA B 208 -36.97 4.34 23.49
C ALA B 208 -38.05 4.53 22.42
N PRO B 209 -38.28 3.46 21.65
CA PRO B 209 -39.33 3.46 20.64
C PRO B 209 -40.17 2.19 20.80
N VAL B 210 -39.49 1.04 20.77
CA VAL B 210 -40.11 -0.24 21.13
C VAL B 210 -41.43 -0.47 20.42
N LEU B 211 -42.51 -0.69 21.18
CA LEU B 211 -43.83 -1.02 20.63
C LEU B 211 -43.79 -2.35 19.89
N LEU B 212 -43.71 -3.42 20.68
CA LEU B 212 -43.62 -4.76 20.14
C LEU B 212 -44.98 -5.22 19.61
N GLY B 213 -44.98 -6.38 18.95
CA GLY B 213 -46.21 -6.90 18.40
C GLY B 213 -47.27 -7.15 19.45
N GLY B 214 -46.86 -7.58 20.63
CA GLY B 214 -47.75 -7.65 21.76
C GLY B 214 -47.83 -6.37 22.54
N ARG B 215 -47.31 -5.29 22.01
CA ARG B 215 -47.22 -4.04 22.75
C ARG B 215 -46.40 -4.24 24.04
N TYR B 216 -45.09 -4.38 23.83
CA TYR B 216 -44.14 -4.51 24.91
C TYR B 216 -43.04 -3.47 24.70
N ARG B 217 -42.68 -2.74 25.77
CA ARG B 217 -41.74 -1.63 25.66
C ARG B 217 -40.33 -2.10 26.04
N VAL B 218 -39.52 -2.40 25.03
CA VAL B 218 -38.11 -2.69 25.26
C VAL B 218 -37.42 -1.40 25.70
N VAL B 219 -36.54 -1.50 26.70
CA VAL B 219 -35.76 -0.37 27.19
C VAL B 219 -34.28 -0.53 26.86
N ARG B 220 -33.68 -1.65 27.27
CA ARG B 220 -32.28 -1.94 26.95
C ARG B 220 -32.20 -3.37 26.44
N GLY B 221 -31.10 -3.67 25.74
CA GLY B 221 -30.89 -5.00 25.18
C GLY B 221 -29.79 -5.78 25.88
N LEU B 222 -30.12 -6.98 26.38
CA LEU B 222 -29.15 -7.81 27.08
C LEU B 222 -28.44 -8.72 26.07
N THR B 223 -27.57 -8.08 25.28
CA THR B 223 -26.80 -8.68 24.19
C THR B 223 -27.63 -8.84 22.92
N ARG B 224 -26.96 -8.79 21.78
CA ARG B 224 -27.56 -8.91 20.46
C ARG B 224 -26.88 -10.01 19.64
N ASN B 225 -25.96 -10.75 20.25
CA ASN B 225 -25.12 -11.69 19.53
C ASN B 225 -25.90 -12.92 19.10
N GLY B 226 -25.52 -13.48 17.95
CA GLY B 226 -26.09 -14.73 17.48
C GLY B 226 -27.30 -14.54 16.59
N LYS B 227 -28.07 -15.64 16.49
CA LYS B 227 -29.28 -15.66 15.68
C LYS B 227 -30.27 -14.59 16.12
N GLY B 228 -30.46 -14.44 17.43
CA GLY B 228 -31.46 -13.55 17.95
C GLY B 228 -30.91 -12.69 19.07
N CYS B 229 -31.66 -11.62 19.37
CA CYS B 229 -31.32 -10.66 20.40
C CYS B 229 -32.34 -10.75 21.52
N VAL B 230 -31.88 -10.66 22.78
CA VAL B 230 -32.74 -10.72 23.95
C VAL B 230 -32.83 -9.33 24.56
N TYR B 231 -34.05 -8.87 24.81
CA TYR B 231 -34.32 -7.51 25.25
C TYR B 231 -34.97 -7.48 26.62
N ARG B 232 -34.79 -6.34 27.30
CA ARG B 232 -35.46 -6.02 28.55
C ARG B 232 -36.73 -5.25 28.25
N ALA B 233 -37.87 -5.76 28.72
CA ALA B 233 -39.18 -5.19 28.41
C ALA B 233 -39.86 -4.72 29.70
N ILE B 234 -40.61 -3.63 29.58
CA ILE B 234 -41.37 -3.11 30.72
C ILE B 234 -42.74 -3.76 30.81
N ASP B 235 -43.37 -4.02 29.66
CA ASP B 235 -44.74 -4.50 29.59
C ASP B 235 -45.68 -3.32 29.84
N THR B 236 -46.83 -3.30 29.17
CA THR B 236 -47.76 -2.19 29.27
C THR B 236 -49.08 -2.55 29.93
N THR B 237 -49.60 -3.75 29.68
CA THR B 237 -50.78 -4.22 30.41
C THR B 237 -50.46 -4.39 31.89
N ASP B 238 -49.64 -5.39 32.20
CA ASP B 238 -49.24 -5.61 33.59
C ASP B 238 -48.30 -4.53 34.08
N ASN B 239 -47.44 -4.03 33.20
CA ASN B 239 -46.39 -3.06 33.54
C ASN B 239 -45.46 -3.63 34.62
N ARG B 240 -45.30 -4.94 34.61
CA ARG B 240 -44.29 -5.64 35.37
C ARG B 240 -43.17 -6.07 34.44
N PRO B 241 -41.90 -5.99 34.84
CA PRO B 241 -40.81 -6.14 33.86
C PRO B 241 -40.58 -7.60 33.50
N VAL B 242 -40.20 -7.81 32.24
CA VAL B 242 -40.09 -9.14 31.66
C VAL B 242 -38.93 -9.16 30.67
N ILE B 243 -38.50 -10.35 30.28
CA ILE B 243 -37.44 -10.52 29.29
C ILE B 243 -38.05 -11.13 28.03
N ILE B 244 -37.59 -10.66 26.86
CA ILE B 244 -38.13 -11.11 25.58
C ILE B 244 -36.98 -11.62 24.73
N LYS B 245 -37.10 -12.86 24.25
CA LYS B 245 -36.11 -13.43 23.35
C LYS B 245 -36.66 -13.46 21.92
N GLU B 246 -35.82 -13.08 20.97
CA GLU B 246 -36.19 -12.96 19.57
C GLU B 246 -35.63 -14.11 18.76
N ALA B 247 -36.39 -14.50 17.73
CA ALA B 247 -35.97 -15.51 16.76
C ALA B 247 -36.15 -14.94 15.36
N ARG B 248 -35.13 -15.14 14.52
CA ARG B 248 -35.12 -14.67 13.15
C ARG B 248 -35.26 -15.86 12.22
N ALA B 249 -36.09 -15.71 11.18
CA ALA B 249 -36.47 -16.83 10.36
C ALA B 249 -35.27 -17.41 9.61
N HIS B 250 -35.23 -18.74 9.52
CA HIS B 250 -34.27 -19.49 8.73
C HIS B 250 -32.83 -19.20 9.13
N VAL B 251 -32.61 -18.46 10.20
CA VAL B 251 -31.27 -18.26 10.74
C VAL B 251 -30.93 -19.44 11.63
N ASN B 252 -29.75 -20.03 11.41
CA ASN B 252 -29.38 -21.28 12.06
C ASN B 252 -30.37 -22.39 11.68
N GLU B 253 -30.28 -22.78 10.41
CA GLU B 253 -31.03 -23.92 9.91
C GLU B 253 -30.24 -25.19 10.22
N ASP B 254 -30.84 -26.08 11.01
CA ASP B 254 -30.17 -27.34 11.29
C ASP B 254 -30.17 -28.20 10.04
N THR B 255 -29.36 -29.27 10.06
CA THR B 255 -29.37 -30.22 8.96
C THR B 255 -30.73 -30.90 8.80
N LEU B 256 -31.64 -30.71 9.75
CA LEU B 256 -32.99 -31.23 9.67
C LEU B 256 -34.01 -30.14 9.36
N GLY B 257 -33.55 -28.95 8.98
CA GLY B 257 -34.44 -27.85 8.72
C GLY B 257 -34.99 -27.16 9.95
N ARG B 258 -34.25 -27.17 11.04
CA ARG B 258 -34.69 -26.59 12.30
C ARG B 258 -34.16 -25.17 12.44
N ASP B 259 -35.06 -24.25 12.74
CA ASP B 259 -34.83 -22.81 12.71
C ASP B 259 -34.58 -22.27 14.11
N SER B 260 -34.21 -20.98 14.17
CA SER B 260 -34.17 -20.28 15.45
C SER B 260 -35.54 -20.25 16.08
N ARG B 261 -36.57 -20.04 15.27
CA ARG B 261 -37.94 -20.04 15.77
C ARG B 261 -38.30 -21.39 16.36
N LEU B 262 -37.84 -22.47 15.73
CA LEU B 262 -38.09 -23.79 16.27
C LEU B 262 -37.37 -23.99 17.60
N ARG B 263 -36.16 -23.43 17.73
CA ARG B 263 -35.47 -23.46 19.02
C ARG B 263 -36.23 -22.67 20.07
N LEU B 264 -36.78 -21.52 19.70
CA LEU B 264 -37.55 -20.72 20.65
C LEU B 264 -38.80 -21.48 21.10
N ARG B 265 -39.42 -22.22 20.18
CA ARG B 265 -40.56 -23.05 20.57
C ARG B 265 -40.11 -24.23 21.43
N ASN B 266 -38.92 -24.76 21.18
CA ASN B 266 -38.33 -25.71 22.12
C ASN B 266 -38.26 -25.11 23.51
N GLU B 267 -37.83 -23.85 23.61
CA GLU B 267 -37.80 -23.16 24.89
C GLU B 267 -39.19 -23.09 25.51
N ARG B 268 -40.18 -22.66 24.71
CA ARG B 268 -41.55 -22.59 25.20
C ARG B 268 -42.00 -23.93 25.77
N TYR B 269 -41.71 -25.02 25.05
CA TYR B 269 -42.16 -26.33 25.49
C TYR B 269 -41.47 -26.75 26.78
N VAL B 270 -40.16 -26.56 26.86
CA VAL B 270 -39.42 -26.92 28.07
C VAL B 270 -39.92 -26.11 29.26
N LEU B 271 -40.14 -24.81 29.05
CA LEU B 271 -40.68 -23.98 30.12
C LEU B 271 -42.07 -24.46 30.55
N HIS B 272 -42.92 -24.79 29.57
CA HIS B 272 -44.23 -25.33 29.93
C HIS B 272 -44.06 -26.52 30.86
N LEU B 273 -43.15 -27.42 30.53
CA LEU B 273 -42.94 -28.59 31.38
C LEU B 273 -42.40 -28.22 32.75
N LEU B 274 -41.75 -27.06 32.89
CA LEU B 274 -41.22 -26.63 34.19
C LEU B 274 -42.09 -25.57 34.86
N ARG B 275 -43.39 -25.57 34.58
CA ARG B 275 -44.26 -24.50 35.05
C ARG B 275 -44.40 -24.46 36.57
N ASP B 276 -44.32 -25.59 37.25
CA ASP B 276 -44.60 -25.58 38.68
C ASP B 276 -43.46 -25.03 39.52
N LEU B 277 -42.26 -24.89 38.96
CA LEU B 277 -41.13 -24.36 39.69
C LEU B 277 -41.06 -22.84 39.53
N ASP B 278 -40.76 -22.15 40.63
CA ASP B 278 -40.63 -20.70 40.61
C ASP B 278 -39.23 -20.25 40.23
N ASP B 279 -38.30 -21.18 40.02
CA ASP B 279 -36.95 -20.87 39.60
C ASP B 279 -36.77 -21.04 38.09
N VAL B 280 -37.85 -20.93 37.32
CA VAL B 280 -37.84 -21.06 35.87
C VAL B 280 -38.68 -19.91 35.32
N PRO B 281 -38.32 -19.32 34.18
CA PRO B 281 -38.90 -18.02 33.80
C PRO B 281 -40.42 -17.99 33.59
N LYS B 282 -41.04 -19.10 33.19
CA LYS B 282 -42.49 -19.12 32.89
C LYS B 282 -42.77 -18.39 31.59
N VAL B 283 -43.74 -18.89 30.80
CA VAL B 283 -43.78 -18.59 29.36
C VAL B 283 -44.46 -17.25 29.06
N ILE B 284 -45.51 -16.91 29.78
CA ILE B 284 -46.16 -15.59 29.71
C ILE B 284 -46.66 -15.17 28.32
N ASP B 285 -45.85 -15.25 27.28
CA ASP B 285 -46.38 -14.89 25.96
C ASP B 285 -45.47 -15.42 24.84
N HIS B 286 -46.08 -15.65 23.67
CA HIS B 286 -45.37 -16.13 22.49
C HIS B 286 -46.08 -15.59 21.26
N PHE B 287 -45.47 -14.64 20.54
CA PHE B 287 -46.14 -13.96 19.44
C PHE B 287 -45.16 -13.74 18.28
N ARG B 288 -45.68 -13.21 17.17
CA ARG B 288 -44.89 -13.03 15.96
C ARG B 288 -45.40 -11.82 15.18
N HIS B 289 -44.63 -11.44 14.16
CA HIS B 289 -45.20 -10.80 12.98
C HIS B 289 -44.16 -10.82 11.87
N GLU B 290 -44.65 -10.73 10.63
CA GLU B 290 -43.81 -10.84 9.42
C GLU B 290 -43.04 -12.14 9.59
N ASP B 291 -41.71 -12.14 9.52
CA ASP B 291 -40.93 -13.34 9.81
C ASP B 291 -39.94 -13.07 10.94
N ARG B 292 -40.41 -12.39 11.98
CA ARG B 292 -39.68 -12.22 13.23
C ARG B 292 -40.58 -12.67 14.38
N GLU B 293 -40.04 -13.53 15.26
CA GLU B 293 -40.82 -14.12 16.35
C GLU B 293 -40.24 -13.69 17.70
N TYR B 294 -41.10 -13.65 18.71
CA TYR B 294 -40.72 -13.16 20.03
C TYR B 294 -41.41 -13.96 21.12
N LEU B 295 -40.67 -14.27 22.19
CA LEU B 295 -41.20 -15.02 23.33
C LEU B 295 -40.90 -14.25 24.61
N ALA B 296 -41.94 -14.00 25.42
CA ALA B 296 -41.90 -13.12 26.57
C ALA B 296 -42.08 -13.91 27.85
N ILE B 297 -41.10 -13.81 28.76
CA ILE B 297 -41.11 -14.56 30.00
C ILE B 297 -40.89 -13.61 31.17
N THR B 298 -41.35 -14.04 32.35
CA THR B 298 -41.19 -13.21 33.55
C THR B 298 -39.72 -12.94 33.80
N ASP B 299 -39.40 -11.70 34.15
CA ASP B 299 -38.04 -11.36 34.54
C ASP B 299 -37.79 -11.84 35.96
N LEU B 300 -36.74 -12.64 36.13
CA LEU B 300 -36.41 -13.22 37.42
C LEU B 300 -35.54 -12.28 38.26
N GLY B 301 -34.56 -11.65 37.63
CA GLY B 301 -33.77 -10.62 38.28
C GLY B 301 -32.77 -10.07 37.29
N ALA B 302 -31.99 -9.10 37.75
CA ALA B 302 -30.86 -8.60 36.98
C ALA B 302 -29.57 -9.15 37.55
N LEU B 303 -28.51 -9.13 36.71
CA LEU B 303 -27.19 -9.67 37.03
C LEU B 303 -27.21 -11.19 37.06
N ALA B 304 -26.45 -11.81 36.16
CA ALA B 304 -26.31 -13.25 36.07
C ALA B 304 -25.21 -13.73 37.01
N LEU B 305 -24.96 -15.04 37.07
CA LEU B 305 -23.89 -15.52 37.93
C LEU B 305 -22.54 -14.96 37.47
N GLY B 306 -22.30 -14.94 36.16
CA GLY B 306 -21.05 -14.41 35.65
C GLY B 306 -20.83 -13.00 36.14
N GLN B 307 -21.80 -12.14 35.83
CA GLN B 307 -21.77 -10.77 36.33
C GLN B 307 -21.69 -10.75 37.85
N ASP B 308 -22.37 -11.66 38.52
CA ASP B 308 -22.36 -11.65 39.98
C ASP B 308 -20.94 -11.80 40.51
N VAL B 309 -20.20 -12.78 39.99
CA VAL B 309 -18.81 -12.92 40.42
C VAL B 309 -17.98 -11.74 39.94
N ALA B 310 -18.43 -11.03 38.91
CA ALA B 310 -17.76 -9.80 38.49
C ALA B 310 -17.95 -8.65 39.50
N GLU B 311 -19.17 -8.10 39.58
CA GLU B 311 -19.40 -6.91 40.38
C GLU B 311 -19.38 -7.20 41.88
N ASN B 312 -19.69 -8.42 42.28
CA ASN B 312 -19.42 -8.89 43.63
C ASN B 312 -18.16 -9.77 43.58
N GLY B 313 -18.01 -10.68 44.54
CA GLY B 313 -16.81 -11.47 44.66
C GLY B 313 -16.97 -12.93 44.26
N LEU B 314 -15.95 -13.71 44.59
CA LEU B 314 -15.90 -15.14 44.34
C LEU B 314 -16.68 -15.91 45.41
N TYR B 315 -16.95 -17.19 45.14
CA TYR B 315 -17.56 -18.09 46.11
C TYR B 315 -16.47 -18.94 46.74
N VAL B 316 -16.40 -18.93 48.08
CA VAL B 316 -15.29 -19.55 48.80
C VAL B 316 -15.80 -20.58 49.81
N ALA B 317 -14.86 -21.09 50.63
CA ALA B 317 -15.19 -22.05 51.67
C ALA B 317 -16.33 -21.53 52.54
N ASP B 318 -17.06 -22.46 53.16
CA ASP B 318 -18.32 -22.10 53.80
C ASP B 318 -18.22 -20.99 54.83
N PRO B 319 -17.17 -20.91 55.67
CA PRO B 319 -17.15 -19.75 56.59
C PRO B 319 -16.62 -18.49 55.91
N ALA B 320 -17.48 -17.90 55.07
CA ALA B 320 -17.11 -16.77 54.23
C ALA B 320 -18.26 -15.78 54.18
N PRO B 321 -18.13 -14.67 53.45
CA PRO B 321 -19.15 -13.61 53.48
C PRO B 321 -20.54 -14.16 53.23
N PRO B 322 -21.58 -13.45 53.68
CA PRO B 322 -22.94 -14.04 53.65
C PRO B 322 -23.38 -14.54 52.28
N GLY B 323 -23.22 -13.72 51.24
CA GLY B 323 -23.57 -14.19 49.91
C GLY B 323 -22.68 -15.31 49.44
N ARG B 324 -21.42 -15.28 49.84
CA ARG B 324 -20.37 -16.16 49.32
C ARG B 324 -20.33 -17.47 50.11
N SER B 325 -20.92 -18.52 49.54
CA SER B 325 -20.70 -19.87 50.08
C SER B 325 -20.74 -20.85 48.90
N LEU B 326 -19.56 -21.32 48.48
CA LEU B 326 -19.48 -22.20 47.32
C LEU B 326 -20.33 -23.45 47.52
N ARG B 327 -20.33 -24.02 48.74
CA ARG B 327 -21.14 -25.21 48.98
C ARG B 327 -22.62 -24.89 48.91
N ALA B 328 -23.00 -23.70 49.39
CA ALA B 328 -24.40 -23.28 49.27
C ALA B 328 -24.82 -23.17 47.81
N LEU B 329 -24.01 -22.48 47.00
CA LEU B 329 -24.32 -22.34 45.57
C LEU B 329 -24.40 -23.71 44.89
N ALA B 330 -23.40 -24.55 45.14
CA ALA B 330 -23.37 -25.88 44.56
C ALA B 330 -24.64 -26.65 44.89
N THR B 331 -25.00 -26.72 46.17
CA THR B 331 -26.16 -27.51 46.57
C THR B 331 -27.46 -26.93 46.03
N ALA B 332 -27.59 -25.60 46.04
CA ALA B 332 -28.80 -24.99 45.51
C ALA B 332 -28.97 -25.30 44.03
N LEU B 333 -27.88 -25.11 43.27
CA LEU B 333 -27.88 -25.49 41.87
C LEU B 333 -28.30 -26.95 41.70
N LEU B 334 -27.77 -27.84 42.55
CA LEU B 334 -28.03 -29.26 42.33
C LEU B 334 -29.47 -29.62 42.69
N GLU B 335 -30.05 -28.99 43.70
CA GLU B 335 -31.45 -29.25 44.01
C GLU B 335 -32.35 -28.79 42.87
N LEU B 336 -32.12 -27.58 42.36
CA LEU B 336 -32.91 -27.12 41.21
C LEU B 336 -32.71 -28.05 40.02
N LEU B 337 -31.45 -28.46 39.77
CA LEU B 337 -31.16 -29.33 38.64
C LEU B 337 -31.86 -30.67 38.77
N ASP B 338 -31.88 -31.24 39.96
CA ASP B 338 -32.55 -32.52 40.17
C ASP B 338 -34.06 -32.39 40.00
N HIS B 339 -34.64 -31.29 40.48
CA HIS B 339 -36.03 -31.02 40.19
C HIS B 339 -36.27 -31.06 38.67
N VAL B 340 -35.40 -30.40 37.91
CA VAL B 340 -35.55 -30.38 36.47
C VAL B 340 -35.43 -31.79 35.89
N HIS B 341 -34.46 -32.56 36.38
CA HIS B 341 -34.27 -33.92 35.91
C HIS B 341 -35.50 -34.78 36.14
N ARG B 342 -36.17 -34.58 37.29
CA ARG B 342 -37.38 -35.34 37.57
C ARG B 342 -38.37 -35.24 36.43
N ARG B 343 -38.39 -34.11 35.72
CA ARG B 343 -39.23 -33.90 34.57
C ARG B 343 -38.55 -34.28 33.25
N GLY B 344 -37.43 -35.00 33.32
CA GLY B 344 -36.58 -35.17 32.15
C GLY B 344 -35.86 -33.86 31.86
N VAL B 345 -36.16 -33.26 30.71
CA VAL B 345 -35.71 -31.91 30.37
C VAL B 345 -34.26 -31.71 30.82
N LEU B 346 -33.31 -32.08 29.98
CA LEU B 346 -31.91 -31.86 30.31
C LEU B 346 -31.50 -30.45 29.90
N VAL B 347 -30.73 -29.80 30.77
CA VAL B 347 -30.42 -28.38 30.62
C VAL B 347 -29.44 -28.16 29.48
N ARG B 348 -28.32 -28.89 29.48
CA ARG B 348 -27.35 -28.89 28.39
C ARG B 348 -26.53 -27.60 28.34
N ASP B 349 -27.14 -26.45 28.60
CA ASP B 349 -26.38 -25.20 28.61
C ASP B 349 -26.43 -24.58 30.01
N LEU B 350 -25.90 -25.32 30.99
CA LEU B 350 -25.84 -24.86 32.38
C LEU B 350 -24.53 -24.12 32.55
N THR B 351 -24.58 -22.81 32.40
CA THR B 351 -23.40 -21.96 32.39
C THR B 351 -23.66 -20.74 33.26
N PRO B 352 -22.60 -20.11 33.78
CA PRO B 352 -22.81 -18.92 34.63
C PRO B 352 -23.73 -17.89 34.03
N THR B 353 -23.81 -17.82 32.70
CA THR B 353 -24.67 -16.85 32.03
C THR B 353 -26.13 -17.29 32.01
N ASN B 354 -26.42 -18.55 32.37
CA ASN B 354 -27.79 -19.05 32.43
C ASN B 354 -28.27 -19.25 33.86
N VAL B 355 -27.48 -18.81 34.85
CA VAL B 355 -27.89 -18.80 36.24
C VAL B 355 -28.09 -17.34 36.63
N VAL B 356 -29.33 -16.95 36.92
CA VAL B 356 -29.65 -15.59 37.36
C VAL B 356 -29.94 -15.65 38.86
N LEU B 357 -29.36 -14.72 39.60
CA LEU B 357 -29.41 -14.76 41.06
C LEU B 357 -30.58 -13.96 41.58
N ASP B 358 -31.09 -14.40 42.74
CA ASP B 358 -32.25 -13.80 43.37
C ASP B 358 -31.79 -13.00 44.60
N ASP B 359 -32.62 -12.02 44.96
CA ASP B 359 -32.35 -11.25 46.17
C ASP B 359 -32.45 -12.10 47.43
N ALA B 360 -33.10 -13.26 47.34
CA ALA B 360 -33.23 -14.16 48.47
C ALA B 360 -31.95 -14.97 48.66
N THR B 361 -31.91 -15.75 49.75
CA THR B 361 -30.79 -16.67 49.94
C THR B 361 -30.84 -17.81 48.94
N GLY B 362 -32.04 -18.21 48.52
CA GLY B 362 -32.19 -19.15 47.43
C GLY B 362 -32.04 -18.46 46.10
N ARG B 363 -30.79 -18.14 45.73
CA ARG B 363 -30.52 -17.30 44.57
C ARG B 363 -30.64 -18.04 43.25
N PRO B 364 -30.01 -19.22 43.09
CA PRO B 364 -29.82 -19.78 41.75
C PRO B 364 -31.12 -20.03 41.01
N ARG B 365 -31.15 -19.61 39.74
CA ARG B 365 -32.29 -19.82 38.85
C ARG B 365 -31.78 -19.92 37.42
N LEU B 366 -32.42 -20.79 36.63
CA LEU B 366 -32.04 -21.04 35.24
C LEU B 366 -33.02 -20.37 34.29
N VAL B 367 -32.50 -19.86 33.17
CA VAL B 367 -33.31 -18.98 32.34
C VAL B 367 -33.24 -19.24 30.84
N ASP B 368 -32.47 -20.24 30.41
CA ASP B 368 -32.39 -20.51 28.98
C ASP B 368 -32.09 -21.98 28.72
N PHE B 369 -33.13 -22.71 28.28
CA PHE B 369 -33.04 -24.12 27.95
C PHE B 369 -33.34 -24.29 26.46
N GLU B 370 -32.72 -23.46 25.63
CA GLU B 370 -33.04 -23.45 24.21
C GLU B 370 -32.73 -24.79 23.55
N ILE B 371 -31.57 -25.37 23.85
CA ILE B 371 -31.14 -26.58 23.19
C ILE B 371 -31.36 -27.74 24.14
N SER B 372 -32.39 -27.65 24.97
CA SER B 372 -32.64 -28.63 25.99
C SER B 372 -33.30 -29.87 25.41
N HIS B 373 -33.28 -30.94 26.21
CA HIS B 373 -33.77 -32.24 25.80
C HIS B 373 -35.26 -32.34 26.09
N ALA B 374 -36.01 -32.81 25.09
CA ALA B 374 -37.43 -33.12 25.28
C ALA B 374 -37.71 -34.46 24.61
N GLU B 375 -37.61 -34.49 23.28
CA GLU B 375 -37.65 -35.71 22.51
C GLU B 375 -36.23 -36.10 22.13
N ASP B 376 -36.10 -37.24 21.47
CA ASP B 376 -34.80 -37.81 21.15
C ASP B 376 -34.04 -37.01 20.09
N PRO B 377 -34.70 -36.38 19.11
CA PRO B 377 -33.93 -35.55 18.16
C PRO B 377 -33.40 -34.28 18.83
N GLN B 378 -32.27 -34.39 19.51
CA GLN B 378 -31.76 -33.29 20.30
C GLN B 378 -31.23 -32.18 19.39
N LEU B 379 -31.15 -30.98 19.96
CA LEU B 379 -30.61 -29.82 19.25
C LEU B 379 -29.12 -29.68 19.52
N TYR B 380 -28.38 -29.39 18.47
CA TYR B 380 -26.94 -29.20 18.58
C TYR B 380 -26.62 -27.78 19.07
N GLY B 381 -25.56 -27.69 19.86
CA GLY B 381 -25.19 -26.44 20.50
C GLY B 381 -24.38 -26.67 21.75
N TRP B 382 -23.32 -25.88 21.92
CA TRP B 382 -22.44 -26.06 23.08
C TRP B 382 -21.73 -24.75 23.34
N THR B 383 -21.45 -24.50 24.61
CA THR B 383 -20.77 -23.28 25.04
C THR B 383 -19.33 -23.63 25.42
N PRO B 384 -18.32 -23.07 24.74
CA PRO B 384 -16.94 -23.52 24.98
C PRO B 384 -16.56 -23.54 26.45
N GLY B 385 -15.82 -24.58 26.83
CA GLY B 385 -15.24 -24.67 28.14
C GLY B 385 -16.16 -25.23 29.21
N TYR B 386 -17.41 -24.77 29.20
CA TYR B 386 -18.38 -25.26 30.18
C TYR B 386 -19.07 -26.53 29.71
N SER B 387 -19.30 -26.67 28.41
CA SER B 387 -19.93 -27.89 27.91
C SER B 387 -18.91 -29.01 27.81
N PRO B 388 -19.36 -30.26 27.94
CA PRO B 388 -18.42 -31.38 27.93
C PRO B 388 -17.98 -31.70 26.52
N PRO B 389 -16.91 -32.49 26.36
CA PRO B 389 -16.47 -32.83 25.00
C PRO B 389 -17.54 -33.57 24.23
N GLU B 390 -18.25 -34.49 24.90
CA GLU B 390 -19.31 -35.24 24.25
C GLU B 390 -20.27 -34.31 23.52
N GLN B 391 -20.66 -33.21 24.18
CA GLN B 391 -21.66 -32.32 23.60
C GLN B 391 -21.15 -31.62 22.36
N GLU B 392 -19.83 -31.35 22.28
CA GLU B 392 -19.25 -30.88 21.03
C GLU B 392 -19.44 -31.91 19.93
N ARG B 393 -19.25 -33.20 20.24
CA ARG B 393 -19.46 -34.26 19.28
C ARG B 393 -20.93 -34.65 19.16
N ASP B 394 -21.82 -34.01 19.92
CA ASP B 394 -23.26 -34.18 19.79
C ASP B 394 -23.70 -35.60 20.15
N GLU B 395 -23.06 -36.19 21.16
CA GLU B 395 -23.57 -37.44 21.72
C GLU B 395 -24.95 -37.19 22.31
N PRO B 396 -25.79 -38.23 22.41
CA PRO B 396 -27.14 -38.03 22.93
C PRO B 396 -27.15 -37.34 24.28
N ALA B 397 -28.23 -36.60 24.54
CA ALA B 397 -28.39 -35.90 25.82
C ALA B 397 -28.15 -36.85 26.98
N THR B 398 -27.40 -36.36 27.97
CA THR B 398 -27.03 -37.17 29.12
C THR B 398 -27.07 -36.34 30.40
N VAL B 399 -27.59 -36.93 31.48
CA VAL B 399 -27.56 -36.27 32.78
C VAL B 399 -26.12 -35.99 33.20
N GLU B 400 -25.20 -36.89 32.85
CA GLU B 400 -23.80 -36.71 33.25
C GLU B 400 -23.15 -35.54 32.52
N ALA B 401 -23.55 -35.28 31.27
CA ALA B 401 -23.08 -34.09 30.58
C ALA B 401 -23.48 -32.84 31.35
N ASP B 402 -24.75 -32.78 31.80
CA ASP B 402 -25.19 -31.67 32.63
C ASP B 402 -24.37 -31.57 33.90
N TYR B 403 -24.01 -32.72 34.48
CA TYR B 403 -23.17 -32.69 35.69
C TYR B 403 -21.81 -32.06 35.38
N TYR B 404 -21.24 -32.37 34.22
CA TYR B 404 -19.99 -31.71 33.81
C TYR B 404 -20.18 -30.19 33.72
N SER B 405 -21.25 -29.77 33.04
CA SER B 405 -21.46 -28.33 32.87
C SER B 405 -21.65 -27.64 34.22
N LEU B 406 -22.33 -28.30 35.15
CA LEU B 406 -22.49 -27.73 36.49
C LEU B 406 -21.14 -27.63 37.21
N GLY B 407 -20.32 -28.68 37.09
CA GLY B 407 -18.99 -28.64 37.66
C GLY B 407 -18.11 -27.56 37.07
N ALA B 408 -18.43 -27.09 35.87
CA ALA B 408 -17.70 -25.96 35.30
C ALA B 408 -18.29 -24.63 35.76
N THR B 409 -19.63 -24.56 35.86
CA THR B 409 -20.27 -23.37 36.40
C THR B 409 -19.71 -23.04 37.77
N LEU B 410 -19.73 -24.01 38.67
CA LEU B 410 -18.74 -24.02 39.74
C LEU B 410 -17.40 -24.28 39.09
N PHE B 411 -16.36 -23.64 39.61
CA PHE B 411 -15.05 -23.48 38.97
C PHE B 411 -14.99 -22.05 38.50
N TYR B 412 -15.91 -21.67 37.61
CA TYR B 412 -16.03 -20.25 37.33
C TYR B 412 -16.36 -19.50 38.60
N ALA B 413 -17.45 -19.91 39.28
CA ALA B 413 -17.84 -19.22 40.50
C ALA B 413 -16.70 -19.11 41.49
N ALA B 414 -15.80 -20.10 41.51
CA ALA B 414 -14.76 -20.20 42.52
C ALA B 414 -13.44 -19.57 42.10
N THR B 415 -13.22 -19.35 40.79
CA THR B 415 -11.98 -18.74 40.31
C THR B 415 -12.21 -17.45 39.54
N GLY B 416 -13.46 -17.11 39.22
CA GLY B 416 -13.76 -15.89 38.52
C GLY B 416 -13.58 -15.95 37.01
N LEU B 417 -12.97 -17.00 36.49
CA LEU B 417 -12.72 -17.17 35.07
C LEU B 417 -13.10 -18.57 34.63
N PRO B 418 -13.29 -18.78 33.33
CA PRO B 418 -13.72 -20.10 32.86
C PRO B 418 -12.52 -20.99 32.57
N PRO B 419 -12.73 -22.30 32.45
CA PRO B 419 -11.60 -23.21 32.18
C PRO B 419 -10.99 -22.89 30.83
N THR B 420 -9.66 -23.00 30.76
CA THR B 420 -8.97 -22.69 29.52
C THR B 420 -9.38 -23.69 28.44
N TRP B 421 -9.82 -23.17 27.31
CA TRP B 421 -10.37 -24.01 26.24
C TRP B 421 -10.05 -23.35 24.92
N MET B 422 -9.23 -24.01 24.11
CA MET B 422 -8.72 -23.45 22.86
C MET B 422 -9.23 -24.27 21.69
N THR B 423 -9.84 -23.60 20.71
CA THR B 423 -10.33 -24.31 19.53
C THR B 423 -9.17 -25.07 18.89
N GLY B 424 -9.36 -26.36 18.69
CA GLY B 424 -8.34 -27.21 18.14
C GLY B 424 -7.42 -27.87 19.15
N ASP B 425 -7.59 -27.59 20.43
CA ASP B 425 -6.67 -28.11 21.45
C ASP B 425 -7.13 -29.48 21.92
N PRO B 426 -6.31 -30.52 21.78
CA PRO B 426 -6.66 -31.81 22.41
C PRO B 426 -6.81 -31.72 23.92
N GLY B 427 -5.95 -30.94 24.57
CA GLY B 427 -5.98 -30.86 26.03
C GLY B 427 -7.27 -30.30 26.59
N ASN B 428 -8.12 -29.73 25.74
CA ASN B 428 -9.31 -28.99 26.14
C ASN B 428 -9.88 -29.35 27.50
N HIS B 429 -10.43 -30.55 27.65
CA HIS B 429 -11.16 -30.93 28.86
C HIS B 429 -10.30 -31.74 29.84
N ASP B 430 -8.98 -31.62 29.74
CA ASP B 430 -8.08 -32.28 30.68
C ASP B 430 -8.38 -31.79 32.09
N PRO B 431 -8.80 -32.66 33.02
CA PRO B 431 -9.25 -32.14 34.32
C PRO B 431 -8.11 -31.67 35.22
N ARG B 432 -6.92 -32.26 35.10
CA ARG B 432 -5.80 -31.81 35.91
C ARG B 432 -5.28 -30.44 35.45
N ARG B 433 -5.40 -30.15 34.16
CA ARG B 433 -5.10 -28.80 33.69
C ARG B 433 -5.97 -27.78 34.42
N ALA B 434 -7.27 -28.07 34.56
CA ALA B 434 -8.12 -27.24 35.40
C ALA B 434 -7.61 -27.21 36.83
N ALA B 435 -7.12 -28.35 37.34
CA ALA B 435 -6.59 -28.37 38.70
C ALA B 435 -5.51 -27.32 38.88
N GLU B 436 -4.68 -27.09 37.87
CA GLU B 436 -3.62 -26.10 38.06
C GLU B 436 -4.21 -24.69 38.24
N VAL B 437 -5.15 -24.31 37.38
CA VAL B 437 -5.79 -23.00 37.51
C VAL B 437 -6.43 -22.84 38.89
N LEU B 438 -7.05 -23.91 39.39
CA LEU B 438 -7.65 -23.95 40.71
C LEU B 438 -6.64 -24.48 41.72
N ALA B 439 -6.28 -23.68 42.71
CA ALA B 439 -5.24 -24.06 43.65
C ALA B 439 -5.78 -24.65 44.93
N GLY B 440 -7.03 -25.12 44.93
CA GLY B 440 -7.68 -25.61 46.13
C GLY B 440 -8.62 -24.63 46.77
N ARG B 441 -8.66 -23.39 46.26
CA ARG B 441 -9.63 -22.42 46.74
C ARG B 441 -11.05 -22.97 46.58
N GLY B 442 -11.89 -22.72 47.58
CA GLY B 442 -13.24 -23.20 47.61
C GLY B 442 -13.37 -24.48 48.43
N GLY B 443 -14.58 -24.71 48.94
CA GLY B 443 -14.84 -25.88 49.76
C GLY B 443 -14.80 -27.19 48.98
N MET B 444 -15.60 -27.33 47.93
CA MET B 444 -15.70 -28.60 47.21
C MET B 444 -14.73 -28.63 46.03
N SER B 445 -13.45 -28.43 46.33
CA SER B 445 -12.44 -28.44 45.28
C SER B 445 -12.40 -29.79 44.57
N GLY B 446 -12.20 -30.86 45.33
CA GLY B 446 -12.21 -32.19 44.74
C GLY B 446 -13.52 -32.51 44.03
N THR B 447 -14.65 -32.03 44.56
CA THR B 447 -15.92 -32.24 43.90
C THR B 447 -15.98 -31.50 42.56
N ILE B 448 -15.50 -30.25 42.53
CA ILE B 448 -15.48 -29.51 41.27
C ILE B 448 -14.64 -30.27 40.24
N LEU B 449 -13.51 -30.82 40.69
CA LEU B 449 -12.67 -31.59 39.75
C LEU B 449 -13.34 -32.90 39.36
N GLY B 450 -14.12 -33.50 40.25
CA GLY B 450 -14.80 -34.74 39.91
C GLY B 450 -15.90 -34.53 38.89
N LEU B 451 -16.62 -33.41 39.01
CA LEU B 451 -17.63 -33.08 38.01
C LEU B 451 -17.02 -32.78 36.65
N LEU B 452 -15.72 -32.48 36.60
CA LEU B 452 -15.03 -32.20 35.35
C LEU B 452 -14.21 -33.38 34.86
N ASP B 453 -14.33 -34.54 35.52
CA ASP B 453 -13.54 -35.71 35.15
C ASP B 453 -13.92 -36.18 33.74
N PRO B 454 -13.06 -36.99 33.11
CA PRO B 454 -13.41 -37.49 31.77
C PRO B 454 -14.47 -38.57 31.81
N ASP B 455 -14.47 -39.39 32.84
CA ASP B 455 -15.43 -40.48 32.98
C ASP B 455 -16.74 -39.95 33.58
N PRO B 456 -17.88 -40.18 32.92
CA PRO B 456 -19.15 -39.74 33.52
C PRO B 456 -19.44 -40.38 34.86
N ALA B 457 -18.90 -41.57 35.13
CA ALA B 457 -19.12 -42.20 36.42
C ALA B 457 -18.59 -41.35 37.56
N ARG B 458 -17.41 -40.74 37.38
CA ARG B 458 -16.86 -39.88 38.43
C ARG B 458 -17.74 -38.66 38.65
N ARG B 459 -18.26 -38.06 37.56
CA ARG B 459 -19.16 -36.93 37.70
C ARG B 459 -20.43 -37.32 38.45
N ARG B 460 -20.98 -38.48 38.11
CA ARG B 460 -22.15 -39.01 38.82
C ARG B 460 -21.86 -39.20 40.29
N ALA B 461 -20.70 -39.79 40.59
CA ALA B 461 -20.31 -40.04 41.98
C ALA B 461 -20.14 -38.75 42.76
N ALA B 462 -19.55 -37.73 42.12
CA ALA B 462 -19.33 -36.46 42.81
C ALA B 462 -20.64 -35.72 43.02
N ALA B 463 -21.55 -35.76 42.03
CA ALA B 463 -22.86 -35.14 42.23
C ALA B 463 -23.61 -35.82 43.36
N ASP B 464 -23.58 -37.16 43.41
CA ASP B 464 -24.19 -37.86 44.53
C ASP B 464 -23.48 -37.53 45.84
N ASP B 465 -22.17 -37.31 45.81
CA ASP B 465 -21.44 -36.91 47.01
C ASP B 465 -21.93 -35.56 47.50
N ILE B 466 -22.08 -34.60 46.60
CA ILE B 466 -22.69 -33.32 46.95
C ILE B 466 -24.03 -33.55 47.63
N ARG B 467 -24.89 -34.28 46.95
CA ARG B 467 -26.25 -34.53 47.44
C ARG B 467 -26.25 -35.24 48.78
N ALA B 468 -25.26 -36.11 49.00
CA ALA B 468 -25.22 -36.96 50.19
C ALA B 468 -24.96 -36.14 51.43
N GLY B 469 -24.29 -35.02 51.29
CA GLY B 469 -23.95 -34.18 52.40
C GLY B 469 -22.71 -33.39 52.08
N ARG B 470 -21.66 -33.62 52.85
CA ARG B 470 -20.47 -32.80 52.75
C ARG B 470 -19.63 -33.22 51.56
N PHE B 471 -18.96 -32.22 51.00
CA PHE B 471 -18.33 -32.27 49.69
C PHE B 471 -16.84 -32.58 49.86
N THR B 472 -16.23 -33.03 48.78
CA THR B 472 -14.81 -33.38 48.82
C THR B 472 -13.97 -32.11 48.70
N ASP B 473 -13.02 -31.95 49.61
CA ASP B 473 -12.14 -30.78 49.67
C ASP B 473 -10.74 -31.23 49.33
N ALA B 474 -10.28 -30.89 48.13
CA ALA B 474 -9.01 -31.42 47.63
C ALA B 474 -7.92 -30.35 47.61
N PRO B 475 -6.71 -30.68 48.06
CA PRO B 475 -5.63 -29.68 48.05
C PRO B 475 -5.02 -29.53 46.66
N PRO B 476 -4.18 -28.50 46.47
CA PRO B 476 -3.63 -28.26 45.14
C PRO B 476 -2.73 -29.38 44.69
N PRO B 477 -2.60 -29.62 43.39
CA PRO B 477 -1.50 -30.44 42.90
C PRO B 477 -0.19 -29.72 43.10
N PRO B 478 0.70 -30.26 43.93
CA PRO B 478 1.82 -29.47 44.42
C PRO B 478 3.00 -29.56 43.46
N PRO B 479 3.73 -28.47 43.25
CA PRO B 479 4.93 -28.56 42.42
C PRO B 479 6.12 -28.96 43.26
N PRO B 480 6.57 -30.21 43.17
CA PRO B 480 7.69 -30.66 44.00
C PRO B 480 9.05 -30.26 43.45
N SER B 481 9.08 -29.52 42.33
CA SER B 481 10.30 -29.26 41.60
C SER B 481 10.48 -27.78 41.33
N ALA B 482 11.75 -27.37 41.23
CA ALA B 482 12.12 -26.02 40.87
C ALA B 482 12.81 -25.98 39.52
N ARG B 483 13.94 -26.69 39.38
CA ARG B 483 14.66 -26.72 38.12
C ARG B 483 13.77 -27.17 36.96
N GLN B 484 12.93 -28.18 37.20
CA GLN B 484 12.04 -28.66 36.15
C GLN B 484 11.06 -27.58 35.70
N ARG B 485 10.67 -26.70 36.63
CA ARG B 485 9.86 -25.54 36.23
C ARG B 485 10.63 -24.67 35.25
N ALA B 486 11.94 -24.53 35.45
CA ALA B 486 12.76 -23.78 34.50
C ALA B 486 12.80 -24.49 33.15
N ARG B 487 12.83 -25.82 33.16
CA ARG B 487 12.68 -26.56 31.91
C ARG B 487 11.37 -26.21 31.22
N ARG B 488 10.27 -26.17 31.98
CA ARG B 488 8.98 -25.81 31.39
C ARG B 488 9.03 -24.41 30.79
N LEU B 489 9.69 -23.48 31.47
CA LEU B 489 9.85 -22.13 30.93
C LEU B 489 10.57 -22.15 29.60
N ALA B 490 11.69 -22.88 29.53
CA ALA B 490 12.41 -23.04 28.27
C ALA B 490 11.49 -23.56 27.17
N ALA B 491 10.71 -24.59 27.49
CA ALA B 491 9.80 -25.16 26.51
C ALA B 491 8.81 -24.11 26.01
N ALA B 492 8.24 -23.34 26.94
CA ALA B 492 7.28 -22.31 26.55
C ALA B 492 7.92 -21.33 25.56
N ILE B 493 9.13 -20.85 25.88
CA ILE B 493 9.73 -19.85 25.01
C ILE B 493 10.04 -20.43 23.64
N ALA B 494 10.65 -21.63 23.60
CA ALA B 494 10.96 -22.27 22.32
C ALA B 494 9.71 -22.42 21.46
N HIS B 495 8.67 -23.04 22.02
CA HIS B 495 7.49 -23.30 21.22
C HIS B 495 6.80 -22.01 20.81
N SER B 496 6.81 -21.00 21.69
CA SER B 496 6.21 -19.72 21.32
C SER B 496 7.00 -19.07 20.19
N LEU B 497 8.32 -19.25 20.16
CA LEU B 497 9.12 -18.73 19.06
C LEU B 497 8.68 -19.36 17.73
N THR B 498 8.61 -20.69 17.69
CA THR B 498 8.21 -21.33 16.44
C THR B 498 6.76 -20.96 16.07
N GLU B 499 5.88 -20.92 17.08
CA GLU B 499 4.51 -20.46 16.85
C GLU B 499 4.47 -19.04 16.32
N LEU B 500 5.42 -18.20 16.74
CA LEU B 500 5.53 -16.86 16.18
C LEU B 500 5.86 -16.96 14.70
N SER B 501 6.94 -17.67 14.36
CA SER B 501 7.24 -17.96 12.96
C SER B 501 5.96 -18.23 12.18
N ARG B 502 5.09 -19.06 12.75
CA ARG B 502 3.83 -19.39 12.08
C ARG B 502 2.95 -18.15 11.89
N HIS B 503 2.71 -17.42 12.99
CA HIS B 503 1.87 -16.22 12.89
C HIS B 503 2.44 -15.22 11.89
N ALA B 504 3.77 -15.09 11.87
CA ALA B 504 4.43 -14.17 10.96
C ALA B 504 4.20 -14.58 9.51
N ALA B 505 4.35 -15.87 9.21
CA ALA B 505 4.10 -16.34 7.85
C ALA B 505 2.66 -16.07 7.45
N ASP B 506 1.70 -16.40 8.32
CA ASP B 506 0.31 -16.08 8.02
C ASP B 506 0.12 -14.58 7.80
N LEU B 507 0.89 -13.76 8.51
CA LEU B 507 0.75 -12.31 8.42
C LEU B 507 1.23 -11.80 7.06
N MET B 508 2.47 -12.13 6.69
CA MET B 508 3.05 -11.54 5.49
C MET B 508 2.49 -12.12 4.21
N SER B 509 1.95 -13.35 4.24
CA SER B 509 1.32 -13.93 3.06
C SER B 509 -0.11 -13.45 2.86
N GLY B 510 -0.67 -12.69 3.81
CA GLY B 510 -1.97 -12.09 3.65
C GLY B 510 -3.16 -12.93 4.06
N LYS B 511 -2.94 -14.04 4.77
CA LYS B 511 -4.02 -14.99 5.00
C LYS B 511 -5.17 -14.36 5.78
N ASP B 512 -4.88 -13.49 6.74
CA ASP B 512 -5.91 -12.93 7.61
C ASP B 512 -6.39 -11.55 7.17
N PHE B 513 -6.02 -11.11 5.97
CA PHE B 513 -6.45 -9.78 5.53
C PHE B 513 -7.92 -9.74 5.12
N THR B 514 -8.57 -10.88 4.93
CA THR B 514 -10.00 -10.87 4.64
C THR B 514 -10.77 -10.31 5.83
N GLY B 515 -11.88 -9.65 5.52
CA GLY B 515 -12.74 -9.09 6.55
C GLY B 515 -13.05 -7.62 6.38
N GLY B 516 -14.21 -7.20 6.88
CA GLY B 516 -14.56 -5.80 6.98
C GLY B 516 -13.76 -5.01 7.98
N LEU B 517 -12.87 -5.66 8.72
CA LEU B 517 -11.89 -5.00 9.55
C LEU B 517 -10.67 -5.90 9.65
N VAL B 518 -9.49 -5.33 9.48
CA VAL B 518 -8.23 -6.06 9.55
C VAL B 518 -7.40 -5.42 10.65
N GLY B 519 -6.85 -6.26 11.54
CA GLY B 519 -5.92 -5.75 12.52
C GLY B 519 -4.68 -5.18 11.84
N SER B 520 -4.13 -4.11 12.43
CA SER B 520 -2.94 -3.50 11.88
C SER B 520 -1.88 -4.58 11.63
N PRO B 521 -1.48 -4.82 10.38
CA PRO B 521 -0.43 -5.81 10.12
C PRO B 521 0.98 -5.33 10.42
N ILE B 522 1.17 -4.08 10.85
CA ILE B 522 2.49 -3.47 10.94
C ILE B 522 2.83 -3.04 12.37
N ASN B 523 1.90 -2.35 13.04
CA ASN B 523 2.28 -1.58 14.21
C ASN B 523 2.65 -2.48 15.39
N LEU B 524 3.10 -1.84 16.46
CA LEU B 524 3.56 -2.57 17.65
C LEU B 524 2.43 -3.36 18.29
N TYR B 525 1.31 -2.69 18.56
CA TYR B 525 0.25 -3.26 19.37
C TYR B 525 -0.13 -4.67 18.92
N ARG B 526 -0.16 -4.92 17.60
CA ARG B 526 -0.69 -6.18 17.13
C ARG B 526 -0.05 -6.67 15.83
N GLY B 527 0.51 -5.74 15.04
CA GLY B 527 1.09 -6.07 13.77
C GLY B 527 2.53 -6.53 13.87
N ALA B 528 3.29 -6.25 12.81
CA ALA B 528 4.64 -6.81 12.69
C ALA B 528 5.59 -6.22 13.71
N ALA B 529 5.57 -4.89 13.89
CA ALA B 529 6.60 -4.22 14.67
C ALA B 529 6.84 -4.89 16.02
N GLY B 530 5.78 -5.18 16.76
CA GLY B 530 5.96 -5.80 18.07
C GLY B 530 6.54 -7.20 17.98
N MET B 531 5.95 -8.02 17.11
CA MET B 531 6.47 -9.35 16.81
C MET B 531 7.97 -9.30 16.58
N GLY B 532 8.40 -8.46 15.65
CA GLY B 532 9.81 -8.41 15.29
C GLY B 532 10.69 -7.87 16.40
N MET B 533 10.19 -6.88 17.14
CA MET B 533 10.95 -6.39 18.28
C MET B 533 11.24 -7.50 19.25
N GLU B 534 10.23 -8.33 19.55
CA GLU B 534 10.47 -9.44 20.46
C GLU B 534 11.40 -10.47 19.83
N LEU B 535 11.18 -10.80 18.56
CA LEU B 535 12.02 -11.78 17.88
C LEU B 535 13.48 -11.35 17.82
N LEU B 536 13.76 -10.05 17.89
CA LEU B 536 15.14 -9.59 17.81
C LEU B 536 15.97 -10.05 18.99
N ARG B 537 15.37 -10.19 20.17
CA ARG B 537 16.15 -10.48 21.37
C ARG B 537 16.67 -11.91 21.41
N HIS B 538 16.30 -12.76 20.46
CA HIS B 538 16.55 -14.19 20.57
C HIS B 538 17.69 -14.59 19.64
N ASP B 539 17.65 -15.83 19.15
CA ASP B 539 18.74 -16.36 18.33
C ASP B 539 18.45 -16.13 16.84
N GLU B 540 19.40 -16.54 16.01
CA GLU B 540 19.50 -16.04 14.65
C GLU B 540 18.38 -16.47 13.71
N PRO B 541 17.75 -17.64 13.89
CA PRO B 541 16.49 -17.87 13.15
C PRO B 541 15.45 -16.79 13.43
N SER B 542 15.26 -16.44 14.71
CA SER B 542 14.28 -15.43 15.06
C SER B 542 14.74 -14.04 14.63
N ARG B 543 16.04 -13.74 14.75
CA ARG B 543 16.53 -12.46 14.25
C ARG B 543 16.34 -12.35 12.74
N ALA B 544 16.50 -13.46 12.03
CA ALA B 544 16.26 -13.48 10.58
C ALA B 544 14.81 -13.19 10.27
N LEU B 545 13.89 -13.87 10.98
CA LEU B 545 12.48 -13.54 10.78
C LEU B 545 12.21 -12.08 11.09
N ALA B 546 12.90 -11.52 12.10
CA ALA B 546 12.72 -10.12 12.41
C ALA B 546 13.17 -9.24 11.25
N ARG B 547 14.28 -9.59 10.60
CA ARG B 547 14.73 -8.84 9.44
C ARG B 547 13.70 -8.90 8.31
N GLY B 548 13.19 -10.11 8.05
CA GLY B 548 12.14 -10.23 7.05
C GLY B 548 10.95 -9.36 7.38
N LEU B 549 10.49 -9.41 8.63
CA LEU B 549 9.38 -8.59 9.08
C LEU B 549 9.68 -7.11 8.90
N ALA B 550 10.91 -6.70 9.18
CA ALA B 550 11.28 -5.29 9.07
C ALA B 550 11.16 -4.82 7.63
N TYR B 551 11.76 -5.57 6.69
CA TYR B 551 11.66 -5.16 5.29
C TYR B 551 10.21 -5.20 4.81
N TRP B 552 9.46 -6.22 5.23
CA TRP B 552 8.05 -6.30 4.86
C TRP B 552 7.27 -5.09 5.36
N THR B 553 7.55 -4.66 6.59
CA THR B 553 6.88 -3.49 7.15
C THR B 553 7.26 -2.23 6.38
N GLY B 554 8.55 -2.05 6.11
CA GLY B 554 8.97 -0.93 5.30
C GLY B 554 8.23 -0.86 3.98
N GLY B 555 8.01 -2.03 3.36
CA GLY B 555 7.30 -2.06 2.09
C GLY B 555 5.82 -1.77 2.25
N PHE B 556 5.16 -2.48 3.16
CA PHE B 556 3.73 -2.26 3.39
C PHE B 556 3.44 -0.80 3.72
N ARG B 557 4.38 -0.13 4.41
CA ARG B 557 4.10 1.23 4.89
C ARG B 557 4.12 2.25 3.77
N ALA B 558 4.86 1.98 2.69
CA ALA B 558 5.03 2.96 1.63
C ALA B 558 3.72 3.25 0.91
N LEU B 559 3.42 4.54 0.74
CA LEU B 559 2.33 5.03 -0.10
C LEU B 559 0.97 4.47 0.33
N ARG B 560 0.71 4.51 1.64
CA ARG B 560 -0.64 4.33 2.14
C ARG B 560 -0.82 5.18 3.39
N ASN B 561 -2.08 5.34 3.78
CA ASN B 561 -2.41 6.11 4.99
C ASN B 561 -1.65 5.56 6.18
N GLY B 562 -1.39 6.45 7.15
CA GLY B 562 -0.78 6.07 8.41
C GLY B 562 -1.43 6.82 9.56
N ARG B 563 -0.92 6.54 10.76
CA ARG B 563 -1.22 7.28 11.97
C ARG B 563 0.07 7.43 12.75
N PRO B 564 0.27 8.53 13.46
CA PRO B 564 1.59 8.81 14.05
C PRO B 564 1.91 8.00 15.30
N GLY B 565 0.93 7.33 15.89
CA GLY B 565 1.09 6.57 17.12
C GLY B 565 2.43 5.93 17.37
N LEU B 566 2.72 5.68 18.66
CA LEU B 566 3.83 4.83 19.07
C LEU B 566 3.38 3.38 19.13
N TYR B 567 2.21 3.13 19.73
CA TYR B 567 1.64 1.81 19.87
C TYR B 567 0.74 1.46 18.70
N THR B 568 -0.02 2.43 18.21
CA THR B 568 -0.91 2.22 17.07
C THR B 568 -0.26 2.53 15.74
N GLY B 569 0.78 3.36 15.71
CA GLY B 569 1.18 4.02 14.48
C GLY B 569 2.66 3.96 14.21
N ASP B 570 3.13 5.01 13.51
CA ASP B 570 4.40 4.96 12.82
C ASP B 570 5.61 5.09 13.74
N THR B 571 5.48 5.73 14.90
CA THR B 571 6.66 5.93 15.72
C THR B 571 7.21 4.61 16.24
N GLY B 572 6.34 3.71 16.70
CA GLY B 572 6.79 2.38 17.07
C GLY B 572 7.34 1.60 15.89
N ILE B 573 6.70 1.75 14.73
CA ILE B 573 7.19 1.12 13.50
C ILE B 573 8.63 1.55 13.23
N ALA B 574 8.87 2.86 13.26
CA ALA B 574 10.21 3.38 13.03
C ALA B 574 11.18 2.87 14.08
N VAL B 575 10.76 2.88 15.35
CA VAL B 575 11.62 2.34 16.41
C VAL B 575 12.06 0.93 16.05
N PHE B 576 11.10 0.09 15.61
CA PHE B 576 11.43 -1.30 15.31
C PHE B 576 12.36 -1.41 14.11
N ILE B 577 12.03 -0.74 13.00
CA ILE B 577 12.87 -0.84 11.81
C ILE B 577 14.29 -0.36 12.12
N ALA B 578 14.40 0.80 12.76
CA ALA B 578 15.70 1.33 13.15
C ALA B 578 16.46 0.32 14.01
N GLU B 579 15.82 -0.18 15.08
CA GLU B 579 16.52 -1.08 15.99
C GLU B 579 16.95 -2.36 15.29
N ALA B 580 16.11 -2.87 14.38
CA ALA B 580 16.48 -4.08 13.64
C ALA B 580 17.71 -3.82 12.78
N GLY B 581 17.71 -2.71 12.04
CA GLY B 581 18.91 -2.31 11.33
C GLY B 581 20.12 -2.24 12.23
N ALA B 582 19.96 -1.64 13.41
CA ALA B 582 21.09 -1.42 14.31
C ALA B 582 21.67 -2.74 14.79
N THR B 583 20.81 -3.63 15.31
CA THR B 583 21.30 -4.87 15.88
C THR B 583 21.83 -5.82 14.80
N LEU B 584 21.08 -5.96 13.70
CA LEU B 584 21.51 -6.90 12.66
C LEU B 584 22.76 -6.42 11.94
N GLY B 585 23.11 -5.16 12.08
CA GLY B 585 24.20 -4.60 11.29
C GLY B 585 23.79 -4.23 9.90
N ASP B 586 22.52 -3.82 9.73
CA ASP B 586 21.91 -3.64 8.42
C ASP B 586 21.67 -2.16 8.19
N GLU B 587 22.47 -1.57 7.30
CA GLU B 587 22.42 -0.13 7.08
C GLU B 587 21.21 0.29 6.26
N THR B 588 20.73 -0.58 5.35
CA THR B 588 19.59 -0.20 4.53
C THR B 588 18.30 -0.18 5.34
N LEU B 589 18.21 -1.00 6.39
CA LEU B 589 17.08 -0.88 7.32
C LEU B 589 17.10 0.48 8.01
N LEU B 590 18.29 0.96 8.38
CA LEU B 590 18.39 2.30 8.96
C LEU B 590 17.98 3.36 7.95
N LYS B 591 18.36 3.19 6.68
CA LYS B 591 17.92 4.14 5.67
C LYS B 591 16.41 4.07 5.44
N ILE B 592 15.82 2.88 5.58
CA ILE B 592 14.37 2.73 5.44
C ILE B 592 13.65 3.38 6.62
N ALA B 593 14.26 3.35 7.81
CA ALA B 593 13.64 3.94 8.99
C ALA B 593 13.87 5.45 9.05
N GLU B 594 14.98 5.93 8.48
CA GLU B 594 15.38 7.32 8.63
C GLU B 594 14.26 8.31 8.38
N PRO B 595 13.35 8.11 7.43
CA PRO B 595 12.32 9.14 7.15
C PRO B 595 10.94 8.85 7.72
N LEU B 596 10.77 7.83 8.55
CA LEU B 596 9.44 7.30 8.83
C LEU B 596 8.60 8.23 9.70
N ALA B 597 8.82 8.22 11.03
CA ALA B 597 7.88 8.90 11.93
C ALA B 597 8.28 10.37 12.07
N ARG B 598 7.69 11.21 11.24
CA ARG B 598 7.97 12.65 11.23
C ARG B 598 6.66 13.41 10.98
N PRO B 599 5.73 13.32 11.93
CA PRO B 599 4.41 13.95 11.76
C PRO B 599 4.45 15.45 12.01
N VAL B 600 3.37 16.13 11.64
CA VAL B 600 3.19 17.49 12.15
C VAL B 600 2.59 17.39 13.54
N LEU B 601 3.22 18.03 14.50
CA LEU B 601 2.69 18.14 15.85
C LEU B 601 1.75 19.33 15.97
N SER B 602 1.69 20.18 14.92
CA SER B 602 0.68 21.22 14.83
C SER B 602 -0.72 20.65 14.72
N ARG B 603 -0.85 19.42 14.23
CA ARG B 603 -2.11 18.68 14.27
C ARG B 603 -2.03 17.85 15.56
N ILE B 604 -2.37 16.57 15.55
CA ILE B 604 -2.19 15.72 16.73
C ILE B 604 -2.77 16.38 17.98
N THR B 605 -4.06 16.16 18.23
CA THR B 605 -4.72 16.76 19.40
C THR B 605 -4.76 15.81 20.60
N ALA B 606 -3.93 14.77 20.63
CA ALA B 606 -3.94 13.82 21.73
C ALA B 606 -2.61 13.85 22.49
N THR B 607 -2.69 13.58 23.80
CA THR B 607 -1.56 13.55 24.73
C THR B 607 -1.59 12.18 25.37
N ASP B 608 -0.71 11.28 24.94
CA ASP B 608 -0.99 9.86 25.16
C ASP B 608 0.16 8.96 24.74
N GLN B 609 0.54 8.03 25.63
CA GLN B 609 1.55 7.04 25.25
C GLN B 609 1.05 6.15 24.12
N HIS B 610 -0.26 5.94 24.04
CA HIS B 610 -0.82 4.98 23.08
C HIS B 610 -0.85 5.55 21.67
N THR B 611 -1.27 6.81 21.52
CA THR B 611 -1.38 7.38 20.18
C THR B 611 -1.06 8.87 20.15
N GLY B 612 -0.45 9.44 21.18
CA GLY B 612 -0.35 10.89 21.27
C GLY B 612 1.02 11.43 21.61
N LEU B 613 1.08 12.73 21.86
CA LEU B 613 2.35 13.43 22.01
C LEU B 613 3.30 12.72 22.97
N ALA B 614 2.79 12.18 24.06
CA ALA B 614 3.66 11.52 25.03
C ALA B 614 4.35 10.30 24.41
N GLY B 615 3.57 9.44 23.75
CA GLY B 615 4.15 8.25 23.16
C GLY B 615 5.01 8.58 21.96
N ILE B 616 4.57 9.54 21.14
CA ILE B 616 5.42 10.03 20.07
C ILE B 616 6.76 10.47 20.64
N GLY B 617 6.74 11.19 21.76
CA GLY B 617 7.98 11.66 22.34
C GLY B 617 8.88 10.54 22.83
N THR B 618 8.31 9.59 23.58
CA THR B 618 9.11 8.46 24.04
C THR B 618 9.72 7.72 22.85
N GLY B 619 8.93 7.52 21.79
CA GLY B 619 9.44 6.83 20.63
C GLY B 619 10.53 7.60 19.91
N GLN B 620 10.39 8.91 19.82
CA GLN B 620 11.44 9.69 19.17
C GLN B 620 12.71 9.71 20.01
N LEU B 621 12.57 9.66 21.33
CA LEU B 621 13.76 9.54 22.18
C LEU B 621 14.43 8.19 21.99
N LEU B 622 13.64 7.13 21.83
CA LEU B 622 14.21 5.82 21.51
C LEU B 622 14.94 5.86 20.16
N LEU B 623 14.27 6.39 19.14
CA LEU B 623 14.89 6.53 17.83
C LEU B 623 16.20 7.31 17.93
N TRP B 624 16.16 8.46 18.61
CA TRP B 624 17.35 9.26 18.80
C TRP B 624 18.47 8.44 19.43
N ARG B 625 18.23 7.88 20.62
CA ARG B 625 19.25 7.05 21.26
C ARG B 625 19.77 5.96 20.34
N LEU B 626 18.97 5.56 19.34
CA LEU B 626 19.43 4.52 18.42
C LEU B 626 20.26 5.10 17.27
N THR B 627 19.82 6.22 16.70
CA THR B 627 20.34 6.74 15.45
C THR B 627 21.23 7.96 15.64
N LYS B 628 21.20 8.56 16.83
CA LYS B 628 21.90 9.82 17.09
C LYS B 628 21.53 10.84 16.01
N ASP B 629 20.23 10.99 15.79
CA ASP B 629 19.67 11.89 14.79
C ASP B 629 19.02 13.07 15.51
N ALA B 630 19.53 14.28 15.28
CA ALA B 630 19.11 15.42 16.08
C ALA B 630 17.65 15.79 15.82
N GLY B 631 17.13 15.53 14.62
CA GLY B 631 15.72 15.77 14.38
C GLY B 631 14.82 14.94 15.28
N ARG B 632 15.29 13.76 15.68
CA ARG B 632 14.53 12.92 16.60
C ARG B 632 14.42 13.58 17.97
N LEU B 633 15.54 14.07 18.49
CA LEU B 633 15.51 14.82 19.74
C LEU B 633 14.66 16.08 19.59
N GLU B 634 14.72 16.73 18.43
CA GLU B 634 13.90 17.91 18.19
C GLU B 634 12.42 17.57 18.27
N LEU B 635 12.03 16.41 17.74
CA LEU B 635 10.63 15.99 17.80
C LEU B 635 10.22 15.66 19.24
N ALA B 636 11.11 15.03 19.99
CA ALA B 636 10.84 14.83 21.42
C ALA B 636 10.62 16.16 22.13
N ASP B 637 11.49 17.14 21.83
CA ASP B 637 11.34 18.48 22.41
C ASP B 637 10.01 19.11 22.02
N ALA B 638 9.63 18.99 20.75
CA ALA B 638 8.37 19.53 20.30
C ALA B 638 7.21 18.88 21.05
N CYS B 639 7.28 17.56 21.25
CA CYS B 639 6.23 16.87 22.01
C CYS B 639 6.13 17.42 23.42
N ALA B 640 7.28 17.58 24.09
CA ALA B 640 7.24 18.08 25.46
C ALA B 640 6.74 19.51 25.54
N ARG B 641 7.20 20.37 24.64
CA ARG B 641 6.73 21.75 24.61
C ARG B 641 5.22 21.81 24.39
N ARG B 642 4.73 21.02 23.42
CA ARG B 642 3.30 20.97 23.14
C ARG B 642 2.51 20.46 24.34
N LEU B 643 3.07 19.50 25.07
CA LEU B 643 2.43 19.01 26.29
C LEU B 643 2.39 20.09 27.37
N LEU B 644 3.50 20.81 27.53
CA LEU B 644 3.64 21.79 28.59
C LEU B 644 2.76 23.01 28.32
N ALA B 645 2.48 23.31 27.05
CA ALA B 645 1.68 24.50 26.74
C ALA B 645 0.30 24.43 27.36
N ARG B 646 -0.29 23.24 27.43
CA ARG B 646 -1.60 23.03 28.02
C ARG B 646 -1.46 22.79 29.51
N ASP B 647 -2.54 23.02 30.26
CA ASP B 647 -2.56 22.84 31.71
C ASP B 647 -3.62 21.80 32.02
N LEU B 648 -3.27 20.54 31.79
CA LEU B 648 -4.16 19.41 32.06
C LEU B 648 -4.42 19.26 33.56
N THR B 649 -3.38 19.50 34.35
CA THR B 649 -3.44 19.28 35.79
C THR B 649 -4.41 20.23 36.48
N ALA B 650 -4.55 21.47 36.01
CA ALA B 650 -5.53 22.38 36.59
C ALA B 650 -6.95 21.85 36.38
N GLU B 651 -7.21 21.30 35.20
CA GLU B 651 -8.52 20.74 34.91
C GLU B 651 -8.75 19.45 35.69
N LEU B 652 -7.68 18.74 36.04
CA LEU B 652 -7.79 17.60 36.95
C LEU B 652 -8.16 18.05 38.36
N GLN B 653 -7.47 19.09 38.86
CA GLN B 653 -7.74 19.59 40.21
C GLN B 653 -9.05 20.35 40.29
N GLU B 654 -9.58 20.80 39.14
CA GLU B 654 -10.89 21.46 39.11
C GLU B 654 -12.01 20.47 39.40
N ASN B 655 -12.16 19.47 38.53
CA ASN B 655 -13.22 18.47 38.62
C ASN B 655 -12.57 17.10 38.57
N PRO B 656 -12.24 16.51 39.73
CA PRO B 656 -11.43 15.28 39.74
C PRO B 656 -12.24 14.03 39.46
N PRO B 657 -13.21 13.65 40.33
CA PRO B 657 -13.76 12.29 40.23
C PRO B 657 -15.09 12.18 39.50
N ASP B 658 -15.26 12.95 38.42
CA ASP B 658 -16.51 12.96 37.67
C ASP B 658 -16.63 11.73 36.77
N TYR B 659 -17.85 11.20 36.68
CA TYR B 659 -18.14 9.98 35.90
C TYR B 659 -17.31 8.79 36.39
N ALA B 660 -17.25 8.60 37.70
CA ALA B 660 -16.27 7.66 38.28
C ALA B 660 -16.73 6.23 38.11
N ASP B 661 -15.98 5.48 37.32
CA ASP B 661 -16.03 4.03 37.26
C ASP B 661 -14.64 3.61 36.80
N CYS B 662 -14.38 2.31 36.80
CA CYS B 662 -13.02 1.85 36.53
C CYS B 662 -12.52 2.31 35.18
N GLY B 663 -13.29 2.09 34.12
CA GLY B 663 -12.89 2.60 32.82
C GLY B 663 -12.47 4.05 32.88
N ALA B 664 -13.22 4.87 33.62
CA ALA B 664 -12.93 6.29 33.71
C ALA B 664 -11.54 6.53 34.29
N VAL B 665 -11.12 5.69 35.25
CA VAL B 665 -9.78 5.86 35.84
C VAL B 665 -8.73 5.92 34.75
N SER B 666 -8.79 4.98 33.80
CA SER B 666 -7.74 4.85 32.79
C SER B 666 -7.53 6.15 32.04
N ARG B 667 -8.60 6.67 31.43
CA ARG B 667 -8.50 7.86 30.60
C ARG B 667 -7.85 9.03 31.33
N THR B 668 -7.76 8.96 32.66
CA THR B 668 -7.20 10.04 33.46
C THR B 668 -5.81 9.74 33.98
N LEU B 669 -5.66 8.64 34.74
CA LEU B 669 -4.44 8.35 35.48
C LEU B 669 -3.56 7.30 34.80
N GLY B 670 -4.15 6.39 34.04
CA GLY B 670 -3.44 5.21 33.61
C GLY B 670 -2.32 5.50 32.63
N PHE B 671 -1.46 4.48 32.47
CA PHE B 671 -0.29 4.61 31.61
C PHE B 671 -0.69 4.72 30.14
N ALA B 672 -1.66 3.92 29.71
CA ALA B 672 -1.98 3.87 28.28
C ALA B 672 -2.53 5.21 27.79
N HIS B 673 -3.54 5.74 28.48
CA HIS B 673 -4.26 6.90 27.98
C HIS B 673 -4.22 8.13 28.88
N GLY B 674 -3.61 8.03 30.06
CA GLY B 674 -3.69 9.08 31.04
C GLY B 674 -2.32 9.54 31.52
N LEU B 675 -2.28 9.93 32.78
CA LEU B 675 -1.17 10.71 33.30
C LEU B 675 0.08 9.88 33.50
N ALA B 676 -0.05 8.61 33.89
CA ALA B 676 1.14 7.81 34.17
C ALA B 676 2.07 7.76 32.97
N GLY B 677 1.53 7.56 31.77
CA GLY B 677 2.38 7.50 30.58
C GLY B 677 2.97 8.85 30.22
N ILE B 678 2.17 9.91 30.36
CA ILE B 678 2.69 11.27 30.17
C ILE B 678 3.87 11.51 31.10
N VAL B 679 3.74 11.07 32.35
CA VAL B 679 4.80 11.24 33.34
C VAL B 679 6.02 10.43 32.94
N HIS B 680 5.81 9.21 32.44
CA HIS B 680 6.93 8.41 31.96
C HIS B 680 7.70 9.18 30.88
N PHE B 681 6.96 9.75 29.91
CA PHE B 681 7.63 10.50 28.86
C PHE B 681 8.38 11.71 29.42
N LEU B 682 7.73 12.45 30.32
CA LEU B 682 8.36 13.67 30.85
C LEU B 682 9.63 13.33 31.62
N ARG B 683 9.59 12.26 32.41
CA ARG B 683 10.80 11.79 33.06
C ARG B 683 11.88 11.44 32.04
N ASP B 684 11.48 10.82 30.92
CA ASP B 684 12.47 10.47 29.91
C ASP B 684 13.05 11.72 29.26
N HIS B 685 12.22 12.71 28.98
CA HIS B 685 12.71 13.96 28.38
C HIS B 685 13.68 14.67 29.32
N HIS B 686 13.35 14.70 30.61
CA HIS B 686 14.24 15.32 31.58
C HIS B 686 15.54 14.54 31.72
N ALA B 687 15.46 13.21 31.62
CA ALA B 687 16.67 12.40 31.62
C ALA B 687 17.52 12.71 30.40
N ALA B 688 16.89 12.86 29.24
CA ALA B 688 17.62 13.11 28.00
C ALA B 688 18.28 14.48 28.00
N THR B 689 17.55 15.51 28.43
CA THR B 689 18.02 16.88 28.38
C THR B 689 18.33 17.45 29.76
N GLY B 690 17.44 17.26 30.72
CA GLY B 690 17.60 17.87 32.02
C GLY B 690 17.17 19.32 32.08
N GLU B 691 16.13 19.69 31.33
CA GLU B 691 15.61 21.04 31.37
C GLU B 691 14.70 21.23 32.58
N THR B 692 14.68 22.46 33.10
CA THR B 692 13.93 22.74 34.31
C THR B 692 12.43 22.62 34.09
N ALA B 693 11.95 23.09 32.93
CA ALA B 693 10.51 23.12 32.70
C ALA B 693 9.92 21.71 32.75
N THR B 694 10.62 20.74 32.16
CA THR B 694 10.13 19.37 32.20
C THR B 694 10.16 18.82 33.62
N GLU B 695 11.17 19.18 34.41
CA GLU B 695 11.24 18.64 35.77
C GLU B 695 10.12 19.22 36.64
N ALA B 696 9.80 20.51 36.45
CA ALA B 696 8.64 21.08 37.13
C ALA B 696 7.36 20.37 36.72
N ALA B 697 7.18 20.17 35.41
CA ALA B 697 6.00 19.44 34.94
C ALA B 697 5.95 18.04 35.54
N LEU B 698 7.11 17.37 35.60
CA LEU B 698 7.20 16.04 36.17
C LEU B 698 6.75 16.03 37.62
N HIS B 699 7.24 16.99 38.40
CA HIS B 699 6.86 17.06 39.79
C HIS B 699 5.35 17.29 39.93
N LYS B 700 4.79 18.22 39.14
CA LYS B 700 3.36 18.47 39.20
C LYS B 700 2.58 17.20 38.89
N GLY B 701 2.98 16.47 37.84
CA GLY B 701 2.25 15.28 37.44
C GLY B 701 2.39 14.14 38.43
N CYS B 702 3.60 13.91 38.95
CA CYS B 702 3.81 12.87 39.94
C CYS B 702 3.00 13.15 41.20
N ASP B 703 2.95 14.42 41.62
CA ASP B 703 2.12 14.77 42.77
C ASP B 703 0.65 14.57 42.47
N THR B 704 0.21 14.99 41.28
CA THR B 704 -1.18 14.79 40.89
C THR B 704 -1.53 13.31 40.85
N LEU B 705 -0.53 12.46 40.63
CA LEU B 705 -0.71 11.02 40.61
C LEU B 705 -0.83 10.45 42.02
N LEU B 706 0.15 10.76 42.87
CA LEU B 706 0.12 10.29 44.25
C LEU B 706 -1.12 10.83 44.99
N GLU B 707 -1.63 11.98 44.56
CA GLU B 707 -2.84 12.52 45.17
C GLU B 707 -4.03 11.58 44.94
N HIS B 708 -4.21 11.11 43.71
CA HIS B 708 -5.37 10.32 43.35
C HIS B 708 -5.15 8.82 43.45
N LEU B 709 -3.96 8.38 43.84
CA LEU B 709 -3.72 6.94 43.95
C LEU B 709 -4.51 6.25 45.06
N PRO B 710 -4.76 6.89 46.20
CA PRO B 710 -5.41 6.19 47.32
C PRO B 710 -6.79 5.65 46.98
N PRO B 711 -7.66 6.43 46.34
CA PRO B 711 -8.98 5.86 45.97
C PRO B 711 -8.88 4.70 45.00
N LEU B 712 -7.96 4.78 44.03
CA LEU B 712 -7.78 3.69 43.09
C LEU B 712 -7.30 2.43 43.80
N LEU B 713 -6.40 2.58 44.78
CA LEU B 713 -5.99 1.44 45.57
C LEU B 713 -7.13 0.92 46.45
N GLU B 714 -8.00 1.81 46.91
CA GLU B 714 -9.18 1.40 47.67
C GLU B 714 -10.05 0.47 46.82
N ALA B 715 -10.35 0.90 45.60
CA ALA B 715 -11.14 0.05 44.71
C ALA B 715 -10.40 -1.24 44.36
N ALA B 716 -9.08 -1.17 44.22
CA ALA B 716 -8.32 -2.36 43.80
C ALA B 716 -8.17 -3.39 44.92
N ARG B 717 -8.34 -2.99 46.18
CA ARG B 717 -8.33 -3.94 47.29
C ARG B 717 -9.73 -4.41 47.67
N ALA B 718 -10.76 -3.90 47.00
CA ALA B 718 -12.14 -4.07 47.41
C ALA B 718 -12.70 -5.43 47.01
N VAL B 719 -13.98 -5.64 47.34
CA VAL B 719 -14.68 -6.86 46.96
C VAL B 719 -14.84 -6.93 45.44
N SER B 720 -15.30 -5.86 44.82
CA SER B 720 -15.50 -5.86 43.37
C SER B 720 -14.23 -6.29 42.65
N ALA B 721 -13.14 -5.57 42.90
CA ALA B 721 -11.81 -5.96 42.43
C ALA B 721 -11.82 -6.30 40.94
N LYS B 722 -12.23 -5.33 40.14
CA LYS B 722 -12.26 -5.53 38.70
C LYS B 722 -10.83 -5.66 38.16
N PRO B 723 -10.65 -6.39 37.06
CA PRO B 723 -9.27 -6.59 36.54
C PRO B 723 -8.65 -5.32 36.02
N MET B 724 -9.40 -4.49 35.30
CA MET B 724 -8.88 -3.23 34.79
C MET B 724 -8.13 -2.43 35.85
N HIS B 725 -8.41 -2.69 37.14
CA HIS B 725 -7.68 -2.00 38.19
C HIS B 725 -6.21 -2.40 38.23
N ALA B 726 -5.90 -3.65 37.92
CA ALA B 726 -4.53 -4.15 37.98
C ALA B 726 -3.83 -4.18 36.63
N SER B 727 -4.55 -3.90 35.54
CA SER B 727 -3.97 -4.01 34.21
C SER B 727 -2.87 -2.97 34.01
N PHE B 728 -1.95 -3.27 33.10
CA PHE B 728 -0.90 -2.30 32.79
C PHE B 728 -1.45 -1.15 31.96
N CYS B 729 -2.33 -1.44 31.00
CA CYS B 729 -2.79 -0.40 30.10
C CYS B 729 -3.55 0.69 30.85
N GLN B 730 -4.35 0.29 31.84
CA GLN B 730 -5.33 1.19 32.43
C GLN B 730 -5.17 1.42 33.93
N GLY B 731 -4.55 0.50 34.66
CA GLY B 731 -4.58 0.53 36.11
C GLY B 731 -3.20 0.46 36.73
N LEU B 732 -3.10 -0.31 37.80
CA LEU B 732 -2.00 -0.16 38.75
C LEU B 732 -0.66 -0.59 38.19
N ALA B 733 -0.64 -1.58 37.29
CA ALA B 733 0.66 -2.00 36.76
C ALA B 733 1.32 -0.87 35.98
N GLY B 734 0.53 -0.12 35.20
CA GLY B 734 1.10 1.01 34.46
C GLY B 734 1.55 2.13 35.38
N ILE B 735 0.70 2.52 36.32
CA ILE B 735 1.04 3.59 37.26
C ILE B 735 2.29 3.21 38.04
N GLY B 736 2.31 1.99 38.59
CA GLY B 736 3.47 1.52 39.32
C GLY B 736 4.71 1.46 38.46
N ALA B 737 4.57 1.07 37.18
CA ALA B 737 5.73 1.00 36.30
C ALA B 737 6.28 2.38 35.99
N ALA B 738 5.41 3.39 35.90
CA ALA B 738 5.89 4.75 35.73
C ALA B 738 6.61 5.23 36.99
N LEU B 739 6.03 4.95 38.16
CA LEU B 739 6.57 5.55 39.37
C LEU B 739 7.81 4.83 39.87
N ALA B 740 7.96 3.53 39.62
CA ALA B 740 9.25 2.89 39.92
C ALA B 740 10.37 3.68 39.26
N ARG B 741 10.17 4.08 38.00
CA ARG B 741 11.21 4.78 37.25
C ARG B 741 11.36 6.23 37.68
N THR B 742 10.25 6.93 37.98
CA THR B 742 10.38 8.29 38.48
C THR B 742 11.09 8.32 39.82
N GLY B 743 10.66 7.48 40.76
CA GLY B 743 11.30 7.40 42.05
C GLY B 743 12.74 6.94 41.98
N ARG B 744 13.08 6.15 40.95
CA ARG B 744 14.49 5.84 40.71
C ARG B 744 15.24 7.08 40.27
N ASP B 745 14.84 7.65 39.13
CA ASP B 745 15.64 8.70 38.49
C ASP B 745 15.61 10.01 39.26
N LEU B 746 14.53 10.26 40.01
CA LEU B 746 14.41 11.44 40.84
C LEU B 746 14.81 11.19 42.29
N GLY B 747 15.25 9.98 42.62
CA GLY B 747 15.61 9.65 43.98
C GLY B 747 14.52 9.98 44.97
N ALA B 748 13.27 9.86 44.54
CA ALA B 748 12.11 10.09 45.41
C ALA B 748 11.64 8.74 45.91
N ASP B 749 11.84 8.48 47.21
CA ASP B 749 11.47 7.18 47.76
C ASP B 749 9.96 7.02 47.90
N ASP B 750 9.22 8.13 48.10
CA ASP B 750 7.77 8.01 48.18
C ASP B 750 7.18 7.50 46.86
N HIS B 751 7.79 7.87 45.73
CA HIS B 751 7.39 7.30 44.45
C HIS B 751 7.57 5.78 44.46
N LEU B 752 8.78 5.32 44.81
CA LEU B 752 9.04 3.89 44.91
C LEU B 752 8.02 3.22 45.81
N GLN B 753 7.64 3.89 46.90
CA GLN B 753 6.68 3.31 47.83
C GLN B 753 5.31 3.14 47.18
N ALA B 754 4.88 4.15 46.44
CA ALA B 754 3.66 4.03 45.65
C ALA B 754 3.74 2.81 44.73
N ALA B 755 4.89 2.64 44.07
CA ALA B 755 5.07 1.48 43.18
C ALA B 755 4.95 0.17 43.94
N ARG B 756 5.57 0.08 45.11
CA ARG B 756 5.55 -1.16 45.87
C ARG B 756 4.12 -1.52 46.27
N GLU B 757 3.38 -0.55 46.81
CA GLU B 757 1.99 -0.83 47.21
C GLU B 757 1.14 -1.19 45.99
N ALA B 758 1.41 -0.54 44.85
CA ALA B 758 0.68 -0.86 43.63
C ALA B 758 0.93 -2.30 43.21
N ALA B 759 2.21 -2.68 43.12
CA ALA B 759 2.57 -4.06 42.85
C ALA B 759 1.85 -5.02 43.78
N ALA B 760 1.70 -4.65 45.05
CA ALA B 760 1.02 -5.53 46.00
C ALA B 760 -0.44 -5.75 45.59
N ALA B 761 -1.16 -4.65 45.34
CA ALA B 761 -2.54 -4.76 44.86
C ALA B 761 -2.62 -5.64 43.62
N CYS B 762 -1.72 -5.39 42.67
CA CYS B 762 -1.68 -6.22 41.46
C CYS B 762 -1.57 -7.70 41.83
N LEU B 763 -0.54 -8.05 42.62
CA LEU B 763 -0.34 -9.43 43.00
C LEU B 763 -1.61 -10.04 43.60
N GLU B 764 -2.41 -9.23 44.29
CA GLU B 764 -3.66 -9.78 44.81
C GLU B 764 -4.65 -10.07 43.69
N LEU B 765 -4.72 -9.19 42.68
CA LEU B 765 -5.71 -9.45 41.61
C LEU B 765 -5.21 -10.44 40.55
N ALA B 766 -3.91 -10.72 40.49
CA ALA B 766 -3.33 -11.49 39.40
C ALA B 766 -4.19 -12.69 39.02
N PRO B 767 -4.48 -13.60 39.95
CA PRO B 767 -5.16 -14.84 39.55
C PRO B 767 -6.47 -14.62 38.82
N ARG B 768 -7.25 -13.62 39.24
CA ARG B 768 -8.54 -13.35 38.61
C ARG B 768 -8.43 -12.63 37.27
N MET B 769 -7.23 -12.30 36.83
CA MET B 769 -7.07 -11.53 35.61
C MET B 769 -7.48 -12.37 34.39
N TYR B 770 -8.20 -11.73 33.46
CA TYR B 770 -8.83 -12.43 32.35
C TYR B 770 -7.90 -12.63 31.17
N ALA B 771 -6.60 -12.32 31.29
CA ALA B 771 -5.70 -12.46 30.16
C ALA B 771 -4.28 -12.63 30.65
N LEU B 772 -3.46 -13.20 29.76
CA LEU B 772 -2.04 -13.39 29.99
C LEU B 772 -1.20 -12.29 29.32
N THR B 773 -1.84 -11.33 28.66
CA THR B 773 -1.15 -10.43 27.76
C THR B 773 -0.74 -9.13 28.46
N GLN B 774 0.11 -8.37 27.75
CA GLN B 774 0.79 -7.23 28.35
C GLN B 774 -0.15 -6.05 28.60
N CYS B 775 -1.09 -5.81 27.68
CA CYS B 775 -1.94 -4.63 27.82
C CYS B 775 -2.99 -4.83 28.90
N CYS B 776 -3.65 -5.98 28.90
CA CYS B 776 -4.85 -6.20 29.71
C CYS B 776 -4.71 -7.35 30.69
N GLY B 777 -3.51 -7.95 30.82
CA GLY B 777 -3.38 -9.16 31.59
C GLY B 777 -2.10 -9.35 32.38
N LEU B 778 -1.77 -10.62 32.65
CA LEU B 778 -0.73 -10.93 33.63
C LEU B 778 0.65 -10.40 33.24
N ALA B 779 0.92 -10.32 31.93
CA ALA B 779 2.25 -9.96 31.48
C ALA B 779 2.67 -8.62 32.04
N GLY B 780 1.79 -7.62 32.00
CA GLY B 780 2.12 -6.32 32.57
C GLY B 780 2.45 -6.41 34.05
N ILE B 781 1.70 -7.22 34.78
CA ILE B 781 1.92 -7.37 36.22
C ILE B 781 3.32 -7.91 36.48
N GLY B 782 3.64 -9.06 35.89
CA GLY B 782 4.97 -9.62 36.09
C GLY B 782 6.08 -8.70 35.61
N GLU B 783 5.81 -7.94 34.55
CA GLU B 783 6.78 -6.98 34.06
C GLU B 783 7.08 -5.92 35.12
N LEU B 784 6.04 -5.40 35.76
CA LEU B 784 6.24 -4.51 36.90
C LEU B 784 7.05 -5.18 37.99
N PHE B 785 6.77 -6.45 38.27
CA PHE B 785 7.43 -7.12 39.38
C PHE B 785 8.94 -7.17 39.16
N LEU B 786 9.37 -7.56 37.98
CA LEU B 786 10.82 -7.63 37.79
C LEU B 786 11.43 -6.26 37.50
N ASP B 787 10.62 -5.27 37.08
CA ASP B 787 11.06 -3.88 37.19
C ASP B 787 11.53 -3.62 38.62
N LEU B 788 10.64 -3.86 39.58
CA LEU B 788 10.97 -3.58 40.98
C LEU B 788 12.16 -4.41 41.45
N CYS B 789 12.26 -5.66 41.00
CA CYS B 789 13.43 -6.45 41.35
C CYS B 789 14.71 -5.75 40.90
N GLN B 790 14.80 -5.42 39.61
CA GLN B 790 16.01 -4.78 39.10
C GLN B 790 16.28 -3.46 39.82
N ILE B 791 15.24 -2.67 40.08
CA ILE B 791 15.46 -1.33 40.64
C ILE B 791 15.90 -1.40 42.09
N THR B 792 15.43 -2.40 42.83
CA THR B 792 15.54 -2.43 44.29
C THR B 792 16.06 -3.79 44.76
N GLY B 793 17.27 -4.13 44.32
CA GLY B 793 17.83 -5.47 44.48
C GLY B 793 17.15 -6.45 45.41
N ASP B 794 15.81 -6.45 45.44
CA ASP B 794 15.09 -7.15 46.49
C ASP B 794 15.15 -8.65 46.30
N ARG B 795 14.67 -9.13 45.14
CA ARG B 795 14.53 -10.55 44.82
C ARG B 795 13.17 -11.08 45.29
N THR B 796 12.60 -10.49 46.34
CA THR B 796 11.22 -10.86 46.67
C THR B 796 10.30 -10.54 45.50
N TYR B 797 10.59 -9.45 44.78
CA TYR B 797 9.91 -9.20 43.52
C TYR B 797 10.25 -10.24 42.47
N ALA B 798 11.46 -10.79 42.51
CA ALA B 798 11.80 -11.89 41.62
C ALA B 798 10.87 -13.07 41.86
N GLN B 799 10.65 -13.42 43.13
CA GLN B 799 9.69 -14.46 43.46
C GLN B 799 8.29 -14.09 43.00
N TRP B 800 7.91 -12.82 43.16
CA TRP B 800 6.60 -12.38 42.69
C TRP B 800 6.44 -12.64 41.19
N ALA B 801 7.42 -12.21 40.41
CA ALA B 801 7.37 -12.40 38.96
C ALA B 801 7.33 -13.89 38.61
N ASP B 802 8.15 -14.70 39.27
CA ASP B 802 8.14 -16.13 39.00
C ASP B 802 6.76 -16.74 39.28
N ARG B 803 6.11 -16.28 40.36
CA ARG B 803 4.74 -16.72 40.60
C ARG B 803 3.85 -16.39 39.41
N ILE B 804 3.90 -15.13 38.94
CA ILE B 804 3.05 -14.75 37.82
C ILE B 804 3.35 -15.64 36.61
N ALA B 805 4.62 -15.96 36.40
CA ALA B 805 4.99 -16.84 35.30
C ALA B 805 4.30 -18.19 35.43
N ASP B 806 4.33 -18.76 36.64
CA ASP B 806 3.65 -20.04 36.85
C ASP B 806 2.16 -19.94 36.56
N LEU B 807 1.56 -18.80 36.90
CA LEU B 807 0.13 -18.62 36.64
C LEU B 807 -0.15 -18.61 35.14
N ILE B 808 0.62 -17.79 34.40
CA ILE B 808 0.52 -17.80 32.94
C ILE B 808 0.63 -19.22 32.41
N LEU B 809 1.68 -19.94 32.83
CA LEU B 809 1.89 -21.29 32.34
C LEU B 809 0.66 -22.17 32.58
N ALA B 810 0.18 -22.21 33.82
CA ALA B 810 -0.91 -23.11 34.16
C ALA B 810 -2.21 -22.72 33.46
N ARG B 811 -2.34 -21.48 33.00
CA ARG B 811 -3.51 -21.09 32.21
C ARG B 811 -3.27 -21.15 30.71
N ALA B 812 -2.10 -21.63 30.29
CA ALA B 812 -1.82 -21.78 28.87
C ALA B 812 -2.59 -22.96 28.29
N GLY B 813 -2.75 -22.96 26.98
CA GLY B 813 -3.32 -24.08 26.26
C GLY B 813 -2.27 -25.10 25.88
N GLY B 814 -2.72 -26.11 25.14
CA GLY B 814 -1.79 -27.11 24.65
C GLY B 814 -1.08 -27.86 25.76
N SER B 815 -0.10 -28.67 25.33
CA SER B 815 0.63 -29.56 26.21
C SER B 815 1.60 -28.78 27.10
N PRO B 816 2.35 -29.47 27.96
CA PRO B 816 3.33 -28.76 28.80
C PRO B 816 4.59 -28.40 28.04
N GLU B 817 5.05 -29.29 27.15
CA GLU B 817 6.25 -29.04 26.36
C GLU B 817 5.96 -28.28 25.07
N ALA B 818 4.69 -28.07 24.71
CA ALA B 818 4.32 -27.34 23.50
C ALA B 818 3.07 -26.49 23.77
N PRO B 819 3.22 -25.42 24.54
CA PRO B 819 2.06 -24.61 24.93
C PRO B 819 1.74 -23.46 23.98
N VAL B 820 0.45 -23.09 23.96
CA VAL B 820 -0.05 -21.93 23.21
C VAL B 820 -0.89 -21.08 24.15
N PHE B 821 -0.83 -19.75 23.99
CA PHE B 821 -1.46 -18.84 24.94
C PHE B 821 -2.68 -18.15 24.35
N PRO B 822 -3.78 -18.07 25.10
CA PRO B 822 -4.96 -17.36 24.59
C PRO B 822 -4.73 -15.86 24.43
N ASP B 823 -5.36 -15.29 23.41
CA ASP B 823 -5.35 -13.85 23.17
C ASP B 823 -6.69 -13.26 23.62
N THR B 824 -6.96 -12.00 23.26
CA THR B 824 -8.16 -11.30 23.72
C THR B 824 -9.35 -11.85 22.93
N SER B 825 -9.76 -13.05 23.34
CA SER B 825 -10.72 -13.94 22.69
C SER B 825 -10.26 -15.33 23.13
N LEU B 826 -10.90 -15.91 24.15
CA LEU B 826 -10.24 -16.91 24.97
C LEU B 826 -9.78 -18.12 24.16
N HIS B 827 -10.54 -18.51 23.15
CA HIS B 827 -10.23 -19.71 22.38
C HIS B 827 -9.50 -19.36 21.09
N GLY B 828 -8.36 -18.68 21.25
CA GLY B 828 -7.58 -18.27 20.09
C GLY B 828 -6.18 -17.86 20.47
N SER B 829 -5.28 -17.92 19.48
CA SER B 829 -3.86 -17.64 19.66
C SER B 829 -3.43 -16.68 18.56
N SER B 830 -2.55 -15.74 18.90
CA SER B 830 -2.05 -14.82 17.89
C SER B 830 -0.72 -14.23 18.35
N GLY B 831 -0.07 -13.53 17.43
CA GLY B 831 1.26 -12.99 17.63
C GLY B 831 1.34 -11.55 18.09
N GLY B 832 0.21 -10.88 18.25
CA GLY B 832 0.19 -9.51 18.75
C GLY B 832 0.99 -9.33 20.02
N TRP B 833 1.75 -8.25 20.12
CA TRP B 833 2.59 -8.05 21.30
C TRP B 833 1.75 -7.66 22.51
N SER B 834 0.94 -6.60 22.37
CA SER B 834 0.15 -6.12 23.49
C SER B 834 -0.97 -7.09 23.86
N ILE B 835 -1.50 -7.81 22.87
CA ILE B 835 -2.70 -8.61 23.05
C ILE B 835 -2.47 -10.09 22.77
N GLY B 836 -1.23 -10.51 22.49
CA GLY B 836 -0.95 -11.88 22.10
C GLY B 836 0.38 -12.40 22.58
N THR B 837 0.92 -13.35 21.82
CA THR B 837 1.93 -14.27 22.33
C THR B 837 3.31 -13.63 22.46
N SER B 838 3.65 -12.69 21.58
CA SER B 838 4.98 -12.09 21.64
C SER B 838 5.20 -11.35 22.95
N GLY B 839 4.17 -10.66 23.45
CA GLY B 839 4.32 -10.00 24.74
C GLY B 839 4.54 -10.99 25.88
N VAL B 840 3.74 -12.06 25.90
CA VAL B 840 3.96 -13.14 26.86
C VAL B 840 5.42 -13.57 26.81
N VAL B 841 5.96 -13.70 25.59
CA VAL B 841 7.35 -14.11 25.44
C VAL B 841 8.28 -13.07 26.04
N SER B 842 8.03 -11.79 25.77
CA SER B 842 8.86 -10.74 26.33
C SER B 842 8.98 -10.90 27.83
N PHE B 843 7.86 -11.14 28.50
CA PHE B 843 7.91 -11.33 29.94
C PHE B 843 8.70 -12.59 30.30
N LEU B 844 8.30 -13.74 29.76
CA LEU B 844 8.96 -15.00 30.11
C LEU B 844 10.46 -14.94 29.84
N ARG B 845 10.88 -14.09 28.90
CA ARG B 845 12.28 -13.92 28.59
C ARG B 845 12.98 -13.08 29.65
N ARG B 846 12.43 -11.90 29.93
CA ARG B 846 13.02 -11.04 30.95
C ARG B 846 13.10 -11.74 32.31
N LEU B 847 12.25 -12.73 32.54
CA LEU B 847 12.33 -13.51 33.77
C LEU B 847 13.68 -14.22 33.90
N GLY B 848 14.32 -14.54 32.77
CA GLY B 848 15.60 -15.21 32.79
C GLY B 848 16.76 -14.26 32.58
N ASP B 849 16.46 -13.01 32.26
CA ASP B 849 17.47 -11.96 32.09
C ASP B 849 16.99 -10.75 32.88
N PRO B 850 17.20 -10.76 34.20
CA PRO B 850 16.61 -9.69 35.03
C PRO B 850 17.09 -8.30 34.67
N ALA B 851 18.40 -8.13 34.49
CA ALA B 851 18.97 -6.83 34.17
C ALA B 851 18.88 -6.49 32.69
N ALA B 852 17.75 -6.80 32.06
CA ALA B 852 17.48 -6.42 30.68
C ALA B 852 16.27 -5.49 30.64
N PRO B 853 16.23 -4.57 29.67
CA PRO B 853 15.19 -3.54 29.70
C PRO B 853 13.79 -4.06 29.41
N ARG B 854 12.81 -3.36 29.96
CA ARG B 854 11.41 -3.52 29.57
C ARG B 854 11.20 -2.82 28.23
N LEU B 855 10.56 -3.51 27.29
CA LEU B 855 10.44 -2.98 25.94
C LEU B 855 9.59 -1.72 25.92
N TRP B 856 10.06 -0.70 25.19
CA TRP B 856 9.34 0.55 24.99
C TRP B 856 9.30 1.41 26.25
N LEU B 857 9.42 0.78 27.42
CA LEU B 857 9.44 1.53 28.67
C LEU B 857 10.85 1.96 29.05
N ASP B 858 11.85 1.18 28.70
CA ASP B 858 13.24 1.50 29.00
C ASP B 858 14.03 1.73 27.72
N PRO B 859 15.13 2.48 27.80
CA PRO B 859 16.02 2.60 26.64
C PRO B 859 16.79 1.32 26.41
N PRO B 860 17.35 1.12 25.22
CA PRO B 860 18.15 -0.07 24.97
C PRO B 860 19.61 0.14 25.33
N ALA B 861 20.29 -0.97 25.59
CA ALA B 861 21.74 -0.95 25.82
C ALA B 861 22.28 -2.35 25.54
N GLY B 862 23.25 -2.44 24.63
CA GLY B 862 23.87 -3.70 24.29
C GLY B 862 25.26 -3.84 24.88
N THR B 863 26.20 -3.06 24.38
CA THR B 863 27.58 -3.11 24.84
C THR B 863 27.98 -1.80 25.50
N ALA C 10 16.74 50.07 -25.76
CA ALA C 10 15.59 49.11 -25.76
C ALA C 10 14.68 49.40 -26.95
N GLY C 11 15.28 49.44 -28.14
CA GLY C 11 14.55 49.56 -29.38
C GLY C 11 14.07 48.21 -29.89
N ALA C 12 14.41 47.12 -29.20
CA ALA C 12 13.92 45.78 -29.53
C ALA C 12 12.73 45.47 -28.62
N THR C 13 11.56 45.94 -29.02
CA THR C 13 10.32 45.74 -28.27
C THR C 13 9.39 44.81 -29.04
N ASN C 14 8.42 44.25 -28.32
CA ASN C 14 7.67 43.11 -28.83
C ASN C 14 6.74 43.49 -30.00
N LEU C 15 6.21 44.71 -30.01
CA LEU C 15 5.26 45.22 -30.99
C LEU C 15 3.81 44.88 -30.59
N ASP C 16 2.87 45.59 -31.21
CA ASP C 16 1.52 45.70 -30.70
C ASP C 16 0.91 44.36 -30.32
N ALA C 17 0.25 44.33 -29.15
CA ALA C 17 -0.53 43.18 -28.76
C ALA C 17 -1.69 42.98 -29.74
N LEU C 18 -1.97 41.72 -30.06
CA LEU C 18 -3.06 41.35 -30.94
C LEU C 18 -3.93 40.31 -30.25
N ALA C 19 -5.15 40.15 -30.76
CA ALA C 19 -6.07 39.16 -30.22
C ALA C 19 -5.58 37.76 -30.61
N ALA C 20 -5.38 36.90 -29.62
CA ALA C 20 -4.79 35.60 -29.85
C ALA C 20 -5.84 34.51 -29.85
N ILE C 21 -5.73 33.59 -30.82
CA ILE C 21 -6.62 32.45 -30.94
C ILE C 21 -6.04 31.19 -30.33
N LYS C 22 -4.90 31.29 -29.66
CA LYS C 22 -4.19 30.12 -29.17
C LYS C 22 -5.11 29.26 -28.31
N TRP C 23 -5.16 27.96 -28.62
CA TRP C 23 -6.03 27.04 -27.89
C TRP C 23 -5.28 25.81 -27.40
N GLU C 24 -4.72 25.00 -28.31
CA GLU C 24 -4.14 23.72 -27.93
C GLU C 24 -2.88 23.43 -28.73
N ALA C 25 -2.23 22.33 -28.35
CA ALA C 25 -1.01 21.87 -29.00
C ALA C 25 -1.32 21.24 -30.36
N PRO C 26 -0.33 21.30 -31.26
CA PRO C 26 -0.48 20.84 -32.62
C PRO C 26 0.71 19.97 -33.02
N ALA C 27 0.49 19.13 -34.05
CA ALA C 27 1.54 18.30 -34.65
C ALA C 27 2.25 17.37 -33.67
N HIS C 28 3.34 16.72 -34.12
CA HIS C 28 4.12 15.81 -33.27
C HIS C 28 5.55 15.72 -33.81
N GLN C 29 6.33 16.78 -33.60
CA GLN C 29 7.75 16.80 -33.96
C GLN C 29 8.60 17.28 -32.79
N LEU D 18 -42.63 -29.02 17.10
CA LEU D 18 -43.33 -28.00 17.87
C LEU D 18 -44.35 -27.29 16.96
N ALA D 19 -45.21 -26.45 17.53
CA ALA D 19 -46.21 -25.75 16.73
C ALA D 19 -46.70 -24.49 17.46
N ALA D 20 -47.30 -23.59 16.66
CA ALA D 20 -48.03 -22.39 17.08
C ALA D 20 -47.18 -21.12 17.15
N ILE D 21 -47.84 -19.98 16.91
CA ILE D 21 -47.26 -18.64 17.04
C ILE D 21 -48.41 -17.63 16.93
N LYS D 22 -48.26 -16.47 17.55
CA LYS D 22 -49.31 -15.45 17.60
C LYS D 22 -48.90 -14.23 16.77
N TRP D 23 -49.74 -13.85 15.82
CA TRP D 23 -49.44 -12.77 14.88
C TRP D 23 -50.26 -11.53 15.25
N GLU D 24 -49.57 -10.45 15.63
CA GLU D 24 -50.19 -9.16 15.89
C GLU D 24 -49.49 -8.11 15.03
N ALA D 25 -50.27 -7.16 14.51
CA ALA D 25 -49.81 -6.31 13.41
C ALA D 25 -48.42 -5.72 13.67
N PRO D 26 -48.20 -5.16 14.86
CA PRO D 26 -46.89 -4.69 15.31
C PRO D 26 -46.45 -3.39 14.64
N ALA D 27 -45.27 -2.92 15.03
CA ALA D 27 -44.66 -1.71 14.48
C ALA D 27 -43.21 -2.01 14.12
N HIS D 28 -42.65 -1.20 13.23
CA HIS D 28 -41.28 -1.41 12.76
C HIS D 28 -40.31 -0.43 13.39
#